data_8DWQ
#
_entry.id   8DWQ
#
_entity_poly.entity_id   1
_entity_poly.type   'polypeptide(L)'
_entity_poly.pdbx_seq_one_letter_code
;GSHMASMTGGQQMGRMEIFHTSPVEITTINTQGRFGEFLCFAADEYVMTAGDHVTYRIKVDESDIIMAGSIFYHERAADL
SGLVERVMQLTGCDEDTAEELISQRIDVFNLDDIDASDAAELSWEIQAITAKAAKTLGFRGVSMQDEQGTCYMIDMLGHD
AELVRVK
;
_entity_poly.pdbx_strand_id   A
#
# COMPACT_ATOMS: atom_id res chain seq x y z
N GLY A 1 0.43 -31.08 2.15
CA GLY A 1 0.60 -30.11 3.25
C GLY A 1 -0.24 -28.87 3.04
N SER A 2 0.14 -27.78 3.71
CA SER A 2 -0.59 -26.50 3.65
C SER A 2 -2.08 -26.68 3.93
N HIS A 3 -2.90 -25.73 3.47
CA HIS A 3 -4.34 -25.72 3.75
C HIS A 3 -4.58 -25.46 5.23
N MET A 4 -3.51 -25.08 5.92
CA MET A 4 -3.55 -24.86 7.35
C MET A 4 -4.10 -23.48 7.67
N ALA A 5 -3.78 -22.53 6.81
CA ALA A 5 -4.25 -21.16 6.97
C ALA A 5 -5.75 -21.06 6.70
N SER A 6 -6.22 -21.92 5.80
CA SER A 6 -7.64 -21.96 5.47
C SER A 6 -8.44 -22.48 6.67
N MET A 7 -7.80 -23.32 7.48
CA MET A 7 -8.43 -23.84 8.69
C MET A 7 -8.06 -22.96 9.88
N THR A 8 -8.20 -21.67 9.67
CA THR A 8 -7.92 -20.69 10.70
C THR A 8 -9.02 -20.70 11.77
N GLY A 9 -8.70 -20.27 12.98
CA GLY A 9 -9.67 -20.27 14.05
C GLY A 9 -10.00 -18.88 14.55
N GLY A 10 -10.53 -18.04 13.66
CA GLY A 10 -10.92 -16.69 14.05
C GLY A 10 -9.74 -15.85 14.48
N GLN A 11 -8.58 -16.11 13.90
CA GLN A 11 -7.35 -15.44 14.27
C GLN A 11 -7.29 -14.07 13.62
N GLN A 12 -7.84 -13.99 12.43
CA GLN A 12 -7.85 -12.75 11.68
C GLN A 12 -9.00 -11.86 12.16
N MET A 13 -8.64 -10.74 12.75
CA MET A 13 -9.64 -9.87 13.37
C MET A 13 -10.17 -8.84 12.39
N GLY A 14 -11.47 -8.91 12.13
CA GLY A 14 -12.16 -7.94 11.28
C GLY A 14 -11.65 -7.89 9.87
N ARG A 15 -12.34 -8.55 8.96
CA ARG A 15 -11.94 -8.51 7.56
C ARG A 15 -12.69 -7.46 6.78
N MET A 16 -11.96 -6.86 5.85
CA MET A 16 -12.44 -5.80 5.05
C MET A 16 -12.32 -6.19 3.57
N GLU A 17 -13.43 -6.16 2.84
CA GLU A 17 -13.40 -6.48 1.42
C GLU A 17 -12.79 -5.33 0.65
N ILE A 18 -11.64 -5.59 0.04
CA ILE A 18 -10.86 -4.54 -0.58
C ILE A 18 -10.73 -4.72 -2.08
N PHE A 19 -10.57 -3.61 -2.81
CA PHE A 19 -10.49 -3.65 -4.27
C PHE A 19 -9.05 -3.56 -4.75
N HIS A 20 -8.45 -4.70 -5.08
CA HIS A 20 -7.09 -4.74 -5.62
C HIS A 20 -7.12 -4.66 -7.13
N THR A 21 -6.28 -3.82 -7.70
CA THR A 21 -6.31 -3.60 -9.13
C THR A 21 -5.00 -3.98 -9.82
N SER A 22 -5.13 -4.67 -10.94
CA SER A 22 -4.01 -4.99 -11.80
C SER A 22 -4.57 -5.30 -13.18
N PRO A 23 -4.33 -4.42 -14.17
CA PRO A 23 -4.92 -4.60 -15.51
C PRO A 23 -4.49 -5.91 -16.14
N VAL A 24 -5.38 -6.87 -16.13
CA VAL A 24 -5.09 -8.20 -16.63
C VAL A 24 -6.38 -8.99 -16.82
N GLU A 25 -6.26 -10.30 -16.97
CA GLU A 25 -7.33 -11.24 -16.72
C GLU A 25 -6.87 -12.23 -15.66
N ILE A 26 -7.79 -12.65 -14.81
CA ILE A 26 -7.45 -13.48 -13.66
C ILE A 26 -6.78 -14.77 -14.06
N THR A 27 -5.47 -14.82 -13.85
CA THR A 27 -4.66 -15.97 -14.19
C THR A 27 -3.55 -16.15 -13.16
N THR A 28 -2.69 -15.14 -13.06
CA THR A 28 -1.63 -15.13 -12.07
C THR A 28 -1.47 -13.72 -11.51
N ILE A 29 -0.88 -13.61 -10.33
CA ILE A 29 -0.62 -12.31 -9.73
C ILE A 29 0.54 -11.63 -10.46
N ASN A 30 0.24 -10.49 -11.07
CA ASN A 30 1.22 -9.74 -11.86
C ASN A 30 2.39 -9.27 -11.00
N THR A 31 2.13 -8.99 -9.72
CA THR A 31 3.19 -8.64 -8.74
C THR A 31 4.24 -7.70 -9.34
N GLN A 32 3.78 -6.71 -10.09
CA GLN A 32 4.66 -5.86 -10.88
C GLN A 32 4.53 -4.41 -10.43
N GLY A 33 4.08 -4.22 -9.19
CA GLY A 33 3.94 -2.88 -8.62
C GLY A 33 5.23 -2.07 -8.72
N ARG A 34 5.13 -0.78 -8.40
CA ARG A 34 6.24 0.16 -8.59
C ARG A 34 7.51 -0.26 -7.84
N PHE A 35 7.36 -1.10 -6.83
CA PHE A 35 8.52 -1.54 -6.06
C PHE A 35 8.86 -3.01 -6.36
N GLY A 36 8.14 -3.61 -7.32
CA GLY A 36 8.23 -5.05 -7.52
C GLY A 36 7.65 -5.77 -6.32
N GLU A 37 6.94 -4.99 -5.55
CA GLU A 37 6.44 -5.35 -4.24
C GLU A 37 4.92 -5.44 -4.26
N PHE A 38 4.33 -5.59 -3.09
CA PHE A 38 2.94 -5.98 -2.91
C PHE A 38 1.98 -5.06 -3.68
N LEU A 39 0.72 -5.48 -3.72
CA LEU A 39 -0.22 -4.95 -4.68
C LEU A 39 -1.12 -3.91 -4.05
N CYS A 40 -1.61 -3.00 -4.89
CA CYS A 40 -2.40 -1.88 -4.44
C CYS A 40 -3.89 -2.20 -4.47
N PHE A 41 -4.60 -1.66 -3.50
CA PHE A 41 -6.04 -1.71 -3.47
C PHE A 41 -6.56 -0.32 -3.16
N ALA A 42 -7.72 0.02 -3.67
CA ALA A 42 -8.30 1.31 -3.39
C ALA A 42 -9.63 1.15 -2.67
N ALA A 43 -9.98 2.19 -1.93
CA ALA A 43 -11.18 2.17 -1.12
C ALA A 43 -12.36 2.75 -1.87
N ASP A 44 -13.53 2.17 -1.66
CA ASP A 44 -14.78 2.56 -2.35
C ASP A 44 -14.77 2.00 -3.78
N GLU A 45 -15.66 2.50 -4.63
CA GLU A 45 -15.79 1.95 -5.97
C GLU A 45 -14.64 2.44 -6.87
N TYR A 46 -13.88 3.40 -6.37
CA TYR A 46 -12.75 3.95 -7.08
C TYR A 46 -11.55 3.01 -7.02
N VAL A 47 -11.69 1.83 -7.60
CA VAL A 47 -10.63 0.83 -7.58
C VAL A 47 -9.36 1.39 -8.23
N MET A 48 -9.49 1.94 -9.43
CA MET A 48 -8.47 2.78 -9.98
C MET A 48 -9.05 4.18 -10.15
N THR A 49 -9.87 4.32 -11.17
CA THR A 49 -10.86 5.38 -11.25
C THR A 49 -12.21 4.74 -11.49
N ALA A 50 -12.35 4.30 -12.71
CA ALA A 50 -13.47 3.50 -13.17
C ALA A 50 -13.15 2.01 -13.06
N GLY A 51 -14.18 1.18 -13.11
CA GLY A 51 -13.99 -0.25 -13.03
C GLY A 51 -13.89 -0.90 -14.40
N ASP A 52 -12.92 -0.48 -15.19
CA ASP A 52 -12.69 -1.08 -16.51
C ASP A 52 -11.50 -2.03 -16.46
N HIS A 53 -11.06 -2.30 -15.24
CA HIS A 53 -9.89 -3.15 -15.01
C HIS A 53 -10.32 -4.37 -14.22
N VAL A 54 -9.54 -5.44 -14.25
CA VAL A 54 -9.89 -6.62 -13.48
C VAL A 54 -9.45 -6.42 -12.04
N THR A 55 -10.40 -6.01 -11.22
CA THR A 55 -10.19 -5.77 -9.81
C THR A 55 -10.46 -7.05 -9.02
N TYR A 56 -9.76 -7.20 -7.91
CA TYR A 56 -9.94 -8.35 -7.05
C TYR A 56 -10.44 -7.90 -5.68
N ARG A 57 -11.52 -8.51 -5.21
CA ARG A 57 -12.05 -8.22 -3.90
C ARG A 57 -11.60 -9.29 -2.92
N ILE A 58 -10.71 -8.89 -2.05
CA ILE A 58 -10.10 -9.81 -1.09
C ILE A 58 -10.53 -9.45 0.32
N LYS A 59 -10.42 -10.40 1.23
CA LYS A 59 -10.77 -10.15 2.62
C LYS A 59 -9.51 -9.93 3.42
N VAL A 60 -9.47 -8.83 4.15
CA VAL A 60 -8.24 -8.40 4.79
C VAL A 60 -8.51 -7.90 6.18
N ASP A 61 -7.63 -8.18 7.10
CA ASP A 61 -7.78 -7.68 8.46
C ASP A 61 -7.69 -6.17 8.47
N GLU A 62 -8.74 -5.51 8.97
CA GLU A 62 -8.70 -4.08 9.21
C GLU A 62 -7.64 -3.77 10.25
N SER A 63 -7.25 -4.82 10.93
CA SER A 63 -6.25 -4.76 11.98
C SER A 63 -4.84 -4.70 11.38
N ASP A 64 -4.73 -5.05 10.11
CA ASP A 64 -3.42 -5.13 9.43
C ASP A 64 -2.75 -3.76 9.44
N ILE A 65 -3.50 -2.73 9.08
CA ILE A 65 -2.96 -1.37 9.06
C ILE A 65 -2.71 -0.85 10.48
N ILE A 66 -3.41 -1.42 11.45
CA ILE A 66 -3.24 -0.99 12.83
C ILE A 66 -1.93 -1.53 13.40
N MET A 67 -1.69 -2.82 13.19
CA MET A 67 -0.48 -3.46 13.69
C MET A 67 0.74 -3.10 12.84
N ALA A 68 0.50 -2.78 11.57
CA ALA A 68 1.58 -2.32 10.70
C ALA A 68 1.85 -0.84 10.93
N GLY A 69 0.79 -0.08 11.18
CA GLY A 69 0.90 1.35 11.42
C GLY A 69 1.71 1.65 12.67
N SER A 70 1.94 0.63 13.48
CA SER A 70 2.81 0.75 14.64
C SER A 70 4.24 1.14 14.21
N ILE A 71 4.56 0.94 12.93
CA ILE A 71 5.86 1.33 12.41
C ILE A 71 6.09 2.82 12.63
N PHE A 72 5.04 3.61 12.42
CA PHE A 72 5.12 5.07 12.47
C PHE A 72 5.28 5.58 13.89
N TYR A 73 5.44 4.65 14.82
CA TYR A 73 5.69 5.00 16.20
C TYR A 73 7.15 4.78 16.53
N HIS A 74 7.74 3.74 15.94
CA HIS A 74 9.11 3.36 16.31
C HIS A 74 10.15 3.83 15.30
N GLU A 75 9.80 3.93 14.02
CA GLU A 75 10.83 4.09 12.99
C GLU A 75 11.50 5.46 13.09
N ARG A 76 10.71 6.51 13.22
CA ARG A 76 11.23 7.86 13.32
C ARG A 76 12.14 8.00 14.52
N ALA A 77 11.86 7.25 15.57
CA ALA A 77 12.62 7.33 16.80
C ALA A 77 14.08 6.91 16.59
N ALA A 78 14.28 5.63 16.29
CA ALA A 78 15.65 5.10 16.17
C ALA A 78 16.19 5.19 14.75
N ASP A 79 15.33 4.95 13.77
CA ASP A 79 15.75 4.83 12.38
C ASP A 79 15.96 6.19 11.72
N LEU A 80 15.48 7.25 12.38
CA LEU A 80 15.54 8.63 11.84
C LEU A 80 16.82 8.91 11.04
N SER A 81 17.97 8.69 11.65
CA SER A 81 19.25 8.96 11.00
C SER A 81 19.32 8.38 9.59
N GLY A 82 19.05 7.09 9.48
CA GLY A 82 19.06 6.43 8.19
C GLY A 82 17.91 6.88 7.32
N LEU A 83 16.75 7.09 7.93
CA LEU A 83 15.56 7.48 7.20
C LEU A 83 15.74 8.81 6.50
N VAL A 84 16.30 9.79 7.20
CA VAL A 84 16.55 11.12 6.64
C VAL A 84 17.28 11.01 5.31
N GLU A 85 18.44 10.38 5.33
CA GLU A 85 19.25 10.22 4.13
C GLU A 85 18.56 9.35 3.09
N ARG A 86 17.72 8.44 3.57
CA ARG A 86 17.02 7.49 2.71
C ARG A 86 15.99 8.19 1.82
N VAL A 87 14.90 8.66 2.41
CA VAL A 87 13.79 9.20 1.63
C VAL A 87 14.16 10.52 0.95
N MET A 88 15.11 11.25 1.54
CA MET A 88 15.63 12.46 0.90
C MET A 88 16.18 12.12 -0.47
N GLN A 89 16.88 11.00 -0.59
CA GLN A 89 17.46 10.62 -1.86
C GLN A 89 16.52 9.76 -2.69
N LEU A 90 15.49 9.21 -2.04
CA LEU A 90 14.51 8.38 -2.73
C LEU A 90 13.65 9.22 -3.68
N THR A 91 13.00 10.23 -3.14
CA THR A 91 12.09 11.05 -3.94
C THR A 91 12.30 12.54 -3.69
N GLY A 92 13.46 12.90 -3.17
CA GLY A 92 13.80 14.30 -2.98
C GLY A 92 12.86 15.00 -2.00
N CYS A 93 12.54 14.33 -0.91
CA CYS A 93 11.59 14.86 0.04
C CYS A 93 12.30 15.42 1.27
N ASP A 94 11.80 16.55 1.75
CA ASP A 94 12.33 17.19 2.96
C ASP A 94 11.96 16.37 4.19
N GLU A 95 12.86 16.33 5.17
CA GLU A 95 12.73 15.43 6.32
C GLU A 95 11.32 15.44 6.94
N ASP A 96 10.75 16.64 7.10
CA ASP A 96 9.42 16.76 7.69
C ASP A 96 8.42 15.86 6.96
N THR A 97 8.30 16.08 5.66
CA THR A 97 7.45 15.26 4.82
C THR A 97 7.95 13.83 4.80
N ALA A 98 9.26 13.66 4.61
CA ALA A 98 9.92 12.37 4.57
C ALA A 98 9.47 11.44 5.69
N GLU A 99 9.60 11.88 6.95
CA GLU A 99 9.27 11.05 8.11
C GLU A 99 7.85 10.50 8.02
N GLU A 100 6.90 11.39 7.75
CA GLU A 100 5.49 11.02 7.71
C GLU A 100 5.19 10.25 6.44
N LEU A 101 6.01 10.51 5.44
CA LEU A 101 5.91 9.87 4.13
C LEU A 101 6.19 8.38 4.19
N ILE A 102 6.92 7.94 5.22
CA ILE A 102 7.23 6.51 5.39
C ILE A 102 5.94 5.68 5.43
N SER A 103 4.94 6.17 6.14
CA SER A 103 3.66 5.47 6.23
C SER A 103 2.70 5.96 5.13
N GLN A 104 3.24 6.75 4.21
CA GLN A 104 2.49 7.32 3.10
C GLN A 104 1.30 8.13 3.59
N ARG A 105 1.57 9.12 4.41
CA ARG A 105 0.52 9.94 4.99
C ARG A 105 0.24 11.18 4.14
N ILE A 106 0.81 11.23 2.94
CA ILE A 106 0.60 12.35 2.04
C ILE A 106 1.18 12.09 0.65
N ASP A 107 0.30 11.80 -0.29
CA ASP A 107 0.68 11.81 -1.71
C ASP A 107 0.58 13.24 -2.20
N VAL A 108 1.38 13.57 -3.19
CA VAL A 108 1.45 14.92 -3.73
C VAL A 108 0.07 15.38 -4.28
N PHE A 109 -0.87 14.44 -4.31
CA PHE A 109 -2.20 14.70 -4.84
C PHE A 109 -2.95 15.67 -3.93
N ASN A 110 -2.60 15.65 -2.66
CA ASN A 110 -3.19 16.55 -1.67
C ASN A 110 -2.27 17.73 -1.43
N LEU A 111 -1.10 17.68 -2.05
CA LEU A 111 -0.04 18.63 -1.79
C LEU A 111 0.02 19.71 -2.87
N ASP A 112 -0.16 20.96 -2.46
CA ASP A 112 -0.02 22.09 -3.37
C ASP A 112 1.35 22.72 -3.21
N ASP A 113 1.96 22.49 -2.05
CA ASP A 113 3.27 23.04 -1.75
C ASP A 113 4.29 22.58 -2.79
N ILE A 114 4.51 21.27 -2.86
CA ILE A 114 5.43 20.71 -3.84
C ILE A 114 4.73 20.58 -5.19
N ASP A 115 5.46 20.85 -6.27
CA ASP A 115 4.92 20.79 -7.63
C ASP A 115 4.33 19.42 -7.93
N ALA A 116 3.00 19.35 -7.97
CA ALA A 116 2.28 18.09 -8.07
C ALA A 116 2.30 17.52 -9.49
N SER A 117 3.11 18.09 -10.35
CA SER A 117 3.31 17.55 -11.69
C SER A 117 4.46 16.55 -11.67
N ASP A 118 5.67 17.05 -11.43
CA ASP A 118 6.85 16.21 -11.38
C ASP A 118 6.81 15.30 -10.18
N ALA A 119 6.38 15.84 -9.05
CA ALA A 119 6.30 15.07 -7.82
C ALA A 119 5.22 13.99 -7.91
N ALA A 120 4.30 14.15 -8.86
CA ALA A 120 3.25 13.16 -9.07
C ALA A 120 3.85 11.83 -9.52
N GLU A 121 4.75 11.88 -10.51
CA GLU A 121 5.40 10.66 -10.98
C GLU A 121 6.29 10.10 -9.87
N LEU A 122 6.82 10.98 -9.03
CA LEU A 122 7.63 10.57 -7.89
C LEU A 122 6.76 9.95 -6.80
N SER A 123 5.49 10.32 -6.76
CA SER A 123 4.58 9.80 -5.74
C SER A 123 4.29 8.32 -5.98
N TRP A 124 4.38 7.90 -7.23
CA TRP A 124 4.30 6.47 -7.54
C TRP A 124 5.50 5.76 -6.94
N GLU A 125 6.63 6.45 -6.90
CA GLU A 125 7.84 5.89 -6.32
C GLU A 125 7.76 5.94 -4.80
N ILE A 126 7.09 6.97 -4.28
CA ILE A 126 6.79 7.04 -2.87
C ILE A 126 5.97 5.82 -2.44
N GLN A 127 5.09 5.39 -3.33
CA GLN A 127 4.28 4.24 -3.10
C GLN A 127 5.15 2.98 -3.12
N ALA A 128 6.13 2.96 -4.00
CA ALA A 128 7.08 1.86 -4.04
C ALA A 128 7.87 1.78 -2.74
N ILE A 129 8.44 2.90 -2.31
CA ILE A 129 9.29 2.93 -1.12
C ILE A 129 8.49 2.67 0.16
N THR A 130 7.19 2.97 0.14
CA THR A 130 6.37 2.72 1.31
C THR A 130 6.10 1.21 1.45
N ALA A 131 6.18 0.50 0.33
CA ALA A 131 6.05 -0.95 0.34
C ALA A 131 7.26 -1.59 0.98
N LYS A 132 8.38 -0.87 0.96
CA LYS A 132 9.60 -1.32 1.62
C LYS A 132 9.37 -1.37 3.13
N ALA A 133 8.65 -0.38 3.64
CA ALA A 133 8.29 -0.35 5.05
C ALA A 133 7.38 -1.52 5.39
N ALA A 134 6.37 -1.74 4.55
CA ALA A 134 5.43 -2.84 4.70
C ALA A 134 6.15 -4.18 4.58
N LYS A 135 7.26 -4.17 3.85
CA LYS A 135 8.05 -5.37 3.61
C LYS A 135 8.86 -5.73 4.86
N THR A 136 9.03 -4.77 5.75
CA THR A 136 9.86 -4.96 6.94
C THR A 136 9.09 -5.64 8.08
N LEU A 137 7.86 -5.18 8.33
CA LEU A 137 7.10 -5.66 9.48
C LEU A 137 6.45 -7.02 9.22
N GLY A 138 6.04 -7.27 7.98
CA GLY A 138 5.37 -8.52 7.67
C GLY A 138 3.88 -8.31 7.50
N PHE A 139 3.35 -7.35 8.24
CA PHE A 139 2.00 -6.88 8.05
C PHE A 139 2.10 -5.64 7.16
N ARG A 140 1.31 -5.57 6.10
CA ARG A 140 1.62 -4.60 5.07
C ARG A 140 0.92 -3.27 5.33
N GLY A 141 -0.33 -3.35 5.77
CA GLY A 141 -1.04 -2.26 6.45
C GLY A 141 -0.70 -0.84 6.03
N VAL A 142 -0.49 -0.57 4.76
CA VAL A 142 -0.06 0.77 4.37
C VAL A 142 -1.11 1.44 3.49
N SER A 143 -1.23 2.77 3.61
CA SER A 143 -2.29 3.50 2.92
C SER A 143 -1.77 4.77 2.28
N MET A 144 -2.42 5.13 1.18
CA MET A 144 -2.01 6.25 0.34
C MET A 144 -3.15 7.25 0.23
N GLN A 145 -2.95 8.28 -0.59
CA GLN A 145 -4.01 9.23 -0.88
C GLN A 145 -4.27 9.31 -2.39
N ASP A 146 -5.31 8.63 -2.81
CA ASP A 146 -5.65 8.49 -4.23
C ASP A 146 -6.80 9.44 -4.60
N GLU A 147 -7.40 9.20 -5.77
CA GLU A 147 -8.58 9.91 -6.21
C GLU A 147 -9.67 9.93 -5.13
N GLN A 148 -9.96 8.76 -4.55
CA GLN A 148 -10.95 8.66 -3.48
C GLN A 148 -10.33 9.12 -2.17
N GLY A 149 -9.02 9.09 -2.15
CA GLY A 149 -8.27 9.67 -1.06
C GLY A 149 -7.52 8.65 -0.23
N THR A 150 -7.96 7.40 -0.19
CA THR A 150 -7.14 6.38 0.43
C THR A 150 -6.92 5.15 -0.45
N CYS A 151 -5.66 4.89 -0.78
CA CYS A 151 -5.28 3.61 -1.36
C CYS A 151 -4.62 2.78 -0.26
N TYR A 152 -4.41 1.50 -0.52
CA TYR A 152 -3.66 0.66 0.41
C TYR A 152 -2.79 -0.32 -0.38
N MET A 153 -1.62 -0.63 0.16
CA MET A 153 -0.74 -1.63 -0.42
C MET A 153 -0.67 -2.84 0.50
N ILE A 154 -1.06 -4.01 -0.01
CA ILE A 154 -1.03 -5.22 0.79
C ILE A 154 -0.53 -6.39 -0.04
N ASP A 155 -0.11 -7.43 0.66
CA ASP A 155 0.57 -8.55 0.03
C ASP A 155 -0.43 -9.49 -0.63
N MET A 156 -0.11 -9.89 -1.84
CA MET A 156 -0.91 -10.87 -2.57
C MET A 156 -0.32 -12.26 -2.36
N LEU A 157 -0.68 -12.85 -1.23
CA LEU A 157 -0.20 -14.18 -0.83
C LEU A 157 -0.75 -15.26 -1.75
N GLY A 158 -0.10 -16.42 -1.72
CA GLY A 158 -0.46 -17.55 -2.56
C GLY A 158 -1.87 -18.08 -2.31
N HIS A 159 -2.57 -17.49 -1.34
CA HIS A 159 -3.99 -17.73 -1.13
C HIS A 159 -4.83 -17.06 -2.22
N ASP A 160 -4.25 -16.93 -3.42
CA ASP A 160 -4.81 -16.19 -4.57
C ASP A 160 -6.32 -16.38 -4.78
N ALA A 161 -6.91 -17.43 -4.23
CA ALA A 161 -8.36 -17.62 -4.27
C ALA A 161 -9.10 -16.41 -3.68
N GLU A 162 -8.40 -15.69 -2.79
CA GLU A 162 -8.94 -14.48 -2.17
C GLU A 162 -9.20 -13.39 -3.19
N LEU A 163 -8.46 -13.39 -4.28
CA LEU A 163 -8.63 -12.37 -5.30
C LEU A 163 -9.83 -12.70 -6.18
N VAL A 164 -10.96 -12.12 -5.84
CA VAL A 164 -12.20 -12.36 -6.57
C VAL A 164 -12.50 -11.18 -7.48
N ARG A 165 -12.62 -11.43 -8.78
CA ARG A 165 -12.83 -10.35 -9.74
C ARG A 165 -14.08 -9.53 -9.43
N VAL A 166 -13.90 -8.22 -9.37
CA VAL A 166 -14.97 -7.30 -9.12
C VAL A 166 -15.02 -6.17 -10.14
N LYS A 167 -14.08 -6.22 -11.10
CA LYS A 167 -13.95 -5.20 -12.16
C LYS A 167 -14.23 -3.77 -11.67
N GLY A 1 7.44 -22.70 -2.61
CA GLY A 1 6.45 -21.60 -2.65
C GLY A 1 6.04 -21.16 -1.26
N SER A 2 5.26 -20.09 -1.18
CA SER A 2 4.82 -19.56 0.10
C SER A 2 3.66 -20.38 0.67
N HIS A 3 3.96 -21.59 1.11
CA HIS A 3 2.96 -22.44 1.74
C HIS A 3 2.80 -22.02 3.21
N MET A 4 3.70 -21.17 3.67
CA MET A 4 3.56 -20.53 4.98
C MET A 4 2.24 -19.79 5.07
N ALA A 5 1.93 -19.03 4.04
CA ALA A 5 0.71 -18.24 3.98
C ALA A 5 -0.51 -19.12 3.76
N SER A 6 -0.27 -20.37 3.37
CA SER A 6 -1.34 -21.32 3.15
C SER A 6 -1.79 -21.93 4.47
N MET A 7 -0.91 -21.86 5.46
CA MET A 7 -1.21 -22.40 6.79
C MET A 7 -2.19 -21.49 7.51
N THR A 8 -3.14 -22.10 8.20
CA THR A 8 -4.10 -21.34 8.98
C THR A 8 -3.91 -21.63 10.46
N GLY A 9 -3.90 -20.58 11.26
CA GLY A 9 -3.66 -20.74 12.69
C GLY A 9 -3.66 -19.42 13.41
N GLY A 10 -4.58 -18.55 13.05
CA GLY A 10 -4.65 -17.24 13.66
C GLY A 10 -3.60 -16.31 13.09
N GLN A 11 -3.10 -16.63 11.91
CA GLN A 11 -2.10 -15.81 11.24
C GLN A 11 -2.80 -14.64 10.56
N GLN A 12 -3.93 -14.93 9.94
CA GLN A 12 -4.72 -13.93 9.27
C GLN A 12 -5.91 -13.53 10.15
N MET A 13 -5.75 -12.44 10.87
CA MET A 13 -6.77 -12.00 11.81
C MET A 13 -7.72 -10.98 11.18
N GLY A 14 -9.00 -11.33 11.11
CA GLY A 14 -10.03 -10.40 10.67
C GLY A 14 -9.88 -9.95 9.24
N ARG A 15 -10.68 -10.48 8.34
CA ARG A 15 -10.56 -10.16 6.94
C ARG A 15 -11.57 -9.13 6.47
N MET A 16 -11.11 -8.30 5.56
CA MET A 16 -11.85 -7.23 4.98
C MET A 16 -11.97 -7.47 3.47
N GLU A 17 -13.06 -7.06 2.86
CA GLU A 17 -13.18 -7.13 1.41
C GLU A 17 -12.76 -5.81 0.79
N ILE A 18 -11.65 -5.84 0.06
CA ILE A 18 -11.12 -4.63 -0.55
C ILE A 18 -11.32 -4.66 -2.07
N PHE A 19 -11.48 -3.47 -2.65
CA PHE A 19 -11.78 -3.35 -4.08
C PHE A 19 -10.80 -2.39 -4.75
N HIS A 20 -10.48 -2.64 -6.00
CA HIS A 20 -9.61 -1.73 -6.75
C HIS A 20 -9.95 -1.77 -8.23
N THR A 21 -10.25 -0.61 -8.78
CA THR A 21 -10.55 -0.48 -10.20
C THR A 21 -9.30 -0.14 -11.00
N SER A 22 -9.19 -0.70 -12.18
CA SER A 22 -8.12 -0.39 -13.11
C SER A 22 -8.60 -0.72 -14.52
N PRO A 23 -7.95 -0.21 -15.58
CA PRO A 23 -8.24 -0.67 -16.94
C PRO A 23 -8.16 -2.17 -17.01
N VAL A 24 -8.64 -2.80 -18.07
CA VAL A 24 -9.04 -4.18 -17.92
C VAL A 24 -7.97 -5.13 -18.39
N GLU A 25 -7.63 -5.98 -17.46
CA GLU A 25 -6.59 -6.95 -17.65
C GLU A 25 -6.99 -8.37 -17.26
N ILE A 26 -6.12 -9.30 -17.61
CA ILE A 26 -6.13 -10.65 -17.07
C ILE A 26 -4.74 -10.96 -16.55
N THR A 27 -4.56 -11.00 -15.24
CA THR A 27 -3.23 -11.14 -14.69
C THR A 27 -3.15 -12.13 -13.53
N THR A 28 -1.93 -12.33 -13.05
CA THR A 28 -1.66 -13.16 -11.90
C THR A 28 -0.80 -12.35 -10.92
N ILE A 29 -0.77 -12.76 -9.66
CA ILE A 29 -0.11 -11.99 -8.62
C ILE A 29 1.40 -11.94 -8.83
N ASN A 30 1.91 -10.74 -9.08
CA ASN A 30 3.36 -10.51 -9.13
C ASN A 30 3.86 -10.18 -7.73
N THR A 31 3.46 -9.01 -7.21
CA THR A 31 3.83 -8.56 -5.86
C THR A 31 5.33 -8.74 -5.56
N GLN A 32 6.15 -8.65 -6.60
CA GLN A 32 7.57 -8.84 -6.46
C GLN A 32 8.33 -7.60 -6.92
N GLY A 33 7.59 -6.51 -7.10
CA GLY A 33 8.17 -5.30 -7.64
C GLY A 33 8.99 -4.50 -6.63
N ARG A 34 9.16 -3.22 -6.94
CA ARG A 34 9.98 -2.29 -6.16
C ARG A 34 9.56 -2.24 -4.69
N PHE A 35 8.29 -2.53 -4.45
CA PHE A 35 7.70 -2.34 -3.12
C PHE A 35 7.86 -3.59 -2.26
N GLY A 36 8.04 -4.73 -2.93
CA GLY A 36 8.10 -6.04 -2.28
C GLY A 36 6.82 -6.43 -1.53
N GLU A 37 5.99 -5.46 -1.20
CA GLU A 37 4.59 -5.68 -0.83
C GLU A 37 3.73 -4.98 -1.86
N PHE A 38 3.08 -5.70 -2.76
CA PHE A 38 2.35 -4.99 -3.80
C PHE A 38 1.03 -5.61 -4.25
N LEU A 39 -0.05 -4.97 -3.82
CA LEU A 39 -1.34 -5.06 -4.48
C LEU A 39 -2.16 -3.87 -4.04
N CYS A 40 -2.82 -3.23 -4.99
CA CYS A 40 -3.41 -1.93 -4.75
C CYS A 40 -4.88 -2.01 -4.31
N PHE A 41 -5.20 -1.21 -3.31
CA PHE A 41 -6.58 -0.97 -2.90
C PHE A 41 -6.74 0.51 -2.63
N ALA A 42 -7.95 1.02 -2.76
CA ALA A 42 -8.22 2.40 -2.40
C ALA A 42 -9.57 2.51 -1.75
N ALA A 43 -9.67 3.39 -0.77
CA ALA A 43 -10.85 3.49 0.05
C ALA A 43 -11.62 4.76 -0.24
N ASP A 44 -12.64 4.64 -1.08
CA ASP A 44 -13.55 5.73 -1.43
C ASP A 44 -14.50 5.27 -2.54
N GLU A 45 -14.96 6.21 -3.35
CA GLU A 45 -15.88 5.92 -4.44
C GLU A 45 -15.13 5.33 -5.65
N TYR A 46 -13.83 5.11 -5.46
CA TYR A 46 -12.91 4.68 -6.53
C TYR A 46 -13.35 3.40 -7.21
N VAL A 47 -14.18 2.62 -6.54
CA VAL A 47 -14.55 1.30 -7.04
C VAL A 47 -15.98 1.28 -7.53
N MET A 48 -16.66 2.39 -7.32
CA MET A 48 -18.05 2.52 -7.75
C MET A 48 -18.11 2.82 -9.25
N THR A 49 -16.94 3.03 -9.85
CA THR A 49 -16.83 3.28 -11.28
C THR A 49 -16.62 1.97 -12.03
N ALA A 50 -17.00 0.89 -11.40
CA ALA A 50 -16.90 -0.45 -11.97
C ALA A 50 -17.82 -0.61 -13.18
N GLY A 51 -17.56 -1.64 -13.96
CA GLY A 51 -18.34 -1.87 -15.17
C GLY A 51 -17.48 -2.37 -16.33
N ASP A 52 -16.63 -1.49 -16.84
CA ASP A 52 -15.77 -1.83 -17.97
C ASP A 52 -14.38 -2.19 -17.49
N HIS A 53 -14.03 -1.71 -16.31
CA HIS A 53 -12.70 -1.90 -15.74
C HIS A 53 -12.55 -3.30 -15.14
N VAL A 54 -11.39 -3.58 -14.56
CA VAL A 54 -11.21 -4.79 -13.76
C VAL A 54 -11.05 -4.42 -12.30
N THR A 55 -12.13 -4.52 -11.56
CA THR A 55 -12.11 -4.34 -10.12
C THR A 55 -11.81 -5.68 -9.46
N TYR A 56 -10.92 -5.68 -8.48
CA TYR A 56 -10.60 -6.90 -7.77
C TYR A 56 -11.15 -6.85 -6.34
N ARG A 57 -11.96 -7.84 -6.00
CA ARG A 57 -12.49 -7.97 -4.66
C ARG A 57 -11.78 -9.09 -3.92
N ILE A 58 -10.98 -8.74 -2.93
CA ILE A 58 -10.20 -9.71 -2.19
C ILE A 58 -10.52 -9.67 -0.70
N LYS A 59 -10.16 -10.72 0.01
CA LYS A 59 -10.22 -10.72 1.46
C LYS A 59 -8.82 -10.48 2.02
N VAL A 60 -8.74 -9.60 3.00
CA VAL A 60 -7.47 -9.09 3.47
C VAL A 60 -7.53 -8.85 4.97
N ASP A 61 -6.40 -8.91 5.64
CA ASP A 61 -6.36 -8.64 7.06
C ASP A 61 -6.65 -7.18 7.36
N GLU A 62 -7.75 -6.94 8.06
CA GLU A 62 -8.10 -5.62 8.56
C GLU A 62 -7.22 -5.30 9.77
N SER A 63 -6.36 -6.25 10.09
CA SER A 63 -5.42 -6.13 11.19
C SER A 63 -4.35 -5.07 10.88
N ASP A 64 -4.38 -4.53 9.66
CA ASP A 64 -3.46 -3.49 9.25
C ASP A 64 -3.52 -2.29 10.19
N ILE A 65 -4.68 -2.07 10.79
CA ILE A 65 -4.91 -0.94 11.68
C ILE A 65 -3.87 -0.87 12.79
N ILE A 66 -3.48 -2.01 13.33
CA ILE A 66 -2.58 -2.05 14.47
C ILE A 66 -1.17 -1.61 14.09
N MET A 67 -0.79 -1.81 12.83
CA MET A 67 0.54 -1.41 12.39
C MET A 67 0.52 0.02 11.89
N ALA A 68 -0.65 0.48 11.46
CA ALA A 68 -0.82 1.83 10.95
C ALA A 68 -0.40 2.86 12.00
N GLY A 69 -0.82 2.64 13.23
CA GLY A 69 -0.43 3.51 14.31
C GLY A 69 0.93 3.14 14.87
N SER A 70 1.21 1.84 14.91
CA SER A 70 2.43 1.32 15.51
C SER A 70 3.68 1.90 14.82
N ILE A 71 3.57 2.20 13.53
CA ILE A 71 4.70 2.71 12.78
C ILE A 71 5.11 4.09 13.30
N PHE A 72 4.14 4.85 13.80
CA PHE A 72 4.43 6.19 14.31
C PHE A 72 4.98 6.13 15.73
N TYR A 73 4.47 5.19 16.52
CA TYR A 73 4.85 5.11 17.92
C TYR A 73 6.14 4.31 18.12
N HIS A 74 6.26 3.17 17.44
CA HIS A 74 7.40 2.29 17.67
C HIS A 74 8.45 2.43 16.58
N GLU A 75 8.07 2.17 15.34
CA GLU A 75 9.02 2.17 14.23
C GLU A 75 9.66 3.54 14.08
N ARG A 76 8.82 4.56 14.00
CA ARG A 76 9.28 5.94 13.91
C ARG A 76 10.11 6.32 15.13
N ALA A 77 9.89 5.64 16.25
CA ALA A 77 10.60 5.94 17.48
C ALA A 77 12.07 5.56 17.38
N ALA A 78 12.35 4.33 16.96
CA ALA A 78 13.72 3.85 16.91
C ALA A 78 14.38 4.09 15.56
N ASP A 79 13.62 3.87 14.49
CA ASP A 79 14.18 3.87 13.14
C ASP A 79 14.35 5.29 12.59
N LEU A 80 13.70 6.26 13.24
CA LEU A 80 13.65 7.66 12.75
C LEU A 80 15.00 8.16 12.24
N SER A 81 16.03 8.05 13.06
CA SER A 81 17.35 8.58 12.72
C SER A 81 17.86 8.03 11.37
N GLY A 82 17.77 6.73 11.20
CA GLY A 82 18.23 6.13 9.96
C GLY A 82 17.24 6.32 8.83
N LEU A 83 15.97 6.49 9.21
CA LEU A 83 14.90 6.65 8.23
C LEU A 83 14.98 8.00 7.53
N VAL A 84 15.13 9.06 8.32
CA VAL A 84 15.17 10.42 7.76
C VAL A 84 16.36 10.62 6.83
N GLU A 85 17.48 9.99 7.16
CA GLU A 85 18.69 10.09 6.35
C GLU A 85 18.63 9.14 5.17
N ARG A 86 17.65 8.24 5.20
CA ARG A 86 17.48 7.24 4.16
C ARG A 86 16.77 7.84 2.96
N VAL A 87 15.50 8.18 3.13
CA VAL A 87 14.67 8.67 2.03
C VAL A 87 15.22 9.98 1.45
N MET A 88 15.94 10.73 2.28
CA MET A 88 16.63 11.93 1.81
C MET A 88 17.51 11.60 0.60
N GLN A 89 18.23 10.50 0.68
CA GLN A 89 19.12 10.10 -0.40
C GLN A 89 18.41 9.21 -1.40
N LEU A 90 17.26 8.66 -1.02
CA LEU A 90 16.52 7.76 -1.88
C LEU A 90 15.91 8.50 -3.05
N THR A 91 15.04 9.46 -2.75
CA THR A 91 14.34 10.21 -3.79
C THR A 91 14.60 11.70 -3.67
N GLY A 92 15.61 12.07 -2.89
CA GLY A 92 15.95 13.47 -2.71
C GLY A 92 14.90 14.22 -1.91
N CYS A 93 14.27 13.53 -0.98
CA CYS A 93 13.21 14.11 -0.17
C CYS A 93 13.75 14.56 1.17
N ASP A 94 13.49 15.81 1.52
CA ASP A 94 13.91 16.35 2.81
C ASP A 94 13.25 15.57 3.95
N GLU A 95 13.92 15.45 5.08
CA GLU A 95 13.39 14.67 6.20
C GLU A 95 11.96 15.08 6.55
N ASP A 96 11.67 16.37 6.48
CA ASP A 96 10.34 16.87 6.79
C ASP A 96 9.32 16.32 5.81
N THR A 97 9.67 16.39 4.54
CA THR A 97 8.84 15.84 3.47
C THR A 97 8.70 14.32 3.65
N ALA A 98 9.83 13.67 3.89
CA ALA A 98 9.86 12.23 4.16
C ALA A 98 8.89 11.82 5.25
N GLU A 99 8.76 12.67 6.27
CA GLU A 99 7.81 12.42 7.37
C GLU A 99 6.42 12.13 6.82
N GLU A 100 5.95 13.03 5.96
CA GLU A 100 4.62 12.92 5.37
C GLU A 100 4.56 11.78 4.36
N LEU A 101 5.72 11.38 3.88
CA LEU A 101 5.81 10.33 2.88
C LEU A 101 5.75 8.94 3.53
N ILE A 102 6.23 8.82 4.75
CA ILE A 102 6.11 7.56 5.49
C ILE A 102 4.65 7.28 5.82
N SER A 103 3.95 8.33 6.23
CA SER A 103 2.53 8.21 6.55
C SER A 103 1.69 8.21 5.28
N GLN A 104 2.26 8.80 4.24
CA GLN A 104 1.65 8.88 2.92
C GLN A 104 0.29 9.57 2.95
N ARG A 105 0.12 10.49 3.91
CA ARG A 105 -1.10 11.27 4.00
C ARG A 105 -1.25 12.17 2.79
N ILE A 106 -0.12 12.44 2.16
CA ILE A 106 -0.07 13.23 0.95
C ILE A 106 0.40 12.37 -0.23
N ASP A 107 -0.46 12.20 -1.22
CA ASP A 107 -0.10 11.48 -2.43
C ASP A 107 0.50 12.46 -3.41
N VAL A 108 1.26 11.94 -4.36
CA VAL A 108 1.83 12.74 -5.44
C VAL A 108 0.73 13.49 -6.21
N PHE A 109 -0.50 13.04 -6.01
CA PHE A 109 -1.64 13.54 -6.74
C PHE A 109 -2.12 14.87 -6.15
N ASN A 110 -1.77 15.09 -4.90
CA ASN A 110 -2.27 16.23 -4.15
C ASN A 110 -1.13 17.21 -3.83
N LEU A 111 0.00 17.03 -4.49
CA LEU A 111 1.19 17.84 -4.23
C LEU A 111 0.96 19.35 -4.36
N ASP A 112 1.96 20.13 -3.96
CA ASP A 112 1.89 21.59 -3.88
C ASP A 112 1.13 22.22 -5.05
N ASP A 113 1.51 21.87 -6.26
CA ASP A 113 0.72 22.22 -7.43
C ASP A 113 0.03 20.98 -7.94
N ILE A 114 0.57 20.40 -9.01
CA ILE A 114 0.18 19.07 -9.47
C ILE A 114 1.04 18.64 -10.66
N ASP A 115 2.21 18.10 -10.41
CA ASP A 115 2.89 17.33 -11.44
C ASP A 115 2.97 15.90 -10.98
N ALA A 116 1.86 15.21 -11.08
CA ALA A 116 1.80 13.85 -10.63
C ALA A 116 2.15 12.92 -11.79
N SER A 117 2.83 13.50 -12.77
CA SER A 117 3.42 12.72 -13.84
C SER A 117 4.87 12.38 -13.51
N ASP A 118 5.72 13.41 -13.37
CA ASP A 118 7.14 13.16 -13.17
C ASP A 118 7.43 12.83 -11.72
N ALA A 119 6.70 13.47 -10.82
CA ALA A 119 6.83 13.17 -9.40
C ALA A 119 6.27 11.77 -9.11
N ALA A 120 5.45 11.26 -10.03
CA ALA A 120 4.90 9.91 -9.90
C ALA A 120 6.00 8.89 -10.12
N GLU A 121 6.95 9.23 -10.98
CA GLU A 121 8.13 8.41 -11.20
C GLU A 121 8.87 8.19 -9.89
N LEU A 122 8.93 9.24 -9.09
CA LEU A 122 9.53 9.16 -7.76
C LEU A 122 8.55 8.55 -6.75
N SER A 123 7.26 8.83 -6.94
CA SER A 123 6.21 8.28 -6.08
C SER A 123 6.27 6.75 -6.09
N TRP A 124 6.65 6.21 -7.24
CA TRP A 124 6.83 4.76 -7.40
C TRP A 124 7.81 4.24 -6.34
N GLU A 125 8.88 4.99 -6.10
CA GLU A 125 9.88 4.59 -5.13
C GLU A 125 9.44 4.98 -3.71
N ILE A 126 8.85 6.16 -3.58
CA ILE A 126 8.39 6.64 -2.28
C ILE A 126 7.34 5.70 -1.69
N GLN A 127 6.42 5.25 -2.52
CA GLN A 127 5.37 4.37 -2.09
C GLN A 127 5.95 2.97 -1.83
N ALA A 128 7.10 2.70 -2.40
CA ALA A 128 7.78 1.44 -2.16
C ALA A 128 8.49 1.46 -0.82
N ILE A 129 9.05 2.60 -0.44
CA ILE A 129 9.82 2.71 0.80
C ILE A 129 8.91 2.81 2.02
N THR A 130 7.68 3.27 1.83
CA THR A 130 6.70 3.24 2.91
C THR A 130 6.29 1.80 3.17
N ALA A 131 6.27 0.99 2.09
CA ALA A 131 6.02 -0.43 2.20
C ALA A 131 7.23 -1.13 2.82
N LYS A 132 8.40 -0.48 2.74
CA LYS A 132 9.60 -0.97 3.39
C LYS A 132 9.48 -0.78 4.89
N ALA A 133 9.02 0.40 5.30
CA ALA A 133 8.80 0.69 6.71
C ALA A 133 7.71 -0.21 7.27
N ALA A 134 6.71 -0.50 6.46
CA ALA A 134 5.67 -1.42 6.83
C ALA A 134 6.22 -2.85 6.89
N LYS A 135 7.10 -3.18 5.95
CA LYS A 135 7.68 -4.52 5.86
C LYS A 135 8.39 -4.92 7.15
N THR A 136 9.13 -3.99 7.73
CA THR A 136 9.86 -4.26 8.96
C THR A 136 8.91 -4.30 10.16
N LEU A 137 7.75 -3.68 10.01
CA LEU A 137 6.78 -3.57 11.09
C LEU A 137 5.76 -4.71 11.04
N GLY A 138 5.68 -5.39 9.90
CA GLY A 138 4.70 -6.45 9.75
C GLY A 138 3.72 -6.17 8.63
N PHE A 139 4.26 -5.88 7.45
CA PHE A 139 3.50 -5.51 6.25
C PHE A 139 2.21 -6.31 6.09
N ARG A 140 1.09 -5.65 6.33
CA ARG A 140 -0.21 -6.23 6.11
C ARG A 140 -1.15 -5.27 5.39
N GLY A 141 -0.71 -4.73 4.26
CA GLY A 141 -1.50 -3.72 3.58
C GLY A 141 -1.37 -2.34 4.19
N VAL A 142 -0.33 -1.64 3.75
CA VAL A 142 -0.02 -0.31 4.24
C VAL A 142 -0.86 0.75 3.51
N SER A 143 -1.28 1.79 4.21
CA SER A 143 -2.23 2.76 3.68
C SER A 143 -1.53 4.02 3.15
N MET A 144 -1.93 4.48 1.96
CA MET A 144 -1.42 5.75 1.44
C MET A 144 -2.42 6.51 0.58
N GLN A 145 -3.27 7.31 1.22
CA GLN A 145 -3.95 8.44 0.61
C GLN A 145 -4.70 9.20 1.69
N ASP A 146 -5.09 10.43 1.40
CA ASP A 146 -6.02 11.12 2.26
C ASP A 146 -7.33 10.33 2.37
N GLU A 147 -8.20 10.65 3.31
CA GLU A 147 -9.47 9.95 3.45
C GLU A 147 -10.26 9.98 2.14
N GLN A 148 -9.88 10.93 1.28
CA GLN A 148 -10.39 11.05 -0.08
C GLN A 148 -9.97 9.88 -0.98
N GLY A 149 -9.89 8.66 -0.45
CA GLY A 149 -9.49 7.54 -1.27
C GLY A 149 -8.24 6.84 -0.79
N THR A 150 -8.11 6.71 0.52
CA THR A 150 -6.91 6.14 1.13
C THR A 150 -6.49 4.82 0.46
N CYS A 151 -5.28 4.79 -0.08
CA CYS A 151 -4.77 3.63 -0.78
C CYS A 151 -4.25 2.59 0.22
N TYR A 152 -4.17 1.35 -0.22
CA TYR A 152 -3.54 0.29 0.56
C TYR A 152 -2.66 -0.56 -0.34
N MET A 153 -1.52 -0.98 0.18
CA MET A 153 -0.64 -1.90 -0.52
C MET A 153 -0.55 -3.20 0.25
N ILE A 154 -1.24 -4.23 -0.21
CA ILE A 154 -1.15 -5.52 0.47
C ILE A 154 -0.25 -6.44 -0.32
N ASP A 155 0.69 -7.03 0.37
CA ASP A 155 1.52 -8.06 -0.21
C ASP A 155 0.69 -9.30 -0.42
N MET A 156 0.43 -9.65 -1.66
CA MET A 156 -0.49 -10.74 -1.94
C MET A 156 0.25 -12.08 -1.93
N LEU A 157 0.54 -12.55 -0.72
CA LEU A 157 1.22 -13.83 -0.53
C LEU A 157 0.25 -15.00 -0.60
N GLY A 158 0.31 -15.75 -1.69
CA GLY A 158 -0.53 -16.93 -1.84
C GLY A 158 -2.02 -16.61 -1.85
N HIS A 159 -2.34 -15.33 -1.91
CA HIS A 159 -3.74 -14.88 -1.86
C HIS A 159 -4.33 -14.76 -3.25
N ASP A 160 -3.72 -15.45 -4.22
CA ASP A 160 -4.18 -15.42 -5.61
C ASP A 160 -5.67 -15.71 -5.71
N ALA A 161 -6.14 -16.66 -4.92
CA ALA A 161 -7.54 -17.07 -4.96
C ALA A 161 -8.48 -15.98 -4.44
N GLU A 162 -7.94 -15.06 -3.64
CA GLU A 162 -8.75 -13.99 -3.07
C GLU A 162 -9.17 -13.00 -4.14
N LEU A 163 -8.34 -12.86 -5.17
CA LEU A 163 -8.64 -11.95 -6.26
C LEU A 163 -9.82 -12.44 -7.07
N VAL A 164 -10.97 -11.90 -6.75
CA VAL A 164 -12.18 -12.17 -7.49
C VAL A 164 -12.58 -10.94 -8.26
N ARG A 165 -12.46 -10.99 -9.57
CA ARG A 165 -12.80 -9.85 -10.40
C ARG A 165 -14.26 -9.50 -10.28
N VAL A 166 -14.52 -8.23 -10.06
CA VAL A 166 -15.87 -7.75 -9.94
C VAL A 166 -16.16 -6.69 -10.99
N LYS A 167 -15.39 -6.74 -12.08
CA LYS A 167 -15.57 -5.87 -13.24
C LYS A 167 -15.61 -4.40 -12.85
N GLY A 1 9.41 -21.07 21.17
CA GLY A 1 8.14 -20.81 20.45
C GLY A 1 7.21 -22.00 20.50
N SER A 2 5.92 -21.76 20.28
CA SER A 2 4.92 -22.81 20.32
C SER A 2 3.92 -22.65 19.18
N HIS A 3 4.43 -22.22 18.02
CA HIS A 3 3.59 -22.11 16.83
C HIS A 3 3.11 -23.49 16.40
N MET A 4 3.82 -24.50 16.85
CA MET A 4 3.44 -25.88 16.60
C MET A 4 2.18 -26.24 17.39
N ALA A 5 1.97 -25.57 18.50
CA ALA A 5 0.80 -25.82 19.34
C ALA A 5 -0.35 -24.90 18.95
N SER A 6 -0.04 -23.66 18.59
CA SER A 6 -1.06 -22.70 18.22
C SER A 6 -1.58 -22.97 16.81
N MET A 7 -0.72 -23.57 15.97
CA MET A 7 -1.06 -23.89 14.59
C MET A 7 -1.24 -22.62 13.76
N THR A 8 -1.16 -22.76 12.45
CA THR A 8 -1.33 -21.63 11.56
C THR A 8 -2.79 -21.22 11.49
N GLY A 9 -3.15 -20.20 12.26
CA GLY A 9 -4.51 -19.73 12.29
C GLY A 9 -4.62 -18.42 13.05
N GLY A 10 -5.61 -17.61 12.70
CA GLY A 10 -5.76 -16.31 13.32
C GLY A 10 -4.67 -15.36 12.86
N GLN A 11 -4.22 -15.56 11.63
CA GLN A 11 -3.12 -14.79 11.07
C GLN A 11 -3.63 -13.47 10.51
N GLN A 12 -4.68 -13.56 9.71
CA GLN A 12 -5.26 -12.40 9.05
C GLN A 12 -6.28 -11.74 9.96
N MET A 13 -5.89 -10.68 10.65
CA MET A 13 -6.77 -10.01 11.60
C MET A 13 -7.54 -8.84 10.97
N GLY A 14 -8.87 -8.95 10.97
CA GLY A 14 -9.72 -7.85 10.53
C GLY A 14 -9.58 -7.51 9.07
N ARG A 15 -10.46 -8.05 8.24
CA ARG A 15 -10.34 -7.87 6.80
C ARG A 15 -11.24 -6.77 6.26
N MET A 16 -10.73 -6.12 5.25
CA MET A 16 -11.49 -5.13 4.51
C MET A 16 -11.77 -5.66 3.10
N GLU A 17 -12.89 -5.27 2.53
CA GLU A 17 -13.15 -5.52 1.13
C GLU A 17 -12.72 -4.32 0.30
N ILE A 18 -11.65 -4.48 -0.45
CA ILE A 18 -11.13 -3.40 -1.26
C ILE A 18 -11.39 -3.65 -2.72
N PHE A 19 -11.67 -2.59 -3.46
CA PHE A 19 -12.10 -2.71 -4.84
C PHE A 19 -11.06 -2.11 -5.76
N HIS A 20 -10.96 -2.63 -6.97
CA HIS A 20 -10.11 -2.02 -7.98
C HIS A 20 -10.54 -2.48 -9.36
N THR A 21 -10.45 -1.57 -10.32
CA THR A 21 -10.88 -1.85 -11.68
C THR A 21 -9.69 -2.10 -12.59
N SER A 22 -9.66 -3.28 -13.18
CA SER A 22 -8.58 -3.69 -14.05
C SER A 22 -9.14 -4.37 -15.30
N PRO A 23 -8.28 -4.72 -16.27
CA PRO A 23 -8.63 -5.60 -17.39
C PRO A 23 -9.46 -6.81 -16.97
N VAL A 24 -9.86 -7.62 -17.92
CA VAL A 24 -10.92 -8.59 -17.69
C VAL A 24 -10.29 -9.96 -17.38
N GLU A 25 -11.12 -11.02 -17.34
CA GLU A 25 -10.77 -12.34 -16.77
C GLU A 25 -9.27 -12.62 -16.67
N ILE A 26 -8.86 -13.05 -15.47
CA ILE A 26 -7.46 -13.11 -15.07
C ILE A 26 -6.58 -13.78 -16.11
N THR A 27 -5.79 -12.97 -16.79
CA THR A 27 -4.81 -13.46 -17.74
C THR A 27 -3.46 -12.86 -17.39
N THR A 28 -3.49 -11.67 -16.81
CA THR A 28 -2.30 -10.98 -16.36
C THR A 28 -2.57 -10.27 -15.03
N ILE A 29 -1.59 -10.25 -14.15
CA ILE A 29 -1.68 -9.55 -12.88
C ILE A 29 -0.78 -8.33 -12.90
N ASN A 30 -1.27 -7.24 -12.34
CA ASN A 30 -0.61 -5.93 -12.41
C ASN A 30 0.55 -5.83 -11.42
N THR A 31 1.30 -6.91 -11.25
CA THR A 31 2.43 -6.94 -10.32
C THR A 31 3.65 -6.24 -10.90
N GLN A 32 3.42 -5.34 -11.84
CA GLN A 32 4.48 -4.68 -12.57
C GLN A 32 4.73 -3.29 -12.01
N GLY A 33 4.32 -3.08 -10.77
CA GLY A 33 4.52 -1.81 -10.10
C GLY A 33 5.96 -1.56 -9.71
N ARG A 34 6.20 -0.45 -9.01
CA ARG A 34 7.56 0.01 -8.72
C ARG A 34 8.28 -0.88 -7.71
N PHE A 35 7.53 -1.72 -7.01
CA PHE A 35 8.13 -2.63 -6.05
C PHE A 35 8.37 -4.01 -6.68
N GLY A 36 7.80 -4.19 -7.85
CA GLY A 36 7.87 -5.46 -8.57
C GLY A 36 6.94 -6.52 -7.98
N GLU A 37 6.48 -6.31 -6.76
CA GLU A 37 5.31 -6.99 -6.25
C GLU A 37 4.25 -5.94 -5.98
N PHE A 38 3.25 -5.86 -6.84
CA PHE A 38 2.28 -4.78 -6.72
C PHE A 38 0.90 -5.21 -7.17
N LEU A 39 -0.11 -4.61 -6.57
CA LEU A 39 -1.43 -4.57 -7.16
C LEU A 39 -2.18 -3.37 -6.62
N CYS A 40 -2.93 -2.72 -7.49
CA CYS A 40 -3.61 -1.50 -7.13
C CYS A 40 -4.95 -1.81 -6.49
N PHE A 41 -5.27 -1.05 -5.46
CA PHE A 41 -6.57 -1.10 -4.82
C PHE A 41 -6.95 0.29 -4.37
N ALA A 42 -8.23 0.58 -4.30
CA ALA A 42 -8.65 1.90 -3.90
C ALA A 42 -9.95 1.86 -3.12
N ALA A 43 -10.09 2.85 -2.25
CA ALA A 43 -11.26 3.04 -1.44
C ALA A 43 -11.94 4.35 -1.83
N ASP A 44 -12.98 4.23 -2.65
CA ASP A 44 -13.74 5.36 -3.18
C ASP A 44 -14.67 4.82 -4.27
N GLU A 45 -15.00 5.65 -5.26
CA GLU A 45 -15.92 5.25 -6.32
C GLU A 45 -15.17 4.84 -7.59
N TYR A 46 -13.87 4.53 -7.45
CA TYR A 46 -13.04 4.17 -8.60
C TYR A 46 -13.33 2.75 -9.08
N VAL A 47 -14.61 2.45 -9.18
CA VAL A 47 -15.08 1.16 -9.60
C VAL A 47 -16.14 1.36 -10.69
N MET A 48 -16.63 2.58 -10.79
CA MET A 48 -17.76 2.88 -11.67
C MET A 48 -17.35 2.75 -13.14
N THR A 49 -16.05 2.72 -13.40
CA THR A 49 -15.56 2.58 -14.77
C THR A 49 -15.51 1.11 -15.19
N ALA A 50 -16.21 0.28 -14.42
CA ALA A 50 -16.28 -1.15 -14.70
C ALA A 50 -17.38 -1.45 -15.71
N GLY A 51 -17.32 -2.63 -16.29
CA GLY A 51 -18.27 -3.02 -17.32
C GLY A 51 -17.60 -3.85 -18.38
N ASP A 52 -16.67 -3.23 -19.09
CA ASP A 52 -15.81 -3.95 -20.03
C ASP A 52 -14.66 -4.54 -19.25
N HIS A 53 -14.32 -3.87 -18.15
CA HIS A 53 -13.28 -4.31 -17.25
C HIS A 53 -13.91 -4.99 -16.04
N VAL A 54 -13.16 -5.85 -15.37
CA VAL A 54 -13.66 -6.53 -14.17
C VAL A 54 -13.06 -5.92 -12.90
N THR A 55 -13.93 -5.54 -12.00
CA THR A 55 -13.53 -5.10 -10.69
C THR A 55 -13.20 -6.31 -9.83
N TYR A 56 -12.17 -6.20 -9.01
CA TYR A 56 -11.84 -7.28 -8.08
C TYR A 56 -11.94 -6.80 -6.64
N ARG A 57 -12.68 -7.54 -5.85
CA ARG A 57 -12.81 -7.28 -4.42
C ARG A 57 -12.00 -8.33 -3.66
N ILE A 58 -11.21 -7.89 -2.70
CA ILE A 58 -10.42 -8.83 -1.92
C ILE A 58 -10.50 -8.48 -0.44
N LYS A 59 -10.22 -9.47 0.40
CA LYS A 59 -10.21 -9.27 1.83
C LYS A 59 -8.78 -9.17 2.34
N VAL A 60 -8.48 -8.08 3.00
CA VAL A 60 -7.12 -7.78 3.42
C VAL A 60 -7.17 -7.16 4.82
N ASP A 61 -6.14 -7.37 5.62
CA ASP A 61 -6.15 -6.92 7.01
C ASP A 61 -6.13 -5.39 7.08
N GLU A 62 -7.19 -4.83 7.67
CA GLU A 62 -7.29 -3.39 7.87
C GLU A 62 -6.49 -2.98 9.10
N SER A 63 -6.12 -3.99 9.87
CA SER A 63 -5.40 -3.78 11.12
C SER A 63 -4.01 -3.20 10.88
N ASP A 64 -3.60 -3.18 9.62
CA ASP A 64 -2.29 -2.67 9.24
C ASP A 64 -2.19 -1.17 9.46
N ILE A 65 -3.31 -0.51 9.73
CA ILE A 65 -3.28 0.88 10.12
C ILE A 65 -2.59 1.04 11.47
N ILE A 66 -2.66 -0.02 12.28
CA ILE A 66 -1.98 -0.06 13.56
C ILE A 66 -0.48 -0.22 13.36
N MET A 67 -0.11 -1.11 12.43
CA MET A 67 1.28 -1.33 12.08
C MET A 67 1.88 -0.10 11.43
N ALA A 68 1.08 0.59 10.61
CA ALA A 68 1.52 1.79 9.92
C ALA A 68 2.02 2.86 10.90
N GLY A 69 1.44 2.86 12.08
CA GLY A 69 1.87 3.79 13.11
C GLY A 69 3.22 3.41 13.71
N SER A 70 3.37 2.14 14.05
CA SER A 70 4.57 1.68 14.74
C SER A 70 5.76 1.55 13.80
N ILE A 71 5.51 1.18 12.55
CA ILE A 71 6.58 1.00 11.58
C ILE A 71 7.29 2.32 11.30
N PHE A 72 6.55 3.41 11.42
CA PHE A 72 7.12 4.73 11.21
C PHE A 72 8.21 5.01 12.25
N TYR A 73 7.89 4.75 13.51
CA TYR A 73 8.82 5.02 14.60
C TYR A 73 9.93 3.98 14.64
N HIS A 74 9.76 2.90 13.89
CA HIS A 74 10.74 1.80 13.85
C HIS A 74 12.11 2.30 13.42
N GLU A 75 12.14 3.31 12.55
CA GLU A 75 13.40 3.82 12.05
C GLU A 75 14.08 4.74 13.06
N ARG A 76 13.26 5.42 13.87
CA ARG A 76 13.79 6.19 14.99
C ARG A 76 14.26 5.23 16.05
N ALA A 77 13.50 4.16 16.19
CA ALA A 77 13.87 3.06 17.07
C ALA A 77 15.06 2.29 16.51
N ALA A 78 15.42 2.58 15.26
CA ALA A 78 16.51 1.86 14.62
C ALA A 78 17.84 2.35 15.16
N ASP A 79 18.35 3.51 14.74
CA ASP A 79 19.52 4.01 15.45
C ASP A 79 19.10 4.95 16.58
N LEU A 80 19.15 6.27 16.33
CA LEU A 80 18.28 7.25 16.98
C LEU A 80 17.41 7.95 15.92
N SER A 81 18.12 8.79 15.18
CA SER A 81 17.55 9.73 14.22
C SER A 81 17.22 9.06 12.89
N GLY A 82 17.71 7.82 12.74
CA GLY A 82 17.62 7.09 11.48
C GLY A 82 16.31 7.28 10.72
N LEU A 83 15.20 7.42 11.44
CA LEU A 83 13.90 7.73 10.82
C LEU A 83 14.04 8.91 9.87
N VAL A 84 14.52 10.02 10.39
CA VAL A 84 14.67 11.24 9.61
C VAL A 84 15.60 11.00 8.43
N GLU A 85 16.81 10.52 8.75
CA GLU A 85 17.87 10.33 7.78
C GLU A 85 17.46 9.34 6.68
N ARG A 86 16.68 8.34 7.06
CA ARG A 86 16.24 7.32 6.14
C ARG A 86 15.50 7.93 4.94
N VAL A 87 14.31 8.45 5.19
CA VAL A 87 13.49 8.99 4.13
C VAL A 87 14.07 10.26 3.53
N MET A 88 14.79 11.02 4.36
CA MET A 88 15.49 12.22 3.88
C MET A 88 16.45 11.87 2.75
N GLN A 89 17.07 10.69 2.83
CA GLN A 89 17.98 10.24 1.80
C GLN A 89 17.26 9.45 0.71
N LEU A 90 16.09 8.90 1.05
CA LEU A 90 15.33 8.06 0.12
C LEU A 90 14.84 8.87 -1.07
N THR A 91 14.01 9.87 -0.81
CA THR A 91 13.44 10.70 -1.86
C THR A 91 13.69 12.18 -1.57
N GLY A 92 14.63 12.46 -0.69
CA GLY A 92 14.96 13.84 -0.37
C GLY A 92 13.83 14.56 0.32
N CYS A 93 13.18 13.88 1.24
CA CYS A 93 12.05 14.45 1.95
C CYS A 93 12.42 14.89 3.35
N ASP A 94 12.03 16.10 3.70
CA ASP A 94 12.28 16.64 5.03
C ASP A 94 11.38 15.94 6.05
N GLU A 95 11.78 15.97 7.32
CA GLU A 95 11.10 15.21 8.38
C GLU A 95 9.57 15.39 8.32
N ASP A 96 9.14 16.63 8.09
CA ASP A 96 7.72 16.97 8.01
C ASP A 96 7.00 16.09 6.99
N THR A 97 7.47 16.17 5.74
CA THR A 97 6.90 15.40 4.65
C THR A 97 7.16 13.91 4.86
N ALA A 98 8.34 13.60 5.38
CA ALA A 98 8.74 12.23 5.71
C ALA A 98 7.71 11.53 6.59
N GLU A 99 7.20 12.24 7.59
CA GLU A 99 6.21 11.68 8.51
C GLU A 99 5.00 11.16 7.74
N GLU A 100 4.46 12.00 6.87
CA GLU A 100 3.32 11.63 6.05
C GLU A 100 3.70 10.60 5.01
N LEU A 101 4.95 10.65 4.58
CA LEU A 101 5.46 9.83 3.50
C LEU A 101 5.33 8.33 3.81
N ILE A 102 6.04 7.87 4.84
CA ILE A 102 6.03 6.46 5.19
C ILE A 102 4.61 6.02 5.58
N SER A 103 3.90 6.92 6.25
CA SER A 103 2.55 6.64 6.69
C SER A 103 1.58 6.58 5.50
N GLN A 104 2.05 7.09 4.36
CA GLN A 104 1.29 7.09 3.11
C GLN A 104 -0.08 7.74 3.27
N ARG A 105 -0.13 8.79 4.07
CA ARG A 105 -1.39 9.48 4.32
C ARG A 105 -1.59 10.62 3.33
N ILE A 106 -0.88 10.54 2.21
CA ILE A 106 -0.95 11.56 1.17
C ILE A 106 -0.28 11.07 -0.12
N ASP A 107 -1.04 11.08 -1.21
CA ASP A 107 -0.49 10.79 -2.52
C ASP A 107 -0.02 12.08 -3.17
N VAL A 108 0.82 11.95 -4.20
CA VAL A 108 1.30 13.11 -4.95
C VAL A 108 0.16 13.84 -5.65
N PHE A 109 -1.02 13.21 -5.64
CA PHE A 109 -2.14 13.69 -6.42
C PHE A 109 -2.74 14.94 -5.78
N ASN A 110 -2.54 15.08 -4.48
CA ASN A 110 -3.08 16.20 -3.72
C ASN A 110 -2.01 17.25 -3.45
N LEU A 111 -0.75 16.86 -3.64
CA LEU A 111 0.38 17.73 -3.32
C LEU A 111 0.39 19.00 -4.17
N ASP A 112 0.27 20.15 -3.51
CA ASP A 112 0.33 21.44 -4.19
C ASP A 112 1.69 22.11 -3.95
N ASP A 113 2.10 22.18 -2.69
CA ASP A 113 3.35 22.83 -2.30
C ASP A 113 4.52 22.27 -3.10
N ILE A 114 4.81 21.00 -2.88
CA ILE A 114 5.80 20.31 -3.68
C ILE A 114 5.21 20.01 -5.05
N ASP A 115 5.87 20.49 -6.10
CA ASP A 115 5.36 20.35 -7.46
C ASP A 115 5.09 18.89 -7.79
N ALA A 116 3.83 18.60 -8.10
CA ALA A 116 3.36 17.24 -8.36
C ALA A 116 4.04 16.64 -9.59
N SER A 117 4.76 17.45 -10.34
CA SER A 117 5.52 16.97 -11.48
C SER A 117 6.70 16.12 -11.01
N ASP A 118 7.67 16.77 -10.39
CA ASP A 118 8.84 16.09 -9.86
C ASP A 118 8.43 15.14 -8.74
N ALA A 119 7.48 15.57 -7.93
CA ALA A 119 7.02 14.75 -6.81
C ALA A 119 6.34 13.47 -7.30
N ALA A 120 5.85 13.48 -8.54
CA ALA A 120 5.21 12.31 -9.10
C ALA A 120 6.21 11.17 -9.29
N GLU A 121 7.34 11.48 -9.90
CA GLU A 121 8.37 10.46 -10.13
C GLU A 121 9.00 10.04 -8.79
N LEU A 122 9.03 10.97 -7.83
CA LEU A 122 9.47 10.65 -6.48
C LEU A 122 8.45 9.77 -5.77
N SER A 123 7.17 10.08 -5.96
CA SER A 123 6.09 9.31 -5.36
C SER A 123 6.10 7.88 -5.89
N TRP A 124 6.58 7.73 -7.12
CA TRP A 124 6.76 6.43 -7.72
C TRP A 124 7.73 5.61 -6.86
N GLU A 125 8.76 6.27 -6.36
CA GLU A 125 9.73 5.63 -5.47
C GLU A 125 9.11 5.45 -4.08
N ILE A 126 8.43 6.49 -3.62
CA ILE A 126 7.78 6.49 -2.31
C ILE A 126 6.81 5.31 -2.18
N GLN A 127 6.14 4.99 -3.26
CA GLN A 127 5.18 3.93 -3.28
C GLN A 127 5.89 2.57 -3.17
N ALA A 128 7.08 2.48 -3.75
CA ALA A 128 7.83 1.24 -3.71
C ALA A 128 8.51 1.06 -2.35
N ILE A 129 9.01 2.16 -1.79
CA ILE A 129 9.68 2.10 -0.50
C ILE A 129 8.70 1.81 0.62
N THR A 130 7.46 2.27 0.48
CA THR A 130 6.44 1.98 1.47
C THR A 130 6.02 0.51 1.38
N ALA A 131 6.06 -0.04 0.17
CA ALA A 131 5.77 -1.45 -0.04
C ALA A 131 6.92 -2.29 0.50
N LYS A 132 8.14 -1.80 0.31
CA LYS A 132 9.31 -2.47 0.84
C LYS A 132 9.29 -2.45 2.36
N ALA A 133 9.02 -1.27 2.93
CA ALA A 133 8.89 -1.13 4.38
C ALA A 133 7.80 -2.05 4.91
N ALA A 134 6.68 -2.05 4.21
CA ALA A 134 5.56 -2.90 4.56
C ALA A 134 5.95 -4.37 4.54
N LYS A 135 6.65 -4.79 3.49
CA LYS A 135 7.11 -6.16 3.37
C LYS A 135 8.11 -6.51 4.46
N THR A 136 8.97 -5.56 4.82
CA THR A 136 10.03 -5.81 5.79
C THR A 136 9.49 -5.90 7.22
N LEU A 137 8.23 -5.55 7.43
CA LEU A 137 7.64 -5.68 8.75
C LEU A 137 6.61 -6.81 8.78
N GLY A 138 5.96 -7.04 7.66
CA GLY A 138 4.98 -8.11 7.58
C GLY A 138 3.57 -7.59 7.36
N PHE A 139 3.47 -6.56 6.54
CA PHE A 139 2.19 -5.90 6.26
C PHE A 139 1.31 -6.71 5.33
N ARG A 140 0.05 -6.33 5.31
CA ARG A 140 -0.94 -6.89 4.41
C ARG A 140 -1.52 -5.81 3.52
N GLY A 141 -0.64 -5.04 2.87
CA GLY A 141 -1.15 -4.01 2.00
C GLY A 141 -1.58 -2.74 2.73
N VAL A 142 -0.63 -1.83 2.85
CA VAL A 142 -0.80 -0.60 3.62
C VAL A 142 -1.59 0.43 2.80
N SER A 143 -2.16 1.43 3.48
CA SER A 143 -3.09 2.38 2.88
C SER A 143 -2.46 3.72 2.52
N MET A 144 -2.73 4.14 1.30
CA MET A 144 -2.41 5.47 0.83
C MET A 144 -3.67 6.31 0.93
N GLN A 145 -3.81 7.07 1.99
CA GLN A 145 -5.10 7.67 2.28
C GLN A 145 -5.23 9.08 1.75
N ASP A 146 -5.82 9.18 0.58
CA ASP A 146 -6.32 10.44 0.06
C ASP A 146 -7.84 10.36 -0.04
N GLU A 147 -8.53 11.44 0.32
CA GLU A 147 -9.98 11.48 0.31
C GLU A 147 -10.56 11.34 -1.11
N GLN A 148 -9.68 11.29 -2.10
CA GLN A 148 -10.10 11.22 -3.48
C GLN A 148 -9.79 9.84 -4.09
N GLY A 149 -9.92 8.77 -3.31
CA GLY A 149 -9.56 7.47 -3.85
C GLY A 149 -8.44 6.76 -3.11
N THR A 150 -8.48 6.81 -1.77
CA THR A 150 -7.49 6.15 -0.91
C THR A 150 -7.03 4.82 -1.51
N CYS A 151 -5.77 4.75 -1.85
CA CYS A 151 -5.23 3.58 -2.51
C CYS A 151 -4.67 2.60 -1.50
N TYR A 152 -4.52 1.36 -1.91
CA TYR A 152 -3.92 0.34 -1.06
C TYR A 152 -2.88 -0.45 -1.84
N MET A 153 -1.64 -0.41 -1.35
CA MET A 153 -0.58 -1.22 -1.94
C MET A 153 -0.59 -2.60 -1.31
N ILE A 154 -1.24 -3.56 -1.94
CA ILE A 154 -1.25 -4.92 -1.42
C ILE A 154 -0.38 -5.82 -2.27
N ASP A 155 0.03 -6.91 -1.67
CA ASP A 155 0.78 -7.95 -2.36
C ASP A 155 -0.14 -9.08 -2.75
N MET A 156 -0.41 -9.24 -4.04
CA MET A 156 -1.35 -10.25 -4.52
C MET A 156 -0.86 -11.65 -4.19
N LEU A 157 -1.49 -12.28 -3.21
CA LEU A 157 -1.24 -13.68 -2.90
C LEU A 157 -2.11 -14.56 -3.79
N GLY A 158 -1.50 -15.21 -4.78
CA GLY A 158 -2.26 -16.03 -5.72
C GLY A 158 -3.06 -15.17 -6.69
N HIS A 159 -3.00 -15.52 -7.97
CA HIS A 159 -3.62 -14.69 -9.01
C HIS A 159 -5.14 -14.69 -8.87
N ASP A 160 -5.72 -15.87 -8.84
CA ASP A 160 -7.16 -16.01 -8.68
C ASP A 160 -7.55 -15.99 -7.21
N ALA A 161 -6.60 -16.31 -6.36
CA ALA A 161 -6.85 -16.59 -4.95
C ALA A 161 -7.51 -15.43 -4.22
N GLU A 162 -6.86 -14.27 -4.18
CA GLU A 162 -7.38 -13.14 -3.41
C GLU A 162 -8.49 -12.40 -4.17
N LEU A 163 -8.33 -12.27 -5.47
CA LEU A 163 -9.25 -11.45 -6.26
C LEU A 163 -10.60 -12.12 -6.46
N VAL A 164 -11.64 -11.40 -6.11
CA VAL A 164 -13.00 -11.85 -6.35
C VAL A 164 -13.68 -10.89 -7.32
N ARG A 165 -14.06 -11.40 -8.48
CA ARG A 165 -14.68 -10.56 -9.50
C ARG A 165 -15.99 -9.95 -9.00
N VAL A 166 -16.07 -8.64 -9.12
CA VAL A 166 -17.26 -7.92 -8.73
C VAL A 166 -17.74 -6.98 -9.83
N LYS A 167 -17.50 -7.37 -11.08
CA LYS A 167 -18.12 -6.75 -12.24
C LYS A 167 -17.57 -5.35 -12.46
N GLY A 1 -4.68 -26.22 -3.60
CA GLY A 1 -4.22 -26.01 -2.21
C GLY A 1 -3.86 -24.57 -1.94
N SER A 2 -2.87 -24.36 -1.07
CA SER A 2 -2.39 -23.03 -0.69
C SER A 2 -3.50 -22.08 -0.23
N HIS A 3 -4.62 -22.65 0.20
CA HIS A 3 -5.70 -21.85 0.78
C HIS A 3 -5.40 -21.57 2.23
N MET A 4 -4.34 -22.20 2.72
CA MET A 4 -3.87 -22.02 4.09
C MET A 4 -3.43 -20.57 4.32
N ALA A 5 -3.05 -19.91 3.24
CA ALA A 5 -2.64 -18.51 3.31
C ALA A 5 -3.83 -17.63 3.68
N SER A 6 -5.01 -18.00 3.17
CA SER A 6 -6.22 -17.27 3.44
C SER A 6 -6.78 -17.63 4.82
N MET A 7 -6.66 -18.90 5.18
CA MET A 7 -7.18 -19.38 6.46
C MET A 7 -6.28 -18.91 7.60
N THR A 8 -6.85 -18.10 8.47
CA THR A 8 -6.11 -17.54 9.58
C THR A 8 -6.72 -17.96 10.92
N GLY A 9 -5.97 -18.72 11.69
CA GLY A 9 -6.43 -19.19 12.98
C GLY A 9 -6.33 -18.13 14.05
N GLY A 10 -7.34 -17.26 14.12
CA GLY A 10 -7.35 -16.21 15.13
C GLY A 10 -6.15 -15.30 15.00
N GLN A 11 -5.84 -14.93 13.77
CA GLN A 11 -4.68 -14.10 13.50
C GLN A 11 -5.12 -12.71 13.07
N GLN A 12 -5.90 -12.65 12.01
CA GLN A 12 -6.32 -11.38 11.44
C GLN A 12 -7.53 -10.81 12.18
N MET A 13 -7.30 -9.72 12.91
CA MET A 13 -8.37 -9.09 13.68
C MET A 13 -9.04 -7.98 12.89
N GLY A 14 -10.34 -8.15 12.64
CA GLY A 14 -11.14 -7.11 11.97
C GLY A 14 -10.68 -6.82 10.55
N ARG A 15 -11.33 -7.43 9.57
CA ARG A 15 -10.96 -7.26 8.18
C ARG A 15 -11.77 -6.18 7.50
N MET A 16 -11.16 -5.57 6.51
CA MET A 16 -11.86 -4.69 5.59
C MET A 16 -11.91 -5.33 4.22
N GLU A 17 -12.79 -4.85 3.37
CA GLU A 17 -12.87 -5.33 2.00
C GLU A 17 -12.49 -4.22 1.04
N ILE A 18 -11.35 -4.40 0.39
CA ILE A 18 -10.81 -3.37 -0.48
C ILE A 18 -10.92 -3.79 -1.93
N PHE A 19 -10.98 -2.80 -2.81
CA PHE A 19 -11.22 -3.03 -4.23
C PHE A 19 -10.22 -2.23 -5.07
N HIS A 20 -9.88 -2.76 -6.23
CA HIS A 20 -8.95 -2.07 -7.11
C HIS A 20 -9.05 -2.61 -8.52
N THR A 21 -9.08 -1.70 -9.49
CA THR A 21 -9.04 -2.10 -10.88
C THR A 21 -7.63 -2.50 -11.26
N SER A 22 -7.40 -3.80 -11.24
CA SER A 22 -6.11 -4.36 -11.55
C SER A 22 -6.21 -5.05 -12.90
N PRO A 23 -5.13 -5.63 -13.44
CA PRO A 23 -5.18 -6.46 -14.64
C PRO A 23 -6.37 -7.42 -14.67
N VAL A 24 -6.51 -8.14 -15.76
CA VAL A 24 -7.75 -8.85 -16.02
C VAL A 24 -7.56 -10.32 -15.63
N GLU A 25 -8.46 -11.21 -16.08
CA GLU A 25 -8.53 -12.62 -15.66
C GLU A 25 -7.21 -13.13 -15.08
N ILE A 26 -7.30 -13.64 -13.85
CA ILE A 26 -6.11 -13.89 -13.02
C ILE A 26 -5.03 -14.63 -13.77
N THR A 27 -3.91 -13.92 -13.95
CA THR A 27 -2.79 -14.44 -14.69
C THR A 27 -1.47 -13.96 -14.07
N THR A 28 -1.34 -12.66 -13.91
CA THR A 28 -0.12 -12.09 -13.33
C THR A 28 -0.46 -11.03 -12.27
N ILE A 29 0.07 -11.21 -11.08
CA ILE A 29 -0.06 -10.21 -10.03
C ILE A 29 1.06 -9.18 -10.19
N ASN A 30 0.69 -7.90 -10.20
CA ASN A 30 1.63 -6.79 -10.46
C ASN A 30 2.49 -6.46 -9.24
N THR A 31 2.92 -7.47 -8.51
CA THR A 31 3.75 -7.26 -7.33
C THR A 31 5.22 -7.12 -7.74
N GLN A 32 5.53 -7.52 -8.96
CA GLN A 32 6.91 -7.59 -9.42
C GLN A 32 7.30 -6.37 -10.24
N GLY A 33 6.54 -5.29 -10.08
CA GLY A 33 6.83 -4.06 -10.80
C GLY A 33 8.02 -3.32 -10.22
N ARG A 34 7.84 -2.03 -9.96
CA ARG A 34 8.90 -1.20 -9.44
C ARG A 34 9.28 -1.66 -8.04
N PHE A 35 8.27 -1.82 -7.21
CA PHE A 35 8.49 -2.02 -5.79
C PHE A 35 8.94 -3.45 -5.44
N GLY A 36 8.61 -4.43 -6.29
CA GLY A 36 8.84 -5.84 -5.93
C GLY A 36 8.08 -6.24 -4.67
N GLU A 37 7.31 -5.28 -4.18
CA GLU A 37 6.63 -5.32 -2.91
C GLU A 37 5.13 -5.40 -3.11
N PHE A 38 4.38 -5.31 -2.02
CA PHE A 38 2.95 -5.59 -2.02
C PHE A 38 2.19 -4.73 -3.04
N LEU A 39 0.95 -5.11 -3.30
CA LEU A 39 0.20 -4.62 -4.46
C LEU A 39 -0.82 -3.57 -4.05
N CYS A 40 -1.08 -2.65 -4.98
CA CYS A 40 -1.89 -1.46 -4.70
C CYS A 40 -3.38 -1.72 -4.89
N PHE A 41 -4.15 -1.37 -3.87
CA PHE A 41 -5.61 -1.37 -3.94
C PHE A 41 -6.09 0.05 -3.69
N ALA A 42 -7.40 0.28 -3.69
CA ALA A 42 -7.92 1.63 -3.52
C ALA A 42 -9.25 1.66 -2.79
N ALA A 43 -9.50 2.76 -2.11
CA ALA A 43 -10.75 3.00 -1.42
C ALA A 43 -11.41 4.26 -1.96
N ASP A 44 -12.36 4.08 -2.87
CA ASP A 44 -13.18 5.16 -3.45
C ASP A 44 -13.93 4.59 -4.66
N GLU A 45 -14.32 5.45 -5.59
CA GLU A 45 -15.09 5.01 -6.75
C GLU A 45 -14.17 4.61 -7.90
N TYR A 46 -12.90 4.40 -7.60
CA TYR A 46 -11.91 4.03 -8.60
C TYR A 46 -12.04 2.57 -9.00
N VAL A 47 -13.27 2.12 -9.17
CA VAL A 47 -13.55 0.76 -9.60
C VAL A 47 -14.52 0.77 -10.75
N MET A 48 -15.16 1.92 -10.95
CA MET A 48 -16.14 2.11 -12.02
C MET A 48 -15.47 2.05 -13.39
N THR A 49 -14.16 2.27 -13.39
CA THR A 49 -13.38 2.32 -14.62
C THR A 49 -13.03 0.92 -15.12
N ALA A 50 -13.84 -0.04 -14.76
CA ALA A 50 -13.65 -1.42 -15.16
C ALA A 50 -14.12 -1.66 -16.59
N GLY A 51 -13.67 -2.76 -17.17
CA GLY A 51 -14.03 -3.10 -18.53
C GLY A 51 -12.98 -3.97 -19.19
N ASP A 52 -11.77 -3.43 -19.28
CA ASP A 52 -10.64 -4.19 -19.80
C ASP A 52 -9.87 -4.81 -18.64
N HIS A 53 -9.95 -4.17 -17.49
CA HIS A 53 -9.35 -4.68 -16.27
C HIS A 53 -10.43 -5.32 -15.40
N VAL A 54 -10.02 -6.09 -14.40
CA VAL A 54 -10.97 -6.62 -13.42
C VAL A 54 -10.62 -6.10 -12.03
N THR A 55 -11.65 -5.67 -11.32
CA THR A 55 -11.49 -5.22 -9.96
C THR A 55 -11.33 -6.43 -9.04
N TYR A 56 -10.42 -6.34 -8.07
CA TYR A 56 -10.27 -7.40 -7.08
C TYR A 56 -10.76 -6.92 -5.72
N ARG A 57 -11.58 -7.74 -5.08
CA ARG A 57 -12.07 -7.46 -3.74
C ARG A 57 -11.45 -8.44 -2.76
N ILE A 58 -10.75 -7.94 -1.76
CA ILE A 58 -10.03 -8.81 -0.83
C ILE A 58 -10.30 -8.40 0.62
N LYS A 59 -10.22 -9.38 1.52
CA LYS A 59 -10.35 -9.15 2.95
C LYS A 59 -8.97 -8.91 3.56
N VAL A 60 -8.86 -7.90 4.40
CA VAL A 60 -7.57 -7.50 4.91
C VAL A 60 -7.69 -6.65 6.18
N ASP A 61 -6.90 -6.96 7.21
CA ASP A 61 -6.91 -6.18 8.44
C ASP A 61 -5.76 -5.17 8.47
N GLU A 62 -6.08 -3.92 8.12
CA GLU A 62 -5.09 -2.87 8.08
C GLU A 62 -4.98 -2.11 9.39
N SER A 63 -6.10 -1.55 9.82
CA SER A 63 -6.12 -0.59 10.91
C SER A 63 -6.04 -1.25 12.28
N ASP A 64 -5.62 -2.51 12.34
CA ASP A 64 -5.61 -3.19 13.63
C ASP A 64 -4.22 -3.23 14.25
N ILE A 65 -3.36 -4.08 13.71
CA ILE A 65 -2.04 -4.29 14.28
C ILE A 65 -0.96 -3.44 13.62
N ILE A 66 -0.87 -3.54 12.30
CA ILE A 66 0.28 -3.07 11.55
C ILE A 66 0.38 -1.54 11.46
N MET A 67 -0.68 -0.89 11.02
CA MET A 67 -0.61 0.51 10.61
C MET A 67 -0.04 1.42 11.70
N ALA A 68 -0.67 1.44 12.86
CA ALA A 68 -0.25 2.33 13.94
C ALA A 68 0.87 1.71 14.77
N GLY A 69 1.10 0.41 14.59
CA GLY A 69 2.09 -0.28 15.39
C GLY A 69 3.47 -0.29 14.76
N SER A 70 3.61 -1.04 13.67
CA SER A 70 4.92 -1.39 13.12
C SER A 70 5.82 -0.18 12.87
N ILE A 71 5.34 0.79 12.09
CA ILE A 71 6.17 1.95 11.71
C ILE A 71 6.54 2.80 12.92
N PHE A 72 5.54 3.26 13.63
CA PHE A 72 5.74 4.24 14.69
C PHE A 72 6.45 3.64 15.90
N TYR A 73 6.41 2.32 16.03
CA TYR A 73 7.02 1.66 17.17
C TYR A 73 8.45 1.20 16.86
N HIS A 74 8.64 0.61 15.69
CA HIS A 74 9.95 0.04 15.35
C HIS A 74 10.76 0.95 14.44
N GLU A 75 10.19 1.27 13.28
CA GLU A 75 10.89 2.09 12.28
C GLU A 75 11.30 3.42 12.89
N ARG A 76 10.45 3.99 13.72
CA ARG A 76 10.74 5.23 14.39
C ARG A 76 11.81 5.04 15.48
N ALA A 77 11.80 3.86 16.10
CA ALA A 77 12.64 3.60 17.26
C ALA A 77 14.13 3.71 16.93
N ALA A 78 14.64 2.75 16.18
CA ALA A 78 16.05 2.73 15.82
C ALA A 78 16.30 3.43 14.49
N ASP A 79 15.39 3.23 13.57
CA ASP A 79 15.60 3.61 12.17
C ASP A 79 15.37 5.08 11.89
N LEU A 80 14.74 5.82 12.82
CA LEU A 80 14.40 7.23 12.58
C LEU A 80 15.60 8.06 12.09
N SER A 81 16.79 7.73 12.58
CA SER A 81 18.01 8.41 12.16
C SER A 81 18.33 8.07 10.70
N GLY A 82 18.22 6.80 10.35
CA GLY A 82 18.44 6.37 8.98
C GLY A 82 17.33 6.83 8.07
N LEU A 83 16.15 7.01 8.65
CA LEU A 83 14.97 7.42 7.90
C LEU A 83 15.21 8.76 7.21
N VAL A 84 15.64 9.76 7.97
CA VAL A 84 15.88 11.09 7.42
C VAL A 84 16.89 11.03 6.27
N GLU A 85 17.95 10.23 6.45
CA GLU A 85 18.99 10.10 5.43
C GLU A 85 18.51 9.27 4.24
N ARG A 86 17.53 8.42 4.47
CA ARG A 86 17.07 7.49 3.46
C ARG A 86 16.14 8.16 2.45
N VAL A 87 14.93 8.49 2.89
CA VAL A 87 13.88 8.95 1.98
C VAL A 87 14.19 10.34 1.40
N MET A 88 14.96 11.14 2.13
CA MET A 88 15.41 12.43 1.61
C MET A 88 16.22 12.24 0.35
N GLN A 89 17.02 11.19 0.31
CA GLN A 89 17.83 10.93 -0.86
C GLN A 89 17.09 10.03 -1.86
N LEU A 90 16.03 9.38 -1.41
CA LEU A 90 15.25 8.51 -2.28
C LEU A 90 14.41 9.33 -3.26
N THR A 91 13.51 10.15 -2.73
CA THR A 91 12.60 10.91 -3.57
C THR A 91 12.63 12.39 -3.22
N GLY A 92 13.72 12.83 -2.62
CA GLY A 92 13.89 14.24 -2.31
C GLY A 92 12.88 14.77 -1.33
N CYS A 93 12.44 13.90 -0.43
CA CYS A 93 11.45 14.29 0.57
C CYS A 93 12.13 14.66 1.88
N ASP A 94 11.93 15.90 2.30
CA ASP A 94 12.50 16.38 3.56
C ASP A 94 12.02 15.53 4.71
N GLU A 95 12.73 15.53 5.83
CA GLU A 95 12.42 14.65 6.95
C GLU A 95 10.95 14.79 7.36
N ASP A 96 10.48 16.03 7.43
CA ASP A 96 9.09 16.32 7.78
C ASP A 96 8.15 15.60 6.83
N THR A 97 8.33 15.85 5.55
CA THR A 97 7.54 15.22 4.51
C THR A 97 7.69 13.69 4.58
N ALA A 98 8.93 13.24 4.62
CA ALA A 98 9.26 11.82 4.75
C ALA A 98 8.48 11.15 5.88
N GLU A 99 8.54 11.74 7.06
CA GLU A 99 7.86 11.21 8.25
C GLU A 99 6.41 10.82 7.94
N GLU A 100 5.66 11.76 7.39
CA GLU A 100 4.24 11.56 7.15
C GLU A 100 4.02 10.72 5.90
N LEU A 101 4.91 10.88 4.95
CA LEU A 101 4.87 10.13 3.70
C LEU A 101 5.20 8.65 3.89
N ILE A 102 6.07 8.32 4.85
CA ILE A 102 6.40 6.93 5.13
C ILE A 102 5.15 6.18 5.61
N SER A 103 4.30 6.87 6.36
CA SER A 103 3.04 6.29 6.79
C SER A 103 1.95 6.63 5.79
N GLN A 104 2.36 7.30 4.71
CA GLN A 104 1.48 7.71 3.62
C GLN A 104 0.21 8.39 4.12
N ARG A 105 0.36 9.27 5.11
CA ARG A 105 -0.77 9.99 5.67
C ARG A 105 -1.38 10.94 4.66
N ILE A 106 -0.61 11.23 3.62
CA ILE A 106 -1.05 12.06 2.51
C ILE A 106 -0.05 11.94 1.38
N ASP A 107 -0.54 11.74 0.17
CA ASP A 107 0.33 11.67 -1.00
C ASP A 107 0.41 13.04 -1.66
N VAL A 108 0.98 13.10 -2.84
CA VAL A 108 1.03 14.33 -3.58
C VAL A 108 -0.31 14.56 -4.29
N PHE A 109 -1.14 13.52 -4.27
CA PHE A 109 -2.38 13.50 -5.04
C PHE A 109 -3.36 14.56 -4.54
N ASN A 110 -3.53 14.66 -3.23
CA ASN A 110 -4.43 15.64 -2.64
C ASN A 110 -3.68 16.93 -2.34
N LEU A 111 -2.38 16.89 -2.52
CA LEU A 111 -1.51 18.01 -2.16
C LEU A 111 -1.50 19.07 -3.26
N ASP A 112 -1.63 20.33 -2.86
CA ASP A 112 -1.58 21.44 -3.80
C ASP A 112 -0.21 22.12 -3.77
N ASP A 113 0.50 21.95 -2.67
CA ASP A 113 1.80 22.58 -2.48
C ASP A 113 2.79 22.16 -3.56
N ILE A 114 3.02 20.87 -3.66
CA ILE A 114 3.97 20.32 -4.62
C ILE A 114 3.23 19.95 -5.91
N ASP A 115 3.86 20.25 -7.06
CA ASP A 115 3.27 19.95 -8.37
C ASP A 115 2.95 18.47 -8.48
N ALA A 116 1.67 18.14 -8.43
CA ALA A 116 1.22 16.75 -8.39
C ALA A 116 1.32 16.07 -9.75
N SER A 117 1.97 16.72 -10.70
CA SER A 117 2.26 16.08 -11.97
C SER A 117 3.63 15.41 -11.90
N ASP A 118 4.67 16.22 -11.71
CA ASP A 118 6.03 15.73 -11.67
C ASP A 118 6.28 14.94 -10.40
N ALA A 119 5.78 15.44 -9.29
CA ALA A 119 5.95 14.76 -8.01
C ALA A 119 5.18 13.45 -8.00
N ALA A 120 4.14 13.36 -8.83
CA ALA A 120 3.38 12.11 -8.95
C ALA A 120 4.27 11.01 -9.49
N GLU A 121 5.21 11.38 -10.37
CA GLU A 121 6.16 10.43 -10.93
C GLU A 121 7.01 9.85 -9.81
N LEU A 122 7.35 10.69 -8.85
CA LEU A 122 8.14 10.27 -7.69
C LEU A 122 7.27 9.55 -6.68
N SER A 123 5.98 9.85 -6.67
CA SER A 123 5.05 9.17 -5.76
C SER A 123 4.91 7.69 -6.10
N TRP A 124 5.17 7.34 -7.35
CA TRP A 124 5.22 5.93 -7.73
C TRP A 124 6.40 5.27 -7.05
N GLU A 125 7.45 6.05 -6.82
CA GLU A 125 8.63 5.58 -6.11
C GLU A 125 8.36 5.57 -4.62
N ILE A 126 7.70 6.62 -4.13
CA ILE A 126 7.36 6.73 -2.72
C ILE A 126 6.50 5.56 -2.26
N GLN A 127 5.44 5.27 -3.02
CA GLN A 127 4.58 4.14 -2.76
C GLN A 127 5.38 2.84 -2.75
N ALA A 128 6.45 2.80 -3.51
CA ALA A 128 7.31 1.63 -3.57
C ALA A 128 8.17 1.52 -2.32
N ILE A 129 8.74 2.64 -1.88
CA ILE A 129 9.66 2.64 -0.75
C ILE A 129 8.92 2.43 0.57
N THR A 130 7.68 2.91 0.68
CA THR A 130 6.90 2.68 1.89
C THR A 130 6.58 1.20 2.02
N ALA A 131 6.36 0.54 0.88
CA ALA A 131 6.07 -0.88 0.87
C ALA A 131 7.33 -1.69 1.16
N LYS A 132 8.47 -1.18 0.68
CA LYS A 132 9.75 -1.83 0.92
C LYS A 132 10.09 -1.79 2.41
N ALA A 133 9.82 -0.67 3.03
CA ALA A 133 9.96 -0.54 4.48
C ALA A 133 8.91 -1.38 5.18
N ALA A 134 7.70 -1.38 4.61
CA ALA A 134 6.59 -2.14 5.16
C ALA A 134 6.91 -3.62 5.28
N LYS A 135 7.43 -4.21 4.20
CA LYS A 135 7.78 -5.63 4.21
C LYS A 135 8.88 -5.90 5.23
N THR A 136 9.77 -4.93 5.42
CA THR A 136 10.85 -5.04 6.39
C THR A 136 10.29 -5.01 7.82
N LEU A 137 9.16 -4.34 7.99
CA LEU A 137 8.50 -4.27 9.28
C LEU A 137 7.51 -5.42 9.46
N GLY A 138 7.31 -6.19 8.40
CA GLY A 138 6.37 -7.29 8.44
C GLY A 138 4.94 -6.83 8.29
N PHE A 139 4.72 -5.93 7.34
CA PHE A 139 3.41 -5.34 7.15
C PHE A 139 2.46 -6.26 6.41
N ARG A 140 1.18 -5.95 6.55
CA ARG A 140 0.12 -6.70 5.92
C ARG A 140 -0.83 -5.75 5.21
N GLY A 141 -0.30 -4.94 4.31
CA GLY A 141 -1.12 -3.93 3.68
C GLY A 141 -1.27 -2.64 4.44
N VAL A 142 -0.36 -1.71 4.16
CA VAL A 142 -0.39 -0.37 4.74
C VAL A 142 -1.41 0.47 3.99
N SER A 143 -1.87 1.54 4.63
CA SER A 143 -2.83 2.42 4.00
C SER A 143 -2.14 3.67 3.47
N MET A 144 -2.36 3.94 2.20
CA MET A 144 -1.89 5.17 1.57
C MET A 144 -3.06 6.15 1.58
N GLN A 145 -3.10 7.03 2.56
CA GLN A 145 -4.31 7.75 2.86
C GLN A 145 -4.46 9.01 2.03
N ASP A 146 -5.19 8.89 0.94
CA ASP A 146 -5.73 10.04 0.25
C ASP A 146 -7.25 9.98 0.33
N GLU A 147 -7.90 11.05 0.72
CA GLU A 147 -9.35 11.05 0.90
C GLU A 147 -10.09 10.88 -0.44
N GLN A 148 -9.33 10.79 -1.51
CA GLN A 148 -9.86 10.67 -2.85
C GLN A 148 -9.51 9.35 -3.50
N GLY A 149 -9.50 8.27 -2.73
CA GLY A 149 -8.99 7.01 -3.28
C GLY A 149 -7.84 6.41 -2.51
N THR A 150 -7.94 6.48 -1.17
CA THR A 150 -6.93 5.87 -0.28
C THR A 150 -6.50 4.50 -0.81
N CYS A 151 -5.25 4.40 -1.18
CA CYS A 151 -4.73 3.16 -1.72
C CYS A 151 -4.19 2.29 -0.61
N TYR A 152 -4.01 1.01 -0.89
CA TYR A 152 -3.48 0.08 0.09
C TYR A 152 -2.45 -0.83 -0.56
N MET A 153 -1.37 -1.12 0.14
CA MET A 153 -0.36 -2.02 -0.40
C MET A 153 -0.36 -3.31 0.39
N ILE A 154 -1.09 -4.32 -0.09
CA ILE A 154 -1.29 -5.55 0.69
C ILE A 154 -0.51 -6.71 0.09
N ASP A 155 -0.16 -7.66 0.95
CA ASP A 155 0.46 -8.90 0.52
C ASP A 155 -0.61 -9.78 -0.12
N MET A 156 -0.54 -9.90 -1.43
CA MET A 156 -1.54 -10.63 -2.20
C MET A 156 -1.38 -12.13 -2.02
N LEU A 157 -1.90 -12.63 -0.90
CA LEU A 157 -1.85 -14.05 -0.58
C LEU A 157 -2.58 -14.85 -1.67
N GLY A 158 -1.81 -15.58 -2.47
CA GLY A 158 -2.38 -16.28 -3.59
C GLY A 158 -2.75 -15.33 -4.72
N HIS A 159 -2.51 -15.73 -5.95
CA HIS A 159 -2.79 -14.87 -7.09
C HIS A 159 -4.29 -14.72 -7.27
N ASP A 160 -4.98 -15.83 -7.33
CA ASP A 160 -6.44 -15.87 -7.39
C ASP A 160 -7.06 -15.82 -5.99
N ALA A 161 -6.33 -16.37 -5.03
CA ALA A 161 -6.86 -16.67 -3.71
C ALA A 161 -7.56 -15.49 -3.05
N GLU A 162 -6.80 -14.49 -2.62
CA GLU A 162 -7.40 -13.36 -1.94
C GLU A 162 -8.08 -12.40 -2.90
N LEU A 163 -7.65 -12.38 -4.15
CA LEU A 163 -8.22 -11.47 -5.11
C LEU A 163 -9.50 -12.03 -5.71
N VAL A 164 -10.61 -11.66 -5.13
CA VAL A 164 -11.90 -12.07 -5.63
C VAL A 164 -12.34 -11.14 -6.74
N ARG A 165 -12.43 -11.67 -7.96
CA ARG A 165 -12.82 -10.86 -9.10
C ARG A 165 -14.19 -10.24 -8.90
N VAL A 166 -14.23 -8.93 -8.98
CA VAL A 166 -15.49 -8.20 -8.90
C VAL A 166 -15.66 -7.32 -10.13
N LYS A 167 -14.74 -7.46 -11.09
CA LYS A 167 -14.80 -6.81 -12.41
C LYS A 167 -15.36 -5.39 -12.34
N GLY A 1 -12.07 -25.73 -6.44
CA GLY A 1 -13.26 -24.86 -6.25
C GLY A 1 -12.86 -23.45 -5.84
N SER A 2 -13.59 -22.46 -6.32
CA SER A 2 -13.29 -21.08 -6.00
C SER A 2 -14.31 -20.54 -5.00
N HIS A 3 -14.12 -19.28 -4.58
CA HIS A 3 -14.98 -18.65 -3.58
C HIS A 3 -14.93 -19.44 -2.28
N MET A 4 -13.80 -20.10 -2.06
CA MET A 4 -13.64 -21.02 -0.95
C MET A 4 -13.17 -20.29 0.30
N ALA A 5 -12.01 -19.66 0.19
CA ALA A 5 -11.45 -18.89 1.29
C ALA A 5 -12.01 -17.47 1.25
N SER A 6 -12.68 -17.15 0.16
CA SER A 6 -13.32 -15.86 -0.01
C SER A 6 -14.42 -15.68 1.02
N MET A 7 -15.21 -16.72 1.20
CA MET A 7 -16.30 -16.70 2.16
C MET A 7 -15.75 -16.94 3.56
N THR A 8 -15.83 -15.91 4.38
CA THR A 8 -15.37 -16.01 5.76
C THR A 8 -16.39 -15.37 6.69
N GLY A 9 -16.90 -16.16 7.62
CA GLY A 9 -17.90 -15.66 8.54
C GLY A 9 -17.31 -14.88 9.69
N GLY A 10 -16.62 -13.79 9.36
CA GLY A 10 -16.00 -12.97 10.37
C GLY A 10 -14.90 -13.71 11.12
N GLN A 11 -14.30 -14.69 10.45
CA GLN A 11 -13.23 -15.48 11.06
C GLN A 11 -11.97 -14.64 11.20
N GLN A 12 -11.80 -13.75 10.23
CA GLN A 12 -10.68 -12.82 10.25
C GLN A 12 -11.16 -11.45 10.71
N MET A 13 -11.00 -11.19 12.01
CA MET A 13 -11.35 -9.89 12.57
C MET A 13 -10.13 -8.97 12.53
N GLY A 14 -10.31 -7.80 11.97
CA GLY A 14 -9.17 -6.94 11.68
C GLY A 14 -8.94 -6.89 10.20
N ARG A 15 -9.85 -7.52 9.48
CA ARG A 15 -9.73 -7.67 8.05
C ARG A 15 -10.59 -6.68 7.31
N MET A 16 -10.09 -6.22 6.18
CA MET A 16 -10.83 -5.34 5.31
C MET A 16 -11.07 -6.01 3.98
N GLU A 17 -12.15 -5.66 3.31
CA GLU A 17 -12.41 -6.13 1.96
C GLU A 17 -12.04 -5.06 0.96
N ILE A 18 -10.97 -5.28 0.24
CA ILE A 18 -10.46 -4.29 -0.69
C ILE A 18 -10.70 -4.73 -2.13
N PHE A 19 -10.93 -3.76 -3.00
CA PHE A 19 -11.29 -4.05 -4.37
C PHE A 19 -10.30 -3.43 -5.33
N HIS A 20 -10.15 -4.02 -6.51
CA HIS A 20 -9.36 -3.40 -7.55
C HIS A 20 -9.69 -3.99 -8.90
N THR A 21 -9.91 -3.11 -9.86
CA THR A 21 -10.11 -3.52 -11.22
C THR A 21 -8.77 -3.87 -11.84
N SER A 22 -8.50 -5.16 -11.87
CA SER A 22 -7.23 -5.68 -12.28
C SER A 22 -7.42 -6.49 -13.55
N PRO A 23 -6.36 -7.13 -14.10
CA PRO A 23 -6.51 -8.13 -15.16
C PRO A 23 -7.65 -9.13 -14.92
N VAL A 24 -7.85 -10.01 -15.87
CA VAL A 24 -9.02 -10.87 -15.88
C VAL A 24 -8.62 -12.23 -15.28
N GLU A 25 -9.55 -13.20 -15.30
CA GLU A 25 -9.46 -14.48 -14.57
C GLU A 25 -8.03 -14.88 -14.19
N ILE A 26 -7.89 -15.28 -12.92
CA ILE A 26 -6.59 -15.45 -12.27
C ILE A 26 -5.59 -16.19 -13.12
N THR A 27 -4.57 -15.46 -13.54
CA THR A 27 -3.52 -16.02 -14.37
C THR A 27 -2.15 -15.59 -13.86
N THR A 28 -1.90 -14.28 -13.89
CA THR A 28 -0.62 -13.75 -13.45
C THR A 28 -0.82 -12.60 -12.47
N ILE A 29 -0.04 -12.61 -11.39
CA ILE A 29 -0.03 -11.52 -10.43
C ILE A 29 0.84 -10.37 -10.96
N ASN A 30 0.35 -9.14 -10.82
CA ASN A 30 1.01 -7.95 -11.38
C ASN A 30 2.10 -7.42 -10.46
N THR A 31 2.84 -8.32 -9.82
CA THR A 31 3.83 -7.93 -8.82
C THR A 31 5.09 -7.31 -9.46
N GLN A 32 5.15 -7.26 -10.78
CA GLN A 32 6.33 -6.75 -11.49
C GLN A 32 6.40 -5.21 -11.43
N GLY A 33 5.74 -4.64 -10.44
CA GLY A 33 5.70 -3.18 -10.30
C GLY A 33 7.00 -2.59 -9.79
N ARG A 34 6.89 -1.42 -9.17
CA ARG A 34 8.05 -0.61 -8.78
C ARG A 34 8.96 -1.33 -7.79
N PHE A 35 8.40 -1.86 -6.72
CA PHE A 35 9.20 -2.51 -5.69
C PHE A 35 9.55 -3.94 -6.08
N GLY A 36 8.75 -4.46 -7.01
CA GLY A 36 8.92 -5.82 -7.49
C GLY A 36 8.15 -6.83 -6.66
N GLU A 37 7.78 -6.46 -5.45
CA GLU A 37 6.69 -7.13 -4.76
C GLU A 37 5.59 -6.11 -4.52
N PHE A 38 4.56 -6.13 -5.34
CA PHE A 38 3.49 -5.16 -5.21
C PHE A 38 2.15 -5.72 -5.66
N LEU A 39 1.10 -5.35 -4.97
CA LEU A 39 -0.26 -5.61 -5.44
C LEU A 39 -1.12 -4.40 -5.14
N CYS A 40 -1.62 -3.79 -6.20
CA CYS A 40 -2.39 -2.57 -6.09
C CYS A 40 -3.86 -2.84 -5.86
N PHE A 41 -4.38 -2.32 -4.76
CA PHE A 41 -5.80 -2.31 -4.52
C PHE A 41 -6.24 -0.88 -4.28
N ALA A 42 -7.55 -0.65 -4.21
CA ALA A 42 -8.04 0.70 -4.05
C ALA A 42 -9.37 0.73 -3.30
N ALA A 43 -9.61 1.85 -2.66
CA ALA A 43 -10.87 2.09 -1.98
C ALA A 43 -11.52 3.35 -2.54
N ASP A 44 -12.50 3.11 -3.41
CA ASP A 44 -13.28 4.17 -4.06
C ASP A 44 -14.16 3.55 -5.15
N GLU A 45 -14.58 4.34 -6.13
CA GLU A 45 -15.47 3.84 -7.17
C GLU A 45 -14.69 3.36 -8.40
N TYR A 46 -13.36 3.36 -8.30
CA TYR A 46 -12.48 2.90 -9.39
C TYR A 46 -12.76 1.44 -9.74
N VAL A 47 -13.37 0.75 -8.81
CA VAL A 47 -13.59 -0.68 -8.94
C VAL A 47 -14.92 -0.98 -9.61
N MET A 48 -15.69 0.09 -9.81
CA MET A 48 -16.99 -0.03 -10.46
C MET A 48 -16.84 -0.04 -11.98
N THR A 49 -15.64 0.32 -12.45
CA THR A 49 -15.35 0.40 -13.87
C THR A 49 -14.93 -0.97 -14.43
N ALA A 50 -15.42 -2.02 -13.80
CA ALA A 50 -15.10 -3.37 -14.22
C ALA A 50 -15.91 -3.78 -15.45
N GLY A 51 -15.46 -4.82 -16.11
CA GLY A 51 -16.12 -5.31 -17.30
C GLY A 51 -15.28 -6.35 -18.01
N ASP A 52 -14.35 -5.88 -18.82
CA ASP A 52 -13.39 -6.76 -19.46
C ASP A 52 -12.36 -7.22 -18.45
N HIS A 53 -11.97 -6.29 -17.58
CA HIS A 53 -11.08 -6.60 -16.47
C HIS A 53 -11.93 -7.05 -15.29
N VAL A 54 -11.35 -7.80 -14.36
CA VAL A 54 -12.11 -8.25 -13.21
C VAL A 54 -11.60 -7.60 -11.93
N THR A 55 -12.54 -7.18 -11.10
CA THR A 55 -12.21 -6.69 -9.78
C THR A 55 -11.96 -7.86 -8.85
N TYR A 56 -10.95 -7.77 -8.03
CA TYR A 56 -10.72 -8.78 -7.01
C TYR A 56 -11.01 -8.21 -5.64
N ARG A 57 -11.89 -8.88 -4.91
CA ARG A 57 -12.13 -8.54 -3.51
C ARG A 57 -11.33 -9.50 -2.65
N ILE A 58 -10.59 -8.96 -1.69
CA ILE A 58 -9.77 -9.79 -0.81
C ILE A 58 -9.92 -9.31 0.63
N LYS A 59 -9.61 -10.20 1.56
CA LYS A 59 -9.60 -9.85 2.98
C LYS A 59 -8.17 -9.64 3.45
N VAL A 60 -7.88 -8.45 3.93
CA VAL A 60 -6.52 -8.10 4.31
C VAL A 60 -6.56 -7.36 5.64
N ASP A 61 -5.49 -7.46 6.41
CA ASP A 61 -5.47 -6.90 7.76
C ASP A 61 -5.36 -5.39 7.73
N GLU A 62 -6.31 -4.73 8.38
CA GLU A 62 -6.29 -3.28 8.54
C GLU A 62 -5.33 -2.91 9.68
N SER A 63 -4.79 -3.96 10.29
CA SER A 63 -3.87 -3.83 11.41
C SER A 63 -2.55 -3.17 10.95
N ASP A 64 -2.37 -3.10 9.64
CA ASP A 64 -1.17 -2.50 9.04
C ASP A 64 -0.96 -1.07 9.54
N ILE A 65 -2.06 -0.36 9.76
CA ILE A 65 -2.01 1.04 10.16
C ILE A 65 -1.15 1.26 11.41
N ILE A 66 -1.18 0.31 12.34
CA ILE A 66 -0.43 0.45 13.58
C ILE A 66 1.07 0.24 13.34
N MET A 67 1.39 -0.41 12.23
CA MET A 67 2.79 -0.68 11.88
C MET A 67 3.44 0.60 11.37
N ALA A 68 2.66 1.39 10.65
CA ALA A 68 3.12 2.67 10.14
C ALA A 68 3.37 3.64 11.29
N GLY A 69 2.62 3.45 12.37
CA GLY A 69 2.80 4.29 13.54
C GLY A 69 4.04 3.94 14.32
N SER A 70 4.34 2.65 14.41
CA SER A 70 5.46 2.18 15.22
C SER A 70 6.79 2.37 14.51
N ILE A 71 6.81 2.21 13.18
CA ILE A 71 8.05 2.31 12.41
C ILE A 71 8.71 3.68 12.57
N PHE A 72 7.93 4.74 12.47
CA PHE A 72 8.48 6.08 12.52
C PHE A 72 8.79 6.48 13.96
N TYR A 73 8.44 5.62 14.89
CA TYR A 73 8.68 5.89 16.31
C TYR A 73 9.86 5.06 16.82
N HIS A 74 9.98 3.83 16.36
CA HIS A 74 11.02 2.92 16.86
C HIS A 74 12.20 2.85 15.91
N GLU A 75 11.92 2.64 14.62
CA GLU A 75 13.00 2.54 13.64
C GLU A 75 13.73 3.88 13.55
N ARG A 76 12.96 4.97 13.52
CA ARG A 76 13.55 6.30 13.45
C ARG A 76 14.33 6.64 14.73
N ALA A 77 14.13 5.85 15.78
CA ALA A 77 14.88 6.06 17.00
C ALA A 77 16.37 5.77 16.79
N ALA A 78 16.66 4.58 16.28
CA ALA A 78 18.04 4.17 16.05
C ALA A 78 18.53 4.53 14.65
N ASP A 79 17.67 4.31 13.66
CA ASP A 79 18.03 4.43 12.25
C ASP A 79 18.02 5.89 11.78
N LEU A 80 17.51 6.78 12.64
CA LEU A 80 17.31 8.21 12.33
C LEU A 80 18.39 8.79 11.42
N SER A 81 19.64 8.67 11.81
CA SER A 81 20.75 9.28 11.07
C SER A 81 20.66 8.98 9.57
N GLY A 82 20.60 7.70 9.21
CA GLY A 82 20.51 7.34 7.81
C GLY A 82 19.11 7.53 7.27
N LEU A 83 18.11 7.30 8.10
CA LEU A 83 16.72 7.36 7.69
C LEU A 83 16.36 8.76 7.19
N VAL A 84 16.68 9.77 7.98
CA VAL A 84 16.33 11.15 7.63
C VAL A 84 17.03 11.57 6.34
N GLU A 85 18.33 11.32 6.24
CA GLU A 85 19.12 11.74 5.08
C GLU A 85 18.66 11.03 3.82
N ARG A 86 18.23 9.78 3.97
CA ARG A 86 17.76 8.97 2.86
C ARG A 86 16.58 9.62 2.15
N VAL A 87 15.42 9.64 2.82
CA VAL A 87 14.21 10.20 2.24
C VAL A 87 14.36 11.71 2.00
N MET A 88 15.25 12.34 2.78
CA MET A 88 15.65 13.73 2.55
C MET A 88 16.02 13.95 1.09
N GLN A 89 16.71 12.99 0.53
CA GLN A 89 17.20 13.10 -0.84
C GLN A 89 16.21 12.54 -1.84
N LEU A 90 15.24 11.77 -1.37
CA LEU A 90 14.44 10.97 -2.30
C LEU A 90 13.13 11.61 -2.74
N THR A 91 12.17 11.65 -1.82
CA THR A 91 10.76 11.72 -2.19
C THR A 91 9.88 12.45 -1.17
N GLY A 92 10.19 13.65 -0.73
CA GLY A 92 9.55 14.05 0.52
C GLY A 92 10.54 14.25 1.63
N CYS A 93 11.41 15.24 1.43
CA CYS A 93 12.67 15.42 2.14
C CYS A 93 12.51 15.51 3.68
N ASP A 94 13.61 15.89 4.35
CA ASP A 94 13.87 15.63 5.79
C ASP A 94 12.63 15.62 6.70
N GLU A 95 12.83 15.01 7.88
CA GLU A 95 11.77 14.44 8.74
C GLU A 95 10.40 15.09 8.63
N ASP A 96 10.32 16.41 8.60
CA ASP A 96 9.05 17.12 8.43
C ASP A 96 8.21 16.45 7.33
N THR A 97 8.71 16.52 6.11
CA THR A 97 8.01 15.94 4.97
C THR A 97 8.10 14.41 4.97
N ALA A 98 9.29 13.90 5.31
CA ALA A 98 9.48 12.45 5.43
C ALA A 98 8.42 11.80 6.30
N GLU A 99 8.12 12.41 7.45
CA GLU A 99 7.11 11.90 8.36
C GLU A 99 5.77 11.75 7.65
N GLU A 100 5.45 12.72 6.81
CA GLU A 100 4.20 12.72 6.08
C GLU A 100 4.12 11.50 5.15
N LEU A 101 5.21 11.23 4.45
CA LEU A 101 5.23 10.19 3.43
C LEU A 101 5.55 8.79 4.00
N ILE A 102 6.50 8.68 4.93
CA ILE A 102 6.88 7.37 5.48
C ILE A 102 5.69 6.71 6.17
N SER A 103 4.79 7.51 6.71
CA SER A 103 3.60 7.00 7.37
C SER A 103 2.46 6.81 6.38
N GLN A 104 2.53 7.57 5.29
CA GLN A 104 1.49 7.60 4.26
C GLN A 104 0.14 8.04 4.83
N ARG A 105 0.18 8.65 6.01
CA ARG A 105 -1.00 9.25 6.60
C ARG A 105 -1.41 10.47 5.79
N ILE A 106 -0.44 11.02 5.09
CA ILE A 106 -0.65 12.11 4.17
C ILE A 106 0.21 11.90 2.93
N ASP A 107 -0.45 11.60 1.82
CA ASP A 107 0.23 11.29 0.57
C ASP A 107 0.54 12.58 -0.18
N VAL A 108 1.12 12.46 -1.35
CA VAL A 108 1.43 13.59 -2.19
C VAL A 108 0.15 14.23 -2.73
N PHE A 109 -0.97 13.53 -2.50
CA PHE A 109 -2.25 13.94 -3.04
C PHE A 109 -2.73 15.25 -2.41
N ASN A 110 -2.55 15.37 -1.11
CA ASN A 110 -3.01 16.54 -0.39
C ASN A 110 -1.85 17.52 -0.15
N LEU A 111 -0.68 17.14 -0.64
CA LEU A 111 0.52 17.96 -0.50
C LEU A 111 0.44 19.18 -1.41
N ASP A 112 0.48 20.37 -0.80
CA ASP A 112 0.51 21.61 -1.57
C ASP A 112 1.92 22.18 -1.62
N ASP A 113 2.78 21.75 -0.69
CA ASP A 113 4.17 22.21 -0.66
C ASP A 113 4.89 21.78 -1.93
N ILE A 114 4.92 20.48 -2.15
CA ILE A 114 5.46 19.93 -3.37
C ILE A 114 4.34 19.77 -4.38
N ASP A 115 4.56 20.23 -5.61
CA ASP A 115 3.57 20.11 -6.66
C ASP A 115 3.18 18.65 -6.84
N ALA A 116 1.91 18.34 -6.63
CA ALA A 116 1.40 16.97 -6.71
C ALA A 116 1.68 16.36 -8.09
N SER A 117 1.92 17.19 -9.08
CA SER A 117 2.34 16.71 -10.39
C SER A 117 3.71 16.02 -10.28
N ASP A 118 4.67 16.73 -9.72
CA ASP A 118 6.03 16.22 -9.55
C ASP A 118 6.09 15.23 -8.39
N ALA A 119 5.33 15.52 -7.35
CA ALA A 119 5.26 14.65 -6.19
C ALA A 119 4.67 13.29 -6.55
N ALA A 120 3.82 13.27 -7.57
CA ALA A 120 3.24 12.02 -8.04
C ALA A 120 4.29 11.20 -8.76
N GLU A 121 5.24 11.88 -9.41
CA GLU A 121 6.33 11.19 -10.10
C GLU A 121 7.18 10.44 -9.08
N LEU A 122 7.54 11.12 -8.00
CA LEU A 122 8.33 10.52 -6.95
C LEU A 122 7.47 9.68 -6.00
N SER A 123 6.16 9.80 -6.14
CA SER A 123 5.23 8.99 -5.37
C SER A 123 5.42 7.50 -5.69
N TRP A 124 5.74 7.21 -6.94
CA TRP A 124 6.05 5.85 -7.33
C TRP A 124 7.29 5.37 -6.59
N GLU A 125 8.19 6.29 -6.31
CA GLU A 125 9.38 5.99 -5.53
C GLU A 125 9.04 5.90 -4.04
N ILE A 126 8.14 6.77 -3.58
CA ILE A 126 7.65 6.71 -2.21
C ILE A 126 7.01 5.36 -1.94
N GLN A 127 6.11 4.96 -2.82
CA GLN A 127 5.46 3.66 -2.71
C GLN A 127 6.49 2.54 -2.68
N ALA A 128 7.57 2.71 -3.44
CA ALA A 128 8.64 1.71 -3.44
C ALA A 128 9.29 1.62 -2.07
N ILE A 129 9.69 2.76 -1.51
CA ILE A 129 10.33 2.79 -0.20
C ILE A 129 9.32 2.45 0.89
N THR A 130 8.05 2.67 0.60
CA THR A 130 6.97 2.29 1.46
C THR A 130 6.84 0.78 1.54
N ALA A 131 6.92 0.12 0.38
CA ALA A 131 6.93 -1.33 0.33
C ALA A 131 8.24 -1.87 0.90
N LYS A 132 9.29 -1.08 0.75
CA LYS A 132 10.58 -1.39 1.33
C LYS A 132 10.47 -1.40 2.85
N ALA A 133 9.87 -0.35 3.40
CA ALA A 133 9.58 -0.25 4.82
C ALA A 133 8.66 -1.40 5.23
N ALA A 134 7.73 -1.72 4.35
CA ALA A 134 6.80 -2.82 4.58
C ALA A 134 7.53 -4.14 4.75
N LYS A 135 8.49 -4.40 3.88
CA LYS A 135 9.29 -5.63 3.95
C LYS A 135 10.23 -5.59 5.15
N THR A 136 10.39 -4.41 5.74
CA THR A 136 11.26 -4.25 6.89
C THR A 136 10.61 -4.79 8.16
N LEU A 137 9.38 -4.38 8.44
CA LEU A 137 8.72 -4.77 9.67
C LEU A 137 7.63 -5.80 9.44
N GLY A 138 7.45 -6.19 8.18
CA GLY A 138 6.40 -7.13 7.86
C GLY A 138 5.04 -6.48 7.86
N PHE A 139 4.91 -5.39 7.12
CA PHE A 139 3.64 -4.68 7.01
C PHE A 139 2.59 -5.53 6.31
N ARG A 140 1.36 -5.08 6.34
CA ARG A 140 0.24 -5.87 5.87
C ARG A 140 -0.66 -5.07 4.93
N GLY A 141 -0.07 -4.47 3.90
CA GLY A 141 -0.87 -3.70 2.98
C GLY A 141 -1.20 -2.30 3.46
N VAL A 142 -0.31 -1.38 3.13
CA VAL A 142 -0.40 0.01 3.55
C VAL A 142 -1.41 0.77 2.72
N SER A 143 -2.05 1.77 3.33
CA SER A 143 -3.05 2.58 2.66
C SER A 143 -2.44 3.84 2.07
N MET A 144 -2.59 3.99 0.76
CA MET A 144 -2.07 5.16 0.04
C MET A 144 -3.22 6.12 -0.23
N GLN A 145 -2.91 7.34 -0.64
CA GLN A 145 -3.96 8.30 -0.99
C GLN A 145 -3.74 8.83 -2.39
N ASP A 146 -4.65 8.46 -3.28
CA ASP A 146 -4.54 8.79 -4.70
C ASP A 146 -5.57 9.85 -5.06
N GLU A 147 -5.71 10.19 -6.33
CA GLU A 147 -6.76 11.10 -6.76
C GLU A 147 -8.13 10.46 -6.57
N GLN A 148 -8.18 9.13 -6.70
CA GLN A 148 -9.40 8.38 -6.39
C GLN A 148 -9.57 8.33 -4.87
N GLY A 149 -8.45 8.53 -4.19
CA GLY A 149 -8.43 8.89 -2.79
C GLY A 149 -7.90 7.81 -1.87
N THR A 150 -8.14 6.53 -2.17
CA THR A 150 -7.40 5.49 -1.47
C THR A 150 -6.82 4.46 -2.43
N CYS A 151 -5.58 4.05 -2.16
CA CYS A 151 -5.00 2.89 -2.81
C CYS A 151 -4.32 2.04 -1.74
N TYR A 152 -3.88 0.85 -2.09
CA TYR A 152 -3.24 -0.05 -1.13
C TYR A 152 -2.06 -0.75 -1.74
N MET A 153 -1.00 -0.92 -0.95
CA MET A 153 0.12 -1.76 -1.37
C MET A 153 0.15 -3.02 -0.51
N ILE A 154 -0.41 -4.12 -1.00
CA ILE A 154 -0.34 -5.35 -0.24
C ILE A 154 0.71 -6.26 -0.84
N ASP A 155 1.32 -7.04 0.02
CA ASP A 155 2.26 -8.06 -0.41
C ASP A 155 1.46 -9.31 -0.74
N MET A 156 1.46 -9.72 -1.99
CA MET A 156 0.51 -10.72 -2.44
C MET A 156 1.07 -12.13 -2.25
N LEU A 157 1.03 -12.62 -1.02
CA LEU A 157 1.37 -14.02 -0.72
C LEU A 157 0.16 -14.91 -0.93
N GLY A 158 0.34 -16.02 -1.65
CA GLY A 158 -0.75 -16.95 -1.87
C GLY A 158 -1.87 -16.33 -2.68
N HIS A 159 -1.60 -16.08 -3.96
CA HIS A 159 -2.53 -15.33 -4.80
C HIS A 159 -3.89 -15.97 -4.91
N ASP A 160 -3.94 -17.27 -5.15
CA ASP A 160 -5.19 -17.91 -5.51
C ASP A 160 -6.16 -17.96 -4.33
N ALA A 161 -5.62 -18.04 -3.12
CA ALA A 161 -6.45 -18.15 -1.93
C ALA A 161 -7.00 -16.79 -1.52
N GLU A 162 -6.25 -15.73 -1.80
CA GLU A 162 -6.65 -14.39 -1.39
C GLU A 162 -7.60 -13.75 -2.41
N LEU A 163 -7.20 -13.69 -3.67
CA LEU A 163 -8.03 -13.06 -4.70
C LEU A 163 -9.24 -13.92 -5.00
N VAL A 164 -10.35 -13.25 -5.22
CA VAL A 164 -11.53 -13.88 -5.77
C VAL A 164 -12.22 -12.91 -6.72
N ARG A 165 -12.49 -13.39 -7.94
CA ARG A 165 -13.15 -12.56 -8.94
C ARG A 165 -14.44 -12.00 -8.40
N VAL A 166 -14.55 -10.68 -8.46
CA VAL A 166 -15.74 -10.01 -8.01
C VAL A 166 -16.38 -9.24 -9.16
N LYS A 167 -15.58 -8.94 -10.18
CA LYS A 167 -16.05 -8.24 -11.37
C LYS A 167 -16.77 -6.94 -11.01
N GLY A 1 -8.97 -33.56 5.56
CA GLY A 1 -9.18 -33.27 7.00
C GLY A 1 -8.10 -32.39 7.56
N SER A 2 -6.87 -32.86 7.52
CA SER A 2 -5.73 -32.12 8.04
C SER A 2 -5.13 -31.23 6.95
N HIS A 3 -4.05 -30.52 7.29
CA HIS A 3 -3.41 -29.57 6.37
C HIS A 3 -4.41 -28.48 6.01
N MET A 4 -5.34 -28.24 6.91
CA MET A 4 -6.42 -27.29 6.68
C MET A 4 -6.01 -25.90 7.12
N ALA A 5 -5.36 -25.85 8.28
CA ALA A 5 -4.93 -24.59 8.86
C ALA A 5 -3.63 -24.11 8.23
N SER A 6 -3.11 -24.92 7.31
CA SER A 6 -1.88 -24.60 6.61
C SER A 6 -2.10 -23.44 5.64
N MET A 7 -3.24 -23.43 4.96
CA MET A 7 -3.59 -22.34 4.08
C MET A 7 -4.28 -21.24 4.85
N THR A 8 -5.41 -21.58 5.46
CA THR A 8 -6.18 -20.61 6.20
C THR A 8 -6.71 -21.21 7.49
N GLY A 9 -6.03 -20.91 8.59
CA GLY A 9 -6.42 -21.46 9.88
C GLY A 9 -6.12 -20.51 11.02
N GLY A 10 -6.77 -19.35 11.00
CA GLY A 10 -6.56 -18.37 12.04
C GLY A 10 -5.16 -17.80 12.01
N GLN A 11 -4.57 -17.72 10.82
CA GLN A 11 -3.22 -17.18 10.67
C GLN A 11 -3.29 -15.67 10.64
N GLN A 12 -4.38 -15.17 10.10
CA GLN A 12 -4.59 -13.74 9.93
C GLN A 12 -5.68 -13.25 10.86
N MET A 13 -5.31 -12.48 11.87
CA MET A 13 -6.26 -11.93 12.81
C MET A 13 -6.72 -10.53 12.38
N GLY A 14 -8.03 -10.32 12.36
CA GLY A 14 -8.57 -9.01 12.05
C GLY A 14 -8.42 -8.63 10.59
N ARG A 15 -9.41 -8.99 9.79
CA ARG A 15 -9.34 -8.79 8.36
C ARG A 15 -10.12 -7.57 7.91
N MET A 16 -9.80 -7.15 6.70
CA MET A 16 -10.49 -6.05 6.04
C MET A 16 -10.86 -6.49 4.62
N GLU A 17 -11.85 -5.86 4.03
CA GLU A 17 -12.14 -6.07 2.62
C GLU A 17 -11.66 -4.88 1.82
N ILE A 18 -10.62 -5.09 1.04
CA ILE A 18 -10.04 -4.01 0.24
C ILE A 18 -10.33 -4.23 -1.22
N PHE A 19 -10.57 -3.14 -1.93
CA PHE A 19 -10.98 -3.22 -3.33
C PHE A 19 -10.41 -2.05 -4.13
N HIS A 20 -10.04 -2.33 -5.37
CA HIS A 20 -9.57 -1.30 -6.30
C HIS A 20 -9.66 -1.80 -7.71
N THR A 21 -9.84 -0.87 -8.65
CA THR A 21 -9.86 -1.19 -10.06
C THR A 21 -8.45 -1.46 -10.56
N SER A 22 -8.13 -2.73 -10.65
CA SER A 22 -6.79 -3.18 -10.96
C SER A 22 -6.78 -3.90 -12.30
N PRO A 23 -5.61 -4.38 -12.79
CA PRO A 23 -5.52 -5.21 -13.99
C PRO A 23 -6.60 -6.30 -14.09
N VAL A 24 -6.64 -6.97 -15.21
CA VAL A 24 -7.78 -7.78 -15.58
C VAL A 24 -7.47 -9.26 -15.31
N GLU A 25 -8.45 -10.13 -15.61
CA GLU A 25 -8.48 -11.55 -15.21
C GLU A 25 -7.12 -12.14 -14.85
N ILE A 26 -7.08 -12.77 -13.67
CA ILE A 26 -5.84 -13.21 -13.04
C ILE A 26 -4.99 -14.06 -13.97
N THR A 27 -3.85 -13.51 -14.37
CA THR A 27 -2.88 -14.23 -15.16
C THR A 27 -1.51 -14.13 -14.51
N THR A 28 -1.16 -12.91 -14.12
CA THR A 28 0.09 -12.64 -13.41
C THR A 28 -0.17 -11.68 -12.25
N ILE A 29 0.71 -11.70 -11.27
CA ILE A 29 0.65 -10.75 -10.17
C ILE A 29 1.76 -9.72 -10.32
N ASN A 30 1.45 -8.47 -9.99
CA ASN A 30 2.37 -7.33 -10.19
C ASN A 30 3.50 -7.33 -9.14
N THR A 31 4.00 -8.52 -8.83
CA THR A 31 5.10 -8.66 -7.88
C THR A 31 6.45 -8.36 -8.57
N GLN A 32 6.42 -7.42 -9.51
CA GLN A 32 7.57 -7.12 -10.34
C GLN A 32 8.02 -5.67 -10.22
N GLY A 33 7.08 -4.77 -9.96
CA GLY A 33 7.35 -3.34 -10.04
C GLY A 33 8.30 -2.82 -8.97
N ARG A 34 9.09 -1.83 -9.35
CA ARG A 34 9.96 -1.10 -8.43
C ARG A 34 9.14 -0.35 -7.38
N PHE A 35 7.90 -0.09 -7.71
CA PHE A 35 7.07 0.81 -6.93
C PHE A 35 6.50 0.11 -5.70
N GLY A 36 7.24 -0.83 -5.13
CA GLY A 36 6.73 -1.53 -3.98
C GLY A 36 5.90 -2.72 -4.40
N GLU A 37 6.44 -3.51 -5.34
CA GLU A 37 5.66 -4.48 -6.14
C GLU A 37 4.42 -4.99 -5.40
N PHE A 38 3.29 -4.51 -5.86
CA PHE A 38 2.03 -4.62 -5.14
C PHE A 38 0.88 -4.84 -6.11
N LEU A 39 -0.29 -5.11 -5.55
CA LEU A 39 -1.52 -4.99 -6.32
C LEU A 39 -2.31 -3.83 -5.73
N CYS A 40 -2.92 -3.03 -6.59
CA CYS A 40 -3.56 -1.79 -6.17
C CYS A 40 -4.86 -2.06 -5.40
N PHE A 41 -4.99 -1.45 -4.22
CA PHE A 41 -6.20 -1.51 -3.42
C PHE A 41 -6.49 -0.16 -2.79
N ALA A 42 -7.71 0.06 -2.34
CA ALA A 42 -8.08 1.30 -1.68
C ALA A 42 -9.31 1.12 -0.81
N ALA A 43 -9.52 2.05 0.12
CA ALA A 43 -10.68 2.02 0.98
C ALA A 43 -11.52 3.28 0.78
N ASP A 44 -12.57 3.12 -0.04
CA ASP A 44 -13.53 4.17 -0.37
C ASP A 44 -14.37 3.69 -1.57
N GLU A 45 -14.79 4.60 -2.42
CA GLU A 45 -15.61 4.26 -3.57
C GLU A 45 -14.80 4.30 -4.85
N TYR A 46 -13.46 4.28 -4.73
CA TYR A 46 -12.57 4.31 -5.87
C TYR A 46 -12.53 2.97 -6.59
N VAL A 47 -13.71 2.40 -6.78
CA VAL A 47 -13.88 1.14 -7.48
C VAL A 47 -14.96 1.31 -8.53
N MET A 48 -15.63 2.45 -8.45
CA MET A 48 -16.72 2.79 -9.36
C MET A 48 -16.16 3.33 -10.66
N THR A 49 -14.85 3.44 -10.73
CA THR A 49 -14.17 3.89 -11.94
C THR A 49 -13.82 2.70 -12.82
N ALA A 50 -14.56 1.62 -12.63
CA ALA A 50 -14.33 0.37 -13.35
C ALA A 50 -14.66 0.50 -14.81
N GLY A 51 -13.77 0.00 -15.65
CA GLY A 51 -14.00 0.02 -17.09
C GLY A 51 -13.57 -1.28 -17.74
N ASP A 52 -12.36 -1.29 -18.28
CA ASP A 52 -11.80 -2.49 -18.91
C ASP A 52 -11.03 -3.31 -17.89
N HIS A 53 -10.82 -2.73 -16.73
CA HIS A 53 -10.07 -3.38 -15.66
C HIS A 53 -11.05 -4.02 -14.68
N VAL A 54 -10.54 -4.90 -13.82
CA VAL A 54 -11.40 -5.56 -12.84
C VAL A 54 -11.02 -5.13 -11.42
N THR A 55 -12.04 -4.83 -10.64
CA THR A 55 -11.83 -4.55 -9.23
C THR A 55 -11.63 -5.86 -8.49
N TYR A 56 -10.65 -5.89 -7.59
CA TYR A 56 -10.43 -7.06 -6.74
C TYR A 56 -10.81 -6.75 -5.31
N ARG A 57 -11.48 -7.69 -4.66
CA ARG A 57 -11.85 -7.53 -3.26
C ARG A 57 -11.27 -8.68 -2.45
N ILE A 58 -10.38 -8.34 -1.51
CA ILE A 58 -9.64 -9.36 -0.77
C ILE A 58 -9.64 -9.06 0.71
N LYS A 59 -9.30 -10.07 1.50
CA LYS A 59 -9.17 -9.92 2.93
C LYS A 59 -7.71 -9.84 3.33
N VAL A 60 -7.38 -8.86 4.17
CA VAL A 60 -6.01 -8.69 4.62
C VAL A 60 -6.00 -8.40 6.13
N ASP A 61 -4.98 -8.87 6.82
CA ASP A 61 -4.88 -8.75 8.27
C ASP A 61 -4.33 -7.39 8.70
N GLU A 62 -5.24 -6.52 9.13
CA GLU A 62 -4.89 -5.20 9.63
C GLU A 62 -4.69 -5.22 11.14
N SER A 63 -5.74 -5.61 11.82
CA SER A 63 -5.80 -5.53 13.27
C SER A 63 -5.07 -6.69 13.94
N ASP A 64 -4.16 -7.35 13.22
CA ASP A 64 -3.59 -8.59 13.75
C ASP A 64 -2.76 -8.33 15.01
N ILE A 65 -1.48 -7.96 14.87
CA ILE A 65 -0.76 -7.41 16.02
C ILE A 65 -0.50 -5.91 15.87
N ILE A 66 0.53 -5.61 15.09
CA ILE A 66 1.04 -4.25 14.93
C ILE A 66 0.52 -3.56 13.68
N MET A 67 0.03 -4.37 12.73
CA MET A 67 -0.27 -3.92 11.37
C MET A 67 -1.17 -2.68 11.34
N ALA A 68 -1.96 -2.50 12.38
CA ALA A 68 -2.89 -1.38 12.43
C ALA A 68 -2.21 -0.10 12.94
N GLY A 69 -1.68 -0.15 14.15
CA GLY A 69 -1.22 1.07 14.81
C GLY A 69 0.25 1.42 14.57
N SER A 70 1.09 0.41 14.40
CA SER A 70 2.54 0.60 14.47
C SER A 70 3.11 1.49 13.37
N ILE A 71 2.41 1.67 12.25
CA ILE A 71 2.99 2.44 11.15
C ILE A 71 3.04 3.92 11.50
N PHE A 72 2.22 4.32 12.47
CA PHE A 72 2.13 5.71 12.86
C PHE A 72 3.29 6.14 13.75
N TYR A 73 3.41 5.50 14.91
CA TYR A 73 4.44 5.89 15.86
C TYR A 73 5.58 4.87 15.90
N HIS A 74 5.24 3.59 16.02
CA HIS A 74 6.25 2.55 16.24
C HIS A 74 7.30 2.50 15.14
N GLU A 75 6.88 2.72 13.90
CA GLU A 75 7.82 2.80 12.78
C GLU A 75 8.79 3.96 12.98
N ARG A 76 8.23 5.17 13.08
CA ARG A 76 9.04 6.39 13.22
C ARG A 76 9.86 6.38 14.50
N ALA A 77 9.43 5.60 15.48
CA ALA A 77 10.12 5.52 16.76
C ALA A 77 11.54 5.01 16.59
N ALA A 78 11.68 3.80 16.07
CA ALA A 78 12.97 3.16 15.97
C ALA A 78 13.67 3.46 14.65
N ASP A 79 12.90 3.53 13.56
CA ASP A 79 13.49 3.62 12.23
C ASP A 79 13.90 5.05 11.86
N LEU A 80 13.41 6.03 12.61
CA LEU A 80 13.54 7.46 12.26
C LEU A 80 14.93 7.83 11.72
N SER A 81 15.98 7.43 12.43
CA SER A 81 17.34 7.76 12.04
C SER A 81 17.67 7.27 10.62
N GLY A 82 17.26 6.05 10.31
CA GLY A 82 17.49 5.53 8.99
C GLY A 82 16.43 5.99 8.02
N LEU A 83 15.23 6.22 8.54
CA LEU A 83 14.09 6.66 7.75
C LEU A 83 14.39 8.00 7.09
N VAL A 84 14.88 8.96 7.89
CA VAL A 84 15.20 10.28 7.37
C VAL A 84 16.18 10.18 6.20
N GLU A 85 17.31 9.51 6.43
CA GLU A 85 18.35 9.41 5.40
C GLU A 85 17.85 8.63 4.18
N ARG A 86 17.01 7.64 4.43
CA ARG A 86 16.52 6.77 3.37
C ARG A 86 15.77 7.55 2.29
N VAL A 87 14.59 8.06 2.63
CA VAL A 87 13.75 8.72 1.63
C VAL A 87 14.35 10.07 1.19
N MET A 88 15.15 10.66 2.06
CA MET A 88 15.90 11.88 1.70
C MET A 88 16.80 11.61 0.49
N GLN A 89 17.39 10.43 0.44
CA GLN A 89 18.28 10.08 -0.66
C GLN A 89 17.50 9.40 -1.79
N LEU A 90 16.32 8.87 -1.47
CA LEU A 90 15.52 8.15 -2.46
C LEU A 90 14.88 9.12 -3.45
N THR A 91 14.04 10.01 -2.95
CA THR A 91 13.32 10.92 -3.80
C THR A 91 13.70 12.37 -3.52
N GLY A 92 14.73 12.55 -2.69
CA GLY A 92 15.19 13.88 -2.37
C GLY A 92 14.21 14.65 -1.51
N CYS A 93 13.47 13.93 -0.68
CA CYS A 93 12.46 14.54 0.17
C CYS A 93 13.00 14.78 1.57
N ASP A 94 12.96 16.04 2.01
CA ASP A 94 13.37 16.40 3.35
C ASP A 94 12.56 15.63 4.38
N GLU A 95 13.13 15.42 5.56
CA GLU A 95 12.55 14.54 6.58
C GLU A 95 11.07 14.84 6.79
N ASP A 96 10.71 16.12 6.83
CA ASP A 96 9.33 16.53 7.06
C ASP A 96 8.42 15.96 5.98
N THR A 97 8.79 16.16 4.73
CA THR A 97 8.00 15.68 3.60
C THR A 97 8.07 14.17 3.50
N ALA A 98 9.27 13.64 3.71
CA ALA A 98 9.49 12.20 3.79
C ALA A 98 8.50 11.53 4.71
N GLU A 99 8.39 12.07 5.93
CA GLU A 99 7.48 11.54 6.95
C GLU A 99 6.04 11.47 6.43
N GLU A 100 5.59 12.55 5.79
CA GLU A 100 4.25 12.62 5.25
C GLU A 100 4.04 11.55 4.20
N LEU A 101 5.11 11.22 3.50
CA LEU A 101 5.09 10.25 2.41
C LEU A 101 4.87 8.83 2.93
N ILE A 102 5.26 8.57 4.18
CA ILE A 102 5.04 7.24 4.78
C ILE A 102 3.55 6.93 4.81
N SER A 103 2.74 7.93 5.17
CA SER A 103 1.30 7.76 5.17
C SER A 103 0.69 8.35 3.89
N GLN A 104 1.58 8.79 3.00
CA GLN A 104 1.22 9.37 1.71
C GLN A 104 0.22 10.52 1.88
N ARG A 105 0.51 11.41 2.82
CA ARG A 105 -0.35 12.54 3.12
C ARG A 105 -0.25 13.63 2.06
N ILE A 106 0.77 13.56 1.23
CA ILE A 106 0.99 14.55 0.21
C ILE A 106 1.24 13.90 -1.14
N ASP A 107 0.20 13.90 -1.98
CA ASP A 107 0.31 13.44 -3.35
C ASP A 107 1.07 14.47 -4.16
N VAL A 108 1.79 14.00 -5.18
CA VAL A 108 2.68 14.82 -5.97
C VAL A 108 1.98 16.01 -6.65
N PHE A 109 0.67 16.05 -6.58
CA PHE A 109 -0.10 17.06 -7.29
C PHE A 109 -0.22 18.32 -6.45
N ASN A 110 0.05 18.18 -5.16
CA ASN A 110 -0.13 19.26 -4.19
C ASN A 110 1.21 19.76 -3.68
N LEU A 111 2.29 19.33 -4.33
CA LEU A 111 3.66 19.62 -3.88
C LEU A 111 3.96 21.12 -3.74
N ASP A 112 5.15 21.40 -3.19
CA ASP A 112 5.60 22.77 -2.82
C ASP A 112 5.10 23.85 -3.76
N ASP A 113 5.30 23.67 -5.06
CA ASP A 113 4.69 24.55 -6.04
C ASP A 113 3.64 23.77 -6.81
N ILE A 114 4.06 23.17 -7.93
CA ILE A 114 3.27 22.16 -8.64
C ILE A 114 4.08 21.59 -9.79
N ASP A 115 4.97 20.64 -9.50
CA ASP A 115 5.58 19.86 -10.54
C ASP A 115 5.19 18.41 -10.40
N ALA A 116 3.98 18.10 -10.80
CA ALA A 116 3.50 16.74 -10.67
C ALA A 116 3.80 15.96 -11.93
N SER A 117 4.62 16.57 -12.78
CA SER A 117 5.19 15.89 -13.91
C SER A 117 6.51 15.24 -13.50
N ASP A 118 7.36 16.02 -12.84
CA ASP A 118 8.64 15.50 -12.40
C ASP A 118 8.47 14.67 -11.15
N ALA A 119 7.56 15.12 -10.28
CA ALA A 119 7.24 14.39 -9.08
C ALA A 119 6.49 13.11 -9.41
N ALA A 120 5.92 13.05 -10.60
CA ALA A 120 5.26 11.83 -11.07
C ALA A 120 6.30 10.72 -11.18
N GLU A 121 7.49 11.08 -11.66
CA GLU A 121 8.62 10.16 -11.71
C GLU A 121 8.92 9.64 -10.32
N LEU A 122 8.81 10.53 -9.34
CA LEU A 122 9.14 10.20 -7.96
C LEU A 122 7.99 9.46 -7.28
N SER A 123 6.76 9.72 -7.73
CA SER A 123 5.57 9.10 -7.14
C SER A 123 5.69 7.58 -7.17
N TRP A 124 6.27 7.07 -8.23
CA TRP A 124 6.49 5.64 -8.37
C TRP A 124 7.44 5.13 -7.29
N GLU A 125 8.48 5.91 -7.00
CA GLU A 125 9.43 5.54 -5.97
C GLU A 125 8.80 5.73 -4.59
N ILE A 126 8.02 6.80 -4.43
CA ILE A 126 7.31 7.08 -3.19
C ILE A 126 6.40 5.92 -2.80
N GLN A 127 5.72 5.37 -3.79
CA GLN A 127 4.87 4.22 -3.57
C GLN A 127 5.69 3.06 -2.99
N ALA A 128 6.94 3.01 -3.38
CA ALA A 128 7.81 1.95 -2.91
C ALA A 128 8.33 2.24 -1.49
N ILE A 129 8.39 3.53 -1.12
CA ILE A 129 8.91 3.91 0.19
C ILE A 129 7.82 3.75 1.27
N THR A 130 6.56 3.99 0.90
CA THR A 130 5.47 3.75 1.81
C THR A 130 5.27 2.25 2.02
N ALA A 131 5.81 1.48 1.07
CA ALA A 131 5.81 0.03 1.16
C ALA A 131 6.76 -0.45 2.25
N LYS A 132 7.86 0.27 2.43
CA LYS A 132 8.85 -0.06 3.46
C LYS A 132 8.22 -0.03 4.84
N ALA A 133 7.55 1.08 5.15
CA ALA A 133 6.98 1.30 6.47
C ALA A 133 6.00 0.20 6.85
N ALA A 134 5.16 -0.19 5.90
CA ALA A 134 4.16 -1.21 6.16
C ALA A 134 4.78 -2.60 6.24
N LYS A 135 5.92 -2.76 5.61
CA LYS A 135 6.63 -4.04 5.64
C LYS A 135 7.33 -4.22 6.98
N THR A 136 7.57 -3.12 7.67
CA THR A 136 8.10 -3.15 9.03
C THR A 136 7.07 -3.81 9.95
N LEU A 137 5.81 -3.45 9.75
CA LEU A 137 4.70 -4.03 10.48
C LEU A 137 4.51 -5.49 10.06
N GLY A 138 4.68 -5.72 8.77
CA GLY A 138 4.89 -7.05 8.26
C GLY A 138 3.83 -7.51 7.28
N PHE A 139 2.56 -7.17 7.50
CA PHE A 139 1.57 -7.44 6.47
C PHE A 139 0.62 -6.26 6.27
N ARG A 140 1.03 -5.33 5.44
CA ARG A 140 0.12 -4.45 4.70
C ARG A 140 0.74 -4.18 3.35
N GLY A 141 2.05 -4.16 3.40
CA GLY A 141 2.96 -3.68 2.38
C GLY A 141 2.67 -2.27 1.83
N VAL A 142 1.53 -1.66 2.19
CA VAL A 142 1.33 -0.21 2.20
C VAL A 142 0.06 0.14 2.95
N SER A 143 0.06 1.23 3.70
CA SER A 143 -1.20 1.83 4.11
C SER A 143 -1.07 3.34 4.11
N MET A 144 -1.65 3.96 3.10
CA MET A 144 -1.69 5.42 3.03
C MET A 144 -3.00 5.89 3.63
N GLN A 145 -2.95 6.28 4.90
CA GLN A 145 -4.17 6.55 5.64
C GLN A 145 -4.75 7.90 5.24
N ASP A 146 -5.67 7.87 4.29
CA ASP A 146 -6.47 9.02 3.95
C ASP A 146 -7.92 8.72 4.27
N GLU A 147 -8.57 9.60 5.00
CA GLU A 147 -9.97 9.41 5.39
C GLU A 147 -10.90 9.49 4.18
N GLN A 148 -10.33 9.78 3.02
CA GLN A 148 -11.09 9.92 1.80
C GLN A 148 -10.64 8.93 0.72
N GLY A 149 -10.33 7.69 1.10
CA GLY A 149 -9.72 6.80 0.13
C GLY A 149 -8.37 6.26 0.53
N THR A 150 -8.26 5.84 1.80
CA THR A 150 -7.03 5.20 2.28
C THR A 150 -6.50 4.23 1.23
N CYS A 151 -5.34 4.54 0.69
CA CYS A 151 -4.79 3.77 -0.40
C CYS A 151 -3.95 2.63 0.12
N TYR A 152 -4.22 1.44 -0.35
CA TYR A 152 -3.49 0.26 0.07
C TYR A 152 -2.70 -0.32 -1.08
N MET A 153 -1.42 -0.51 -0.85
CA MET A 153 -0.60 -1.25 -1.78
C MET A 153 -0.15 -2.51 -1.09
N ILE A 154 -0.87 -3.61 -1.27
CA ILE A 154 -0.55 -4.80 -0.53
C ILE A 154 0.41 -5.66 -1.31
N ASP A 155 1.44 -6.13 -0.62
CA ASP A 155 2.34 -7.11 -1.16
C ASP A 155 1.53 -8.34 -1.54
N MET A 156 1.24 -8.47 -2.83
CA MET A 156 0.27 -9.45 -3.28
C MET A 156 0.87 -10.84 -3.29
N LEU A 157 0.94 -11.41 -2.10
CA LEU A 157 1.33 -12.80 -1.89
C LEU A 157 0.39 -13.73 -2.65
N GLY A 158 0.81 -14.98 -2.84
CA GLY A 158 0.05 -15.94 -3.63
C GLY A 158 -1.27 -16.37 -3.00
N HIS A 159 -1.98 -15.41 -2.43
CA HIS A 159 -3.32 -15.60 -1.91
C HIS A 159 -4.35 -15.25 -2.97
N ASP A 160 -3.95 -15.33 -4.25
CA ASP A 160 -4.78 -14.94 -5.40
C ASP A 160 -6.19 -15.55 -5.34
N ALA A 161 -6.34 -16.58 -4.52
CA ALA A 161 -7.65 -17.18 -4.27
C ALA A 161 -8.62 -16.15 -3.68
N GLU A 162 -8.07 -15.24 -2.88
CA GLU A 162 -8.84 -14.19 -2.26
C GLU A 162 -9.08 -13.04 -3.22
N LEU A 163 -8.42 -13.09 -4.36
CA LEU A 163 -8.56 -12.06 -5.37
C LEU A 163 -9.81 -12.29 -6.19
N VAL A 164 -10.88 -11.65 -5.75
CA VAL A 164 -12.18 -11.82 -6.34
C VAL A 164 -12.51 -10.64 -7.24
N ARG A 165 -12.88 -10.93 -8.48
CA ARG A 165 -13.35 -9.89 -9.39
C ARG A 165 -14.67 -9.33 -8.89
N VAL A 166 -14.70 -8.03 -8.71
CA VAL A 166 -15.91 -7.36 -8.28
C VAL A 166 -16.25 -6.19 -9.20
N LYS A 167 -15.78 -6.28 -10.45
CA LYS A 167 -16.12 -5.31 -11.50
C LYS A 167 -15.36 -4.03 -11.30
N GLY A 1 7.89 -29.18 25.73
CA GLY A 1 7.63 -28.77 24.33
C GLY A 1 7.04 -27.38 24.25
N SER A 2 7.47 -26.62 23.26
CA SER A 2 7.01 -25.25 23.09
C SER A 2 6.75 -24.98 21.61
N HIS A 3 5.62 -25.46 21.11
CA HIS A 3 5.19 -25.15 19.75
C HIS A 3 4.32 -23.89 19.78
N MET A 4 4.59 -23.05 20.78
CA MET A 4 3.80 -21.86 21.03
C MET A 4 3.99 -20.82 19.92
N ALA A 5 5.23 -20.64 19.51
CA ALA A 5 5.53 -19.71 18.42
C ALA A 5 5.16 -20.32 17.07
N SER A 6 5.23 -21.64 17.02
CA SER A 6 4.91 -22.37 15.80
C SER A 6 3.41 -22.29 15.49
N MET A 7 2.58 -22.61 16.49
CA MET A 7 1.15 -22.54 16.33
C MET A 7 0.69 -21.10 16.18
N THR A 8 0.00 -20.83 15.08
CA THR A 8 -0.46 -19.49 14.80
C THR A 8 -1.95 -19.51 14.44
N GLY A 9 -2.62 -18.41 14.73
CA GLY A 9 -4.04 -18.30 14.47
C GLY A 9 -4.52 -16.90 14.74
N GLY A 10 -5.34 -16.35 13.86
CA GLY A 10 -5.74 -14.96 14.00
C GLY A 10 -4.58 -14.04 13.68
N GLN A 11 -3.80 -14.44 12.67
CA GLN A 11 -2.61 -13.71 12.27
C GLN A 11 -3.00 -12.41 11.60
N GLN A 12 -3.82 -12.52 10.57
CA GLN A 12 -4.35 -11.34 9.91
C GLN A 12 -5.65 -10.95 10.58
N MET A 13 -5.58 -9.98 11.49
CA MET A 13 -6.74 -9.59 12.27
C MET A 13 -7.51 -8.44 11.63
N GLY A 14 -8.83 -8.61 11.54
CA GLY A 14 -9.70 -7.53 11.08
C GLY A 14 -9.52 -7.18 9.61
N ARG A 15 -10.23 -7.89 8.75
CA ARG A 15 -10.09 -7.66 7.32
C ARG A 15 -11.16 -6.74 6.78
N MET A 16 -10.81 -6.06 5.72
CA MET A 16 -11.75 -5.29 4.95
C MET A 16 -11.72 -5.75 3.50
N GLU A 17 -12.83 -5.57 2.81
CA GLU A 17 -12.94 -5.92 1.40
C GLU A 17 -12.68 -4.70 0.54
N ILE A 18 -11.57 -4.73 -0.17
CA ILE A 18 -11.10 -3.57 -0.89
C ILE A 18 -11.29 -3.73 -2.39
N PHE A 19 -11.57 -2.62 -3.08
CA PHE A 19 -12.03 -2.71 -4.46
C PHE A 19 -11.09 -1.97 -5.39
N HIS A 20 -10.94 -2.47 -6.61
CA HIS A 20 -10.14 -1.79 -7.62
C HIS A 20 -10.44 -2.33 -9.01
N THR A 21 -10.54 -1.42 -9.96
CA THR A 21 -10.79 -1.78 -11.33
C THR A 21 -9.49 -2.07 -12.06
N SER A 22 -9.19 -3.33 -12.19
CA SER A 22 -7.96 -3.80 -12.80
C SER A 22 -8.29 -4.51 -14.11
N PRO A 23 -7.28 -5.01 -14.84
CA PRO A 23 -7.46 -5.97 -15.92
C PRO A 23 -8.53 -7.03 -15.63
N VAL A 24 -8.78 -7.89 -16.58
CA VAL A 24 -9.95 -8.75 -16.54
C VAL A 24 -9.55 -10.13 -16.00
N GLU A 25 -10.43 -11.14 -16.14
CA GLU A 25 -10.29 -12.47 -15.51
C GLU A 25 -8.85 -12.78 -15.12
N ILE A 26 -8.68 -13.12 -13.83
CA ILE A 26 -7.38 -13.12 -13.16
C ILE A 26 -6.31 -13.80 -13.99
N THR A 27 -5.36 -13.00 -14.46
CA THR A 27 -4.29 -13.49 -15.30
C THR A 27 -2.99 -12.73 -15.06
N THR A 28 -3.10 -11.43 -14.81
CA THR A 28 -1.93 -10.61 -14.58
C THR A 28 -2.18 -9.57 -13.49
N ILE A 29 -1.24 -9.47 -12.53
CA ILE A 29 -1.30 -8.44 -11.50
C ILE A 29 -1.00 -7.08 -12.12
N ASN A 30 -1.81 -6.09 -11.78
CA ASN A 30 -1.75 -4.76 -12.39
C ASN A 30 -0.63 -3.90 -11.78
N THR A 31 0.51 -4.51 -11.52
CA THR A 31 1.65 -3.79 -10.97
C THR A 31 2.27 -2.90 -12.06
N GLN A 32 3.25 -2.09 -11.67
CA GLN A 32 3.81 -1.11 -12.60
C GLN A 32 5.27 -1.40 -12.93
N GLY A 33 6.12 -1.60 -11.92
CA GLY A 33 7.51 -1.92 -12.21
C GLY A 33 8.48 -1.52 -11.11
N ARG A 34 8.40 -0.26 -10.66
CA ARG A 34 9.32 0.26 -9.64
C ARG A 34 9.40 -0.65 -8.42
N PHE A 35 8.24 -1.05 -7.95
CA PHE A 35 8.14 -2.00 -6.83
C PHE A 35 8.08 -3.43 -7.37
N GLY A 36 7.66 -3.50 -8.63
CA GLY A 36 7.55 -4.72 -9.43
C GLY A 36 6.70 -5.86 -8.86
N GLU A 37 6.49 -5.96 -7.55
CA GLU A 37 5.36 -6.73 -7.06
C GLU A 37 4.49 -5.89 -6.16
N PHE A 38 3.45 -5.28 -6.71
CA PHE A 38 2.45 -4.60 -5.91
C PHE A 38 1.12 -4.60 -6.63
N LEU A 39 0.08 -4.18 -5.93
CA LEU A 39 -1.20 -3.94 -6.53
C LEU A 39 -2.00 -2.97 -5.68
N CYS A 40 -2.75 -2.09 -6.33
CA CYS A 40 -3.41 -1.01 -5.64
C CYS A 40 -4.90 -1.29 -5.48
N PHE A 41 -5.48 -0.78 -4.41
CA PHE A 41 -6.91 -0.82 -4.24
C PHE A 41 -7.42 0.59 -4.06
N ALA A 42 -8.62 0.87 -4.52
CA ALA A 42 -9.16 2.20 -4.41
C ALA A 42 -10.42 2.20 -3.56
N ALA A 43 -10.66 3.33 -2.94
CA ALA A 43 -11.83 3.54 -2.12
C ALA A 43 -12.65 4.71 -2.67
N ASP A 44 -13.71 4.37 -3.42
CA ASP A 44 -14.67 5.33 -3.97
C ASP A 44 -15.51 4.62 -5.05
N GLU A 45 -16.25 5.39 -5.85
CA GLU A 45 -17.07 4.82 -6.91
C GLU A 45 -16.21 4.46 -8.13
N TYR A 46 -14.90 4.62 -7.96
CA TYR A 46 -13.91 4.34 -9.01
C TYR A 46 -14.01 2.91 -9.52
N VAL A 47 -14.60 2.06 -8.70
CA VAL A 47 -14.62 0.63 -8.99
C VAL A 47 -15.94 0.20 -9.59
N MET A 48 -16.88 1.12 -9.63
CA MET A 48 -18.19 0.82 -10.18
C MET A 48 -18.25 1.18 -11.66
N THR A 49 -17.08 1.26 -12.29
CA THR A 49 -16.99 1.57 -13.71
C THR A 49 -16.36 0.41 -14.47
N ALA A 50 -16.52 -0.80 -13.93
CA ALA A 50 -15.94 -1.98 -14.54
C ALA A 50 -16.79 -2.50 -15.70
N GLY A 51 -16.30 -2.29 -16.91
CA GLY A 51 -17.00 -2.77 -18.08
C GLY A 51 -16.25 -3.91 -18.74
N ASP A 52 -15.11 -3.58 -19.34
CA ASP A 52 -14.24 -4.58 -19.93
C ASP A 52 -13.24 -5.06 -18.91
N HIS A 53 -12.96 -4.20 -17.93
CA HIS A 53 -12.06 -4.54 -16.83
C HIS A 53 -12.85 -5.18 -15.71
N VAL A 54 -12.19 -5.91 -14.82
CA VAL A 54 -12.89 -6.46 -13.66
C VAL A 54 -12.34 -5.88 -12.37
N THR A 55 -13.25 -5.64 -11.44
CA THR A 55 -12.90 -5.23 -10.11
C THR A 55 -12.41 -6.44 -9.33
N TYR A 56 -11.34 -6.27 -8.56
CA TYR A 56 -10.88 -7.32 -7.66
C TYR A 56 -11.15 -6.92 -6.23
N ARG A 57 -11.73 -7.83 -5.46
CA ARG A 57 -11.94 -7.63 -4.05
C ARG A 57 -10.98 -8.50 -3.26
N ILE A 58 -10.32 -7.93 -2.28
CA ILE A 58 -9.42 -8.70 -1.42
C ILE A 58 -9.67 -8.34 0.03
N LYS A 59 -9.30 -9.25 0.93
CA LYS A 59 -9.45 -9.01 2.36
C LYS A 59 -8.10 -8.60 2.95
N VAL A 60 -8.11 -7.53 3.73
CA VAL A 60 -6.87 -6.91 4.18
C VAL A 60 -7.15 -6.04 5.41
N ASP A 61 -6.17 -5.93 6.30
CA ASP A 61 -6.29 -4.99 7.42
C ASP A 61 -5.48 -3.72 7.20
N GLU A 62 -6.14 -2.59 7.39
CA GLU A 62 -5.47 -1.28 7.40
C GLU A 62 -5.09 -0.85 8.82
N SER A 63 -6.01 -1.04 9.74
CA SER A 63 -5.96 -0.35 11.02
C SER A 63 -5.21 -1.11 12.11
N ASP A 64 -5.31 -2.44 12.11
CA ASP A 64 -4.81 -3.22 13.25
C ASP A 64 -3.30 -3.46 13.17
N ILE A 65 -2.91 -4.25 12.18
CA ILE A 65 -1.54 -4.72 12.11
C ILE A 65 -0.60 -3.64 11.58
N ILE A 66 -0.84 -3.15 10.38
CA ILE A 66 0.07 -2.20 9.76
C ILE A 66 0.08 -0.84 10.47
N MET A 67 -1.09 -0.24 10.61
CA MET A 67 -1.19 1.11 11.18
C MET A 67 -0.66 1.14 12.61
N ALA A 68 -1.27 0.36 13.49
CA ALA A 68 -0.95 0.44 14.91
C ALA A 68 0.26 -0.43 15.28
N GLY A 69 0.22 -1.70 14.88
CA GLY A 69 1.22 -2.66 15.34
C GLY A 69 2.54 -2.58 14.59
N SER A 70 2.50 -2.16 13.34
CA SER A 70 3.70 -2.15 12.54
C SER A 70 4.45 -0.82 12.63
N ILE A 71 3.87 0.22 12.05
CA ILE A 71 4.55 1.51 11.92
C ILE A 71 4.89 2.12 13.28
N PHE A 72 3.87 2.54 14.01
CA PHE A 72 4.05 3.31 15.23
C PHE A 72 4.48 2.44 16.42
N TYR A 73 4.40 1.12 16.26
CA TYR A 73 4.71 0.23 17.37
C TYR A 73 6.15 -0.28 17.33
N HIS A 74 6.51 -1.01 16.30
CA HIS A 74 7.86 -1.58 16.25
C HIS A 74 8.78 -0.78 15.32
N GLU A 75 8.24 -0.30 14.20
CA GLU A 75 9.04 0.39 13.21
C GLU A 75 9.64 1.65 13.81
N ARG A 76 8.79 2.53 14.30
CA ARG A 76 9.23 3.76 14.93
C ARG A 76 10.26 3.46 16.03
N ALA A 77 9.96 2.47 16.86
CA ALA A 77 10.81 2.12 17.98
C ALA A 77 12.24 1.76 17.54
N ALA A 78 12.38 0.61 16.89
CA ALA A 78 13.70 0.11 16.52
C ALA A 78 14.14 0.55 15.13
N ASP A 79 13.21 0.50 14.18
CA ASP A 79 13.55 0.63 12.76
C ASP A 79 13.72 2.09 12.32
N LEU A 80 13.25 3.04 13.13
CA LEU A 80 13.27 4.45 12.74
C LEU A 80 14.67 4.91 12.30
N SER A 81 15.70 4.47 13.02
CA SER A 81 17.08 4.86 12.71
C SER A 81 17.43 4.55 11.25
N GLY A 82 17.12 3.34 10.82
CA GLY A 82 17.42 2.95 9.46
C GLY A 82 16.47 3.59 8.47
N LEU A 83 15.22 3.75 8.86
CA LEU A 83 14.20 4.28 7.98
C LEU A 83 14.46 5.75 7.68
N VAL A 84 14.75 6.54 8.71
CA VAL A 84 14.94 7.97 8.55
C VAL A 84 16.04 8.28 7.53
N GLU A 85 17.17 7.61 7.65
CA GLU A 85 18.30 7.84 6.75
C GLU A 85 17.97 7.36 5.34
N ARG A 86 17.16 6.32 5.27
CA ARG A 86 16.75 5.74 4.00
C ARG A 86 15.96 6.73 3.15
N VAL A 87 14.74 7.05 3.59
CA VAL A 87 13.86 7.96 2.86
C VAL A 87 14.51 9.35 2.76
N MET A 88 15.39 9.65 3.72
CA MET A 88 16.15 10.89 3.70
C MET A 88 16.87 11.08 2.37
N GLN A 89 17.34 9.99 1.81
CA GLN A 89 18.04 10.05 0.54
C GLN A 89 17.10 9.84 -0.64
N LEU A 90 15.89 9.33 -0.40
CA LEU A 90 15.11 8.79 -1.50
C LEU A 90 14.17 9.78 -2.20
N THR A 91 13.04 10.09 -1.56
CA THR A 91 11.91 10.68 -2.26
C THR A 91 10.99 11.55 -1.39
N GLY A 92 11.48 12.54 -0.66
CA GLY A 92 10.64 13.03 0.41
C GLY A 92 11.27 12.76 1.76
N CYS A 93 12.45 13.32 1.91
CA CYS A 93 13.47 12.92 2.85
C CYS A 93 13.06 13.00 4.34
N ASP A 94 14.10 12.93 5.18
CA ASP A 94 14.02 12.60 6.63
C ASP A 94 12.75 13.04 7.38
N GLU A 95 12.63 12.46 8.57
CA GLU A 95 11.37 12.29 9.31
C GLU A 95 10.29 13.33 9.09
N ASP A 96 10.62 14.61 9.09
CA ASP A 96 9.60 15.65 8.89
C ASP A 96 8.81 15.38 7.61
N THR A 97 9.53 15.34 6.50
CA THR A 97 8.92 15.06 5.21
C THR A 97 8.56 13.58 5.12
N ALA A 98 9.46 12.72 5.58
CA ALA A 98 9.27 11.28 5.59
C ALA A 98 8.00 10.85 6.32
N GLU A 99 7.61 11.60 7.34
CA GLU A 99 6.38 11.29 8.08
C GLU A 99 5.19 11.38 7.15
N GLU A 100 5.08 12.50 6.45
CA GLU A 100 4.06 12.70 5.44
C GLU A 100 4.24 11.70 4.31
N LEU A 101 5.48 11.34 4.08
CA LEU A 101 5.86 10.45 3.00
C LEU A 101 5.40 9.01 3.26
N ILE A 102 5.88 8.42 4.36
CA ILE A 102 5.60 7.02 4.68
C ILE A 102 4.10 6.76 4.76
N SER A 103 3.38 7.65 5.41
CA SER A 103 1.94 7.50 5.58
C SER A 103 1.18 7.98 4.35
N GLN A 104 1.86 8.77 3.51
CA GLN A 104 1.29 9.33 2.29
C GLN A 104 0.00 10.10 2.55
N ARG A 105 -0.02 10.83 3.66
CA ARG A 105 -1.20 11.63 4.01
C ARG A 105 -1.31 12.87 3.13
N ILE A 106 -0.27 13.12 2.35
CA ILE A 106 -0.29 14.21 1.37
C ILE A 106 0.32 13.74 0.06
N ASP A 107 -0.53 13.65 -0.94
CA ASP A 107 -0.12 13.24 -2.28
C ASP A 107 0.44 14.43 -3.04
N VAL A 108 1.23 14.13 -4.06
CA VAL A 108 1.78 15.16 -4.93
C VAL A 108 0.66 15.89 -5.68
N PHE A 109 -0.55 15.37 -5.54
CA PHE A 109 -1.69 15.87 -6.28
C PHE A 109 -2.18 17.17 -5.66
N ASN A 110 -2.00 17.29 -4.35
CA ASN A 110 -2.44 18.46 -3.62
C ASN A 110 -1.30 19.48 -3.50
N LEU A 111 -0.08 19.04 -3.81
CA LEU A 111 1.08 19.92 -3.77
C LEU A 111 0.93 21.07 -4.77
N ASP A 112 0.87 22.29 -4.24
CA ASP A 112 0.82 23.49 -5.08
C ASP A 112 2.18 24.16 -5.12
N ASP A 113 2.77 24.36 -3.94
CA ASP A 113 4.03 25.06 -3.80
C ASP A 113 5.16 24.31 -4.51
N ILE A 114 5.19 23.01 -4.32
CA ILE A 114 6.13 22.16 -5.01
C ILE A 114 5.47 21.66 -6.30
N ASP A 115 6.28 21.52 -7.35
CA ASP A 115 5.78 21.04 -8.64
C ASP A 115 5.07 19.71 -8.49
N ALA A 116 3.90 19.62 -9.09
CA ALA A 116 3.20 18.36 -9.17
C ALA A 116 3.60 17.64 -10.45
N SER A 117 4.60 18.19 -11.14
CA SER A 117 5.09 17.61 -12.38
C SER A 117 6.24 16.64 -12.12
N ASP A 118 7.35 17.15 -11.57
CA ASP A 118 8.54 16.33 -11.36
C ASP A 118 8.40 15.48 -10.12
N ALA A 119 7.80 16.05 -9.08
CA ALA A 119 7.51 15.30 -7.86
C ALA A 119 6.51 14.19 -8.14
N ALA A 120 5.77 14.30 -9.23
CA ALA A 120 4.86 13.24 -9.66
C ALA A 120 5.64 12.10 -10.27
N GLU A 121 6.73 12.42 -10.96
CA GLU A 121 7.63 11.40 -11.48
C GLU A 121 8.28 10.69 -10.30
N LEU A 122 8.51 11.47 -9.26
CA LEU A 122 9.09 10.96 -8.04
C LEU A 122 8.06 10.15 -7.26
N SER A 123 6.78 10.43 -7.51
CA SER A 123 5.69 9.74 -6.84
C SER A 123 5.72 8.24 -7.15
N TRP A 124 6.09 7.91 -8.37
CA TRP A 124 6.24 6.51 -8.77
C TRP A 124 7.36 5.84 -7.99
N GLU A 125 8.35 6.62 -7.60
CA GLU A 125 9.44 6.12 -6.77
C GLU A 125 8.98 6.08 -5.32
N ILE A 126 8.28 7.13 -4.90
CA ILE A 126 7.71 7.19 -3.56
C ILE A 126 6.87 5.97 -3.27
N GLN A 127 5.96 5.66 -4.19
CA GLN A 127 5.08 4.51 -4.03
C GLN A 127 5.87 3.23 -3.85
N ALA A 128 6.98 3.12 -4.56
CA ALA A 128 7.82 1.94 -4.46
C ALA A 128 8.54 1.89 -3.13
N ILE A 129 9.09 3.02 -2.70
CA ILE A 129 9.90 3.08 -1.50
C ILE A 129 9.03 3.05 -0.23
N THR A 130 7.88 3.73 -0.28
CA THR A 130 7.04 3.86 0.90
C THR A 130 6.31 2.55 1.15
N ALA A 131 6.05 1.81 0.08
CA ALA A 131 5.41 0.52 0.17
C ALA A 131 6.45 -0.56 0.42
N LYS A 132 7.71 -0.25 0.13
CA LYS A 132 8.81 -1.17 0.39
C LYS A 132 9.16 -1.16 1.87
N ALA A 133 9.02 0.00 2.50
CA ALA A 133 9.18 0.10 3.93
C ALA A 133 8.07 -0.69 4.62
N ALA A 134 6.84 -0.42 4.21
CA ALA A 134 5.68 -1.14 4.71
C ALA A 134 5.76 -2.62 4.35
N LYS A 135 6.55 -2.93 3.33
CA LYS A 135 6.77 -4.32 2.90
C LYS A 135 7.51 -5.08 4.00
N THR A 136 8.40 -4.40 4.70
CA THR A 136 9.13 -5.01 5.80
C THR A 136 8.22 -5.20 7.02
N LEU A 137 7.14 -4.42 7.03
CA LEU A 137 6.19 -4.41 8.15
C LEU A 137 5.12 -5.52 8.01
N GLY A 138 5.20 -6.30 6.94
CA GLY A 138 4.31 -7.44 6.77
C GLY A 138 2.97 -7.05 6.15
N PHE A 139 2.49 -5.87 6.45
CA PHE A 139 1.31 -5.31 5.83
C PHE A 139 1.67 -3.95 5.26
N ARG A 140 1.11 -3.58 4.13
CA ARG A 140 1.58 -2.38 3.46
C ARG A 140 0.74 -1.17 3.84
N GLY A 141 -0.58 -1.38 3.97
CA GLY A 141 -1.51 -0.38 4.52
C GLY A 141 -1.25 1.07 4.12
N VAL A 142 -0.65 1.32 2.96
CA VAL A 142 -0.22 2.67 2.63
C VAL A 142 -1.16 3.30 1.60
N SER A 143 -1.67 4.47 1.92
CA SER A 143 -2.76 5.06 1.16
C SER A 143 -2.33 6.29 0.36
N MET A 144 -2.69 6.32 -0.91
CA MET A 144 -2.57 7.52 -1.72
C MET A 144 -3.92 8.21 -1.72
N GLN A 145 -4.03 9.29 -0.98
CA GLN A 145 -5.32 9.87 -0.64
C GLN A 145 -5.92 10.66 -1.80
N ASP A 146 -6.78 10.00 -2.53
CA ASP A 146 -7.60 10.63 -3.54
C ASP A 146 -9.05 10.63 -3.08
N GLU A 147 -9.65 11.80 -3.00
CA GLU A 147 -11.07 11.89 -2.65
C GLU A 147 -11.91 11.29 -3.78
N GLN A 148 -11.21 10.91 -4.84
CA GLN A 148 -11.81 10.33 -6.02
C GLN A 148 -11.38 8.87 -6.21
N GLY A 149 -11.21 8.12 -5.14
CA GLY A 149 -10.69 6.76 -5.31
C GLY A 149 -9.37 6.50 -4.62
N THR A 150 -9.23 6.97 -3.37
CA THR A 150 -8.00 6.75 -2.58
C THR A 150 -7.42 5.36 -2.82
N CYS A 151 -6.21 5.32 -3.37
CA CYS A 151 -5.57 4.07 -3.75
C CYS A 151 -4.51 3.65 -2.75
N TYR A 152 -4.70 2.49 -2.15
CA TYR A 152 -3.71 1.93 -1.24
C TYR A 152 -2.79 0.98 -1.98
N MET A 153 -1.50 1.07 -1.67
CA MET A 153 -0.52 0.12 -2.17
C MET A 153 -0.45 -1.06 -1.21
N ILE A 154 -0.85 -2.24 -1.66
CA ILE A 154 -0.73 -3.43 -0.83
C ILE A 154 -0.10 -4.56 -1.62
N ASP A 155 0.42 -5.52 -0.90
CA ASP A 155 1.14 -6.63 -1.49
C ASP A 155 0.21 -7.81 -1.67
N MET A 156 0.15 -8.31 -2.89
CA MET A 156 -0.78 -9.40 -3.19
C MET A 156 -0.03 -10.73 -3.17
N LEU A 157 0.19 -11.24 -1.96
CA LEU A 157 0.86 -12.51 -1.75
C LEU A 157 0.02 -13.63 -2.36
N GLY A 158 0.55 -14.26 -3.39
CA GLY A 158 -0.25 -15.18 -4.17
C GLY A 158 -1.07 -14.42 -5.18
N HIS A 159 -0.53 -14.33 -6.40
CA HIS A 159 -1.09 -13.48 -7.44
C HIS A 159 -2.57 -13.72 -7.66
N ASP A 160 -2.94 -14.98 -7.84
CA ASP A 160 -4.33 -15.35 -8.08
C ASP A 160 -5.11 -15.45 -6.77
N ALA A 161 -4.39 -15.66 -5.68
CA ALA A 161 -5.01 -16.01 -4.40
C ALA A 161 -5.77 -14.84 -3.78
N GLU A 162 -5.12 -13.70 -3.64
CA GLU A 162 -5.70 -12.57 -2.93
C GLU A 162 -6.85 -11.90 -3.69
N LEU A 163 -6.73 -11.82 -5.00
CA LEU A 163 -7.71 -11.09 -5.79
C LEU A 163 -8.93 -11.94 -6.09
N VAL A 164 -10.07 -11.42 -5.70
CA VAL A 164 -11.34 -12.05 -5.99
C VAL A 164 -12.12 -11.20 -7.00
N ARG A 165 -12.30 -11.72 -8.20
CA ARG A 165 -13.02 -11.01 -9.25
C ARG A 165 -14.44 -10.72 -8.83
N VAL A 166 -14.81 -9.45 -8.91
CA VAL A 166 -16.14 -9.03 -8.54
C VAL A 166 -16.83 -8.23 -9.64
N LYS A 167 -16.04 -7.56 -10.49
CA LYS A 167 -16.58 -6.69 -11.54
C LYS A 167 -17.52 -5.62 -10.94
N GLY A 1 -20.52 -11.68 13.14
CA GLY A 1 -20.70 -13.16 13.20
C GLY A 1 -19.59 -13.82 13.99
N SER A 2 -19.83 -15.04 14.44
CA SER A 2 -18.85 -15.77 15.23
C SER A 2 -19.01 -17.27 15.07
N HIS A 3 -19.05 -17.72 13.82
CA HIS A 3 -19.05 -19.15 13.52
C HIS A 3 -17.64 -19.57 13.11
N MET A 4 -16.66 -18.83 13.63
CA MET A 4 -15.27 -18.99 13.24
C MET A 4 -14.65 -20.24 13.86
N ALA A 5 -15.32 -20.79 14.87
CA ALA A 5 -14.90 -22.05 15.46
C ALA A 5 -15.50 -23.23 14.69
N SER A 6 -16.53 -22.93 13.90
CA SER A 6 -17.17 -23.93 13.08
C SER A 6 -16.53 -23.97 11.70
N MET A 7 -16.41 -22.80 11.08
CA MET A 7 -15.77 -22.68 9.78
C MET A 7 -14.58 -21.75 9.87
N THR A 8 -13.46 -22.16 9.30
CA THR A 8 -12.22 -21.42 9.38
C THR A 8 -12.31 -20.10 8.63
N GLY A 9 -12.34 -19.01 9.40
CA GLY A 9 -12.45 -17.69 8.83
C GLY A 9 -12.33 -16.63 9.92
N GLY A 10 -12.00 -15.41 9.53
CA GLY A 10 -11.81 -14.34 10.50
C GLY A 10 -10.64 -14.61 11.42
N GLN A 11 -9.63 -15.30 10.88
CA GLN A 11 -8.48 -15.70 11.65
C GLN A 11 -7.52 -14.53 11.82
N GLN A 12 -7.34 -13.79 10.74
CA GLN A 12 -6.46 -12.63 10.75
C GLN A 12 -7.16 -11.42 11.34
N MET A 13 -6.65 -10.95 12.47
CA MET A 13 -7.25 -9.81 13.16
C MET A 13 -6.79 -8.50 12.56
N GLY A 14 -7.64 -7.48 12.63
CA GLY A 14 -7.28 -6.18 12.13
C GLY A 14 -7.26 -6.11 10.62
N ARG A 15 -7.94 -7.06 9.99
CA ARG A 15 -7.93 -7.16 8.53
C ARG A 15 -9.09 -6.42 7.92
N MET A 16 -8.91 -6.03 6.67
CA MET A 16 -9.94 -5.36 5.91
C MET A 16 -10.03 -5.95 4.51
N GLU A 17 -11.14 -5.67 3.84
CA GLU A 17 -11.37 -6.14 2.49
C GLU A 17 -11.06 -5.02 1.51
N ILE A 18 -9.92 -5.14 0.83
CA ILE A 18 -9.46 -4.10 -0.06
C ILE A 18 -9.60 -4.53 -1.51
N PHE A 19 -10.13 -3.65 -2.34
CA PHE A 19 -10.44 -3.98 -3.73
C PHE A 19 -9.89 -2.92 -4.68
N HIS A 20 -9.34 -3.38 -5.80
CA HIS A 20 -8.77 -2.48 -6.81
C HIS A 20 -9.02 -3.03 -8.20
N THR A 21 -9.29 -2.12 -9.14
CA THR A 21 -9.48 -2.48 -10.53
C THR A 21 -8.16 -2.80 -11.18
N SER A 22 -7.87 -4.08 -11.28
CA SER A 22 -6.61 -4.55 -11.79
C SER A 22 -6.86 -5.26 -13.12
N PRO A 23 -5.84 -5.86 -13.75
CA PRO A 23 -6.02 -6.76 -14.90
C PRO A 23 -7.18 -7.76 -14.72
N VAL A 24 -7.42 -8.55 -15.74
CA VAL A 24 -8.64 -9.33 -15.82
C VAL A 24 -8.33 -10.76 -15.33
N GLU A 25 -9.25 -11.72 -15.56
CA GLU A 25 -9.18 -13.09 -15.00
C GLU A 25 -7.78 -13.50 -14.57
N ILE A 26 -7.68 -13.90 -13.30
CA ILE A 26 -6.41 -13.97 -12.59
C ILE A 26 -5.31 -14.65 -13.40
N THR A 27 -4.33 -13.84 -13.79
CA THR A 27 -3.18 -14.33 -14.53
C THR A 27 -1.91 -13.66 -14.01
N THR A 28 -1.68 -12.42 -14.41
CA THR A 28 -0.52 -11.67 -13.96
C THR A 28 -0.89 -10.20 -13.71
N ILE A 29 -0.38 -9.63 -12.63
CA ILE A 29 -0.56 -8.21 -12.37
C ILE A 29 0.49 -7.42 -13.15
N ASN A 30 0.04 -6.66 -14.14
CA ASN A 30 0.94 -5.90 -14.99
C ASN A 30 0.50 -4.45 -15.11
N THR A 31 0.02 -3.89 -14.01
CA THR A 31 -0.62 -2.59 -14.03
C THR A 31 0.39 -1.42 -14.08
N GLN A 32 1.22 -1.28 -13.06
CA GLN A 32 2.14 -0.15 -13.00
C GLN A 32 3.59 -0.62 -13.03
N GLY A 33 3.93 -1.56 -12.14
CA GLY A 33 5.27 -2.13 -12.12
C GLY A 33 6.38 -1.12 -11.93
N ARG A 34 6.35 -0.40 -10.80
CA ARG A 34 7.45 0.50 -10.47
C ARG A 34 8.49 -0.21 -9.60
N PHE A 35 8.01 -0.87 -8.56
CA PHE A 35 8.88 -1.48 -7.57
C PHE A 35 8.82 -3.02 -7.64
N GLY A 36 8.58 -3.57 -8.82
CA GLY A 36 8.20 -4.96 -8.83
C GLY A 36 6.81 -5.06 -8.26
N GLU A 37 5.97 -4.17 -8.76
CA GLU A 37 4.77 -3.66 -8.08
C GLU A 37 4.10 -4.60 -7.12
N PHE A 38 3.69 -4.01 -6.00
CA PHE A 38 2.90 -4.67 -4.98
C PHE A 38 1.72 -3.77 -4.66
N LEU A 39 0.55 -4.06 -5.22
CA LEU A 39 -0.61 -3.18 -5.10
C LEU A 39 -1.93 -3.94 -5.10
N CYS A 40 -2.79 -3.67 -4.13
CA CYS A 40 -4.21 -3.93 -4.30
C CYS A 40 -5.10 -3.12 -3.36
N PHE A 41 -5.50 -1.94 -3.78
CA PHE A 41 -6.69 -1.27 -3.25
C PHE A 41 -7.06 -0.06 -4.09
N ALA A 42 -8.32 0.31 -4.06
CA ALA A 42 -8.76 1.62 -4.49
C ALA A 42 -9.99 2.00 -3.71
N ALA A 43 -10.11 3.29 -3.43
CA ALA A 43 -11.27 3.81 -2.74
C ALA A 43 -11.96 4.82 -3.62
N ASP A 44 -13.00 4.34 -4.27
CA ASP A 44 -13.75 5.10 -5.26
C ASP A 44 -14.80 4.17 -5.85
N GLU A 45 -15.75 4.71 -6.58
CA GLU A 45 -16.76 3.89 -7.24
C GLU A 45 -16.18 3.26 -8.50
N TYR A 46 -14.88 3.50 -8.70
CA TYR A 46 -14.11 2.96 -9.82
C TYR A 46 -14.34 1.47 -10.00
N VAL A 47 -14.44 0.78 -8.88
CA VAL A 47 -14.49 -0.67 -8.85
C VAL A 47 -15.89 -1.20 -9.12
N MET A 48 -16.88 -0.34 -8.91
CA MET A 48 -18.26 -0.73 -9.14
C MET A 48 -18.64 -0.50 -10.60
N THR A 49 -17.80 0.24 -11.31
CA THR A 49 -18.04 0.54 -12.71
C THR A 49 -17.04 -0.21 -13.60
N ALA A 50 -16.49 -1.28 -13.06
CA ALA A 50 -15.49 -2.08 -13.76
C ALA A 50 -16.15 -3.04 -14.75
N GLY A 51 -15.47 -3.28 -15.86
CA GLY A 51 -15.99 -4.17 -16.88
C GLY A 51 -14.88 -4.78 -17.73
N ASP A 52 -13.99 -3.93 -18.23
CA ASP A 52 -12.87 -4.39 -19.04
C ASP A 52 -11.80 -5.04 -18.17
N HIS A 53 -11.64 -4.50 -16.97
CA HIS A 53 -10.71 -5.06 -16.00
C HIS A 53 -11.49 -5.66 -14.84
N VAL A 54 -10.85 -6.48 -14.02
CA VAL A 54 -11.54 -7.05 -12.88
C VAL A 54 -10.97 -6.53 -11.57
N THR A 55 -11.85 -6.21 -10.66
CA THR A 55 -11.47 -5.77 -9.34
C THR A 55 -11.03 -6.97 -8.51
N TYR A 56 -9.94 -6.81 -7.75
CA TYR A 56 -9.49 -7.86 -6.85
C TYR A 56 -9.69 -7.42 -5.40
N ARG A 57 -10.27 -8.29 -4.58
CA ARG A 57 -10.48 -8.01 -3.17
C ARG A 57 -9.63 -8.92 -2.30
N ILE A 58 -8.86 -8.34 -1.39
CA ILE A 58 -7.96 -9.10 -0.53
C ILE A 58 -8.06 -8.63 0.94
N LYS A 59 -7.68 -9.50 1.88
CA LYS A 59 -7.62 -9.16 3.29
C LYS A 59 -6.23 -8.73 3.71
N VAL A 60 -6.14 -7.65 4.49
CA VAL A 60 -4.86 -7.09 4.89
C VAL A 60 -5.04 -6.19 6.12
N ASP A 61 -3.97 -5.94 6.88
CA ASP A 61 -4.03 -4.97 7.97
C ASP A 61 -3.19 -3.75 7.61
N GLU A 62 -3.73 -2.56 7.83
CA GLU A 62 -3.03 -1.33 7.49
C GLU A 62 -2.25 -0.76 8.68
N SER A 63 -2.98 -0.19 9.61
CA SER A 63 -2.38 0.51 10.72
C SER A 63 -2.18 -0.44 11.89
N ASP A 64 -2.26 -1.74 11.63
CA ASP A 64 -2.23 -2.69 12.72
C ASP A 64 -0.80 -3.08 13.09
N ILE A 65 -0.18 -3.93 12.28
CA ILE A 65 1.21 -4.31 12.53
C ILE A 65 2.17 -3.48 11.67
N ILE A 66 1.83 -3.33 10.40
CA ILE A 66 2.74 -2.81 9.39
C ILE A 66 3.11 -1.35 9.63
N MET A 67 2.14 -0.48 9.37
CA MET A 67 2.41 0.95 9.25
C MET A 67 2.92 1.58 10.54
N ALA A 68 2.53 1.04 11.68
CA ALA A 68 2.84 1.70 12.94
C ALA A 68 4.17 1.23 13.54
N GLY A 69 4.25 -0.05 13.87
CA GLY A 69 5.40 -0.54 14.62
C GLY A 69 6.53 -1.10 13.78
N SER A 70 6.17 -1.89 12.78
CA SER A 70 7.11 -2.81 12.17
C SER A 70 7.91 -2.25 11.00
N ILE A 71 7.52 -1.08 10.47
CA ILE A 71 7.87 -0.66 9.10
C ILE A 71 9.23 -1.18 8.60
N PHE A 72 10.37 -0.70 9.08
CA PHE A 72 11.59 -1.40 8.70
C PHE A 72 11.85 -2.55 9.64
N TYR A 73 12.28 -2.26 10.86
CA TYR A 73 12.23 -3.24 11.94
C TYR A 73 11.46 -2.70 13.14
N HIS A 74 12.10 -1.73 13.79
CA HIS A 74 11.63 -1.10 15.01
C HIS A 74 11.13 0.31 14.75
N GLU A 75 10.53 0.49 13.59
CA GLU A 75 10.34 1.81 12.97
C GLU A 75 9.66 2.89 13.84
N ARG A 76 9.18 2.55 15.03
CA ARG A 76 8.75 3.60 15.96
C ARG A 76 9.97 4.24 16.61
N ALA A 77 10.77 3.41 17.27
CA ALA A 77 12.00 3.88 17.90
C ALA A 77 12.99 4.32 16.83
N ALA A 78 13.00 3.62 15.71
CA ALA A 78 13.89 3.94 14.61
C ALA A 78 13.35 5.11 13.80
N ASP A 79 12.08 5.44 14.02
CA ASP A 79 11.43 6.57 13.34
C ASP A 79 12.20 7.85 13.62
N LEU A 80 12.53 8.04 14.90
CA LEU A 80 13.19 9.27 15.33
C LEU A 80 14.44 9.56 14.51
N SER A 81 15.52 8.83 14.74
CA SER A 81 16.77 9.13 14.07
C SER A 81 16.82 8.53 12.66
N GLY A 82 16.51 7.25 12.56
CA GLY A 82 16.66 6.53 11.32
C GLY A 82 15.73 7.00 10.22
N LEU A 83 14.44 7.07 10.52
CA LEU A 83 13.44 7.40 9.50
C LEU A 83 13.66 8.81 8.95
N VAL A 84 13.96 9.78 9.82
CA VAL A 84 14.23 11.14 9.36
C VAL A 84 15.27 11.16 8.24
N GLU A 85 16.35 10.42 8.43
CA GLU A 85 17.45 10.40 7.47
C GLU A 85 17.08 9.60 6.22
N ARG A 86 16.39 8.48 6.44
CA ARG A 86 16.05 7.56 5.37
C ARG A 86 15.30 8.25 4.22
N VAL A 87 14.08 8.68 4.50
CA VAL A 87 13.21 9.24 3.46
C VAL A 87 13.75 10.57 2.93
N MET A 88 14.52 11.28 3.76
CA MET A 88 15.19 12.49 3.33
C MET A 88 16.11 12.21 2.16
N GLN A 89 16.73 11.05 2.19
CA GLN A 89 17.65 10.64 1.14
C GLN A 89 16.93 9.88 0.03
N LEU A 90 15.71 9.41 0.33
CA LEU A 90 14.97 8.58 -0.62
C LEU A 90 14.41 9.41 -1.78
N THR A 91 13.53 10.35 -1.47
CA THR A 91 12.91 11.17 -2.50
C THR A 91 13.10 12.66 -2.24
N GLY A 92 14.14 12.98 -1.47
CA GLY A 92 14.46 14.36 -1.17
C GLY A 92 13.41 15.03 -0.30
N CYS A 93 12.68 14.22 0.45
CA CYS A 93 11.63 14.72 1.31
C CYS A 93 12.20 15.32 2.58
N ASP A 94 11.56 16.37 3.06
CA ASP A 94 11.94 16.99 4.31
C ASP A 94 11.29 16.25 5.45
N GLU A 95 11.82 16.40 6.65
CA GLU A 95 11.40 15.60 7.81
C GLU A 95 9.88 15.59 7.99
N ASP A 96 9.25 16.75 7.82
CA ASP A 96 7.80 16.87 8.00
C ASP A 96 7.06 15.96 7.02
N THR A 97 7.46 16.05 5.76
CA THR A 97 6.87 15.23 4.71
C THR A 97 7.33 13.79 4.86
N ALA A 98 8.53 13.61 5.37
CA ALA A 98 9.10 12.31 5.66
C ALA A 98 8.20 11.47 6.57
N GLU A 99 7.65 12.10 7.60
CA GLU A 99 6.74 11.43 8.51
C GLU A 99 5.50 10.96 7.77
N GLU A 100 5.00 11.81 6.89
CA GLU A 100 3.81 11.52 6.11
C GLU A 100 4.12 10.52 5.01
N LEU A 101 5.39 10.45 4.64
CA LEU A 101 5.85 9.65 3.51
C LEU A 101 5.69 8.15 3.78
N ILE A 102 6.38 7.64 4.78
CA ILE A 102 6.36 6.20 5.07
C ILE A 102 4.94 5.75 5.43
N SER A 103 4.22 6.60 6.14
CA SER A 103 2.85 6.30 6.51
C SER A 103 1.89 6.55 5.34
N GLN A 104 2.40 7.26 4.34
CA GLN A 104 1.65 7.61 3.12
C GLN A 104 0.32 8.29 3.45
N ARG A 105 0.38 9.28 4.33
CA ARG A 105 -0.81 10.02 4.73
C ARG A 105 -1.29 10.93 3.61
N ILE A 106 -0.37 11.39 2.79
CA ILE A 106 -0.67 12.35 1.74
C ILE A 106 0.13 12.04 0.49
N ASP A 107 -0.55 11.99 -0.64
CA ASP A 107 0.10 11.75 -1.93
C ASP A 107 0.21 13.07 -2.69
N VAL A 108 0.59 13.00 -3.94
CA VAL A 108 0.67 14.19 -4.79
C VAL A 108 -0.73 14.67 -5.18
N PHE A 109 -1.73 13.85 -4.88
CA PHE A 109 -3.09 14.07 -5.32
C PHE A 109 -3.73 15.27 -4.63
N ASN A 110 -3.58 15.36 -3.32
CA ASN A 110 -4.27 16.38 -2.54
C ASN A 110 -3.37 17.61 -2.31
N LEU A 111 -2.16 17.58 -2.88
CA LEU A 111 -1.24 18.71 -2.76
C LEU A 111 -1.80 19.95 -3.45
N ASP A 112 -2.02 21.01 -2.67
CA ASP A 112 -2.55 22.25 -3.20
C ASP A 112 -1.45 23.29 -3.38
N ASP A 113 -0.54 23.37 -2.41
CA ASP A 113 0.53 24.35 -2.45
C ASP A 113 1.74 23.80 -3.18
N ILE A 114 2.22 22.66 -2.71
CA ILE A 114 3.38 22.00 -3.31
C ILE A 114 3.04 21.57 -4.73
N ASP A 115 3.99 21.79 -5.65
CA ASP A 115 3.78 21.51 -7.07
C ASP A 115 3.43 20.05 -7.30
N ALA A 116 2.20 19.82 -7.73
CA ALA A 116 1.71 18.48 -7.99
C ALA A 116 2.22 17.96 -9.33
N SER A 117 3.12 18.73 -9.94
CA SER A 117 3.72 18.35 -11.19
C SER A 117 4.95 17.46 -10.95
N ASP A 118 6.00 18.05 -10.38
CA ASP A 118 7.23 17.33 -10.12
C ASP A 118 7.01 16.26 -9.05
N ALA A 119 6.21 16.61 -8.04
CA ALA A 119 5.93 15.68 -6.95
C ALA A 119 5.21 14.44 -7.47
N ALA A 120 4.53 14.58 -8.60
CA ALA A 120 3.85 13.45 -9.23
C ALA A 120 4.87 12.45 -9.75
N GLU A 121 5.97 12.97 -10.27
CA GLU A 121 7.06 12.12 -10.74
C GLU A 121 7.63 11.34 -9.57
N LEU A 122 7.85 12.04 -8.47
CA LEU A 122 8.40 11.44 -7.27
C LEU A 122 7.41 10.47 -6.62
N SER A 123 6.12 10.72 -6.81
CA SER A 123 5.08 9.83 -6.27
C SER A 123 5.29 8.40 -6.73
N TRP A 124 5.71 8.25 -7.98
CA TRP A 124 5.98 6.93 -8.54
C TRP A 124 7.14 6.26 -7.83
N GLU A 125 8.09 7.06 -7.32
CA GLU A 125 9.21 6.51 -6.61
C GLU A 125 8.84 6.30 -5.16
N ILE A 126 8.01 7.20 -4.63
CA ILE A 126 7.49 7.08 -3.28
C ILE A 126 6.79 5.75 -3.09
N GLN A 127 5.95 5.39 -4.05
CA GLN A 127 5.25 4.12 -4.04
C GLN A 127 6.24 2.96 -3.94
N ALA A 128 7.33 3.06 -4.69
CA ALA A 128 8.35 2.04 -4.70
C ALA A 128 9.04 1.96 -3.34
N ILE A 129 9.42 3.11 -2.80
CA ILE A 129 10.20 3.16 -1.56
C ILE A 129 9.34 2.84 -0.33
N THR A 130 8.07 3.25 -0.35
CA THR A 130 7.20 3.00 0.79
C THR A 130 6.82 1.52 0.85
N ALA A 131 6.78 0.90 -0.33
CA ALA A 131 6.50 -0.53 -0.43
C ALA A 131 7.76 -1.32 -0.14
N LYS A 132 8.91 -0.65 -0.15
CA LYS A 132 10.19 -1.29 0.12
C LYS A 132 10.35 -1.55 1.60
N ALA A 133 10.00 -0.58 2.42
CA ALA A 133 10.04 -0.74 3.86
C ALA A 133 9.05 -1.82 4.30
N ALA A 134 7.82 -1.64 3.87
CA ALA A 134 6.77 -2.57 4.22
C ALA A 134 7.01 -3.95 3.59
N LYS A 135 7.86 -3.98 2.55
CA LYS A 135 8.31 -5.23 1.96
C LYS A 135 9.03 -6.07 2.99
N THR A 136 9.76 -5.41 3.89
CA THR A 136 10.49 -6.08 4.95
C THR A 136 9.53 -6.90 5.81
N LEU A 137 8.35 -6.35 6.06
CA LEU A 137 7.35 -7.04 6.86
C LEU A 137 6.73 -8.22 6.13
N GLY A 138 6.49 -8.04 4.84
CA GLY A 138 5.88 -9.09 4.05
C GLY A 138 4.54 -8.65 3.48
N PHE A 139 3.89 -7.74 4.19
CA PHE A 139 2.68 -7.09 3.72
C PHE A 139 2.94 -5.60 3.68
N ARG A 140 2.50 -4.92 2.63
CA ARG A 140 2.91 -3.53 2.44
C ARG A 140 1.93 -2.51 3.05
N GLY A 141 0.64 -2.82 3.00
CA GLY A 141 -0.39 -2.02 3.69
C GLY A 141 -0.20 -0.49 3.64
N VAL A 142 0.07 0.07 2.47
CA VAL A 142 0.28 1.52 2.35
C VAL A 142 -0.82 2.20 1.53
N SER A 143 -1.09 3.46 1.83
CA SER A 143 -2.20 4.20 1.19
C SER A 143 -1.70 5.29 0.24
N MET A 144 -2.16 5.23 -1.00
CA MET A 144 -1.84 6.24 -2.01
C MET A 144 -3.08 7.06 -2.31
N GLN A 145 -2.89 8.15 -3.03
CA GLN A 145 -4.00 8.93 -3.55
C GLN A 145 -3.86 9.05 -5.06
N ASP A 146 -4.70 8.31 -5.77
CA ASP A 146 -4.57 8.17 -7.22
C ASP A 146 -5.73 8.89 -7.92
N GLU A 147 -5.89 8.68 -9.22
CA GLU A 147 -7.04 9.17 -9.96
C GLU A 147 -8.33 8.63 -9.34
N GLN A 148 -8.26 7.40 -8.87
CA GLN A 148 -9.38 6.76 -8.15
C GLN A 148 -9.32 7.16 -6.67
N GLY A 149 -8.55 8.21 -6.43
CA GLY A 149 -8.41 8.88 -5.14
C GLY A 149 -7.76 8.07 -4.04
N THR A 150 -7.96 6.77 -3.99
CA THR A 150 -7.12 5.94 -3.13
C THR A 150 -6.55 4.74 -3.87
N CYS A 151 -5.38 4.31 -3.44
CA CYS A 151 -4.79 3.06 -3.91
C CYS A 151 -3.91 2.50 -2.80
N TYR A 152 -4.07 1.25 -2.43
CA TYR A 152 -3.15 0.68 -1.47
C TYR A 152 -2.17 -0.23 -2.15
N MET A 153 -0.91 -0.03 -1.83
CA MET A 153 0.17 -0.87 -2.33
C MET A 153 0.34 -2.08 -1.41
N ILE A 154 -0.20 -3.24 -1.79
CA ILE A 154 0.07 -4.47 -1.06
C ILE A 154 0.42 -5.57 -2.03
N ASP A 155 1.24 -6.45 -1.56
CA ASP A 155 1.77 -7.54 -2.34
C ASP A 155 0.68 -8.42 -2.93
N MET A 156 0.35 -8.14 -4.18
CA MET A 156 -0.42 -9.06 -4.99
C MET A 156 0.49 -10.20 -5.40
N LEU A 157 0.71 -11.09 -4.44
CA LEU A 157 1.70 -12.17 -4.53
C LEU A 157 1.32 -13.21 -5.57
N GLY A 158 2.31 -14.04 -5.94
CA GLY A 158 2.05 -15.22 -6.76
C GLY A 158 1.04 -16.13 -6.10
N HIS A 159 0.89 -15.96 -4.79
CA HIS A 159 -0.22 -16.50 -4.00
C HIS A 159 -1.54 -15.82 -4.39
N ASP A 160 -1.62 -15.37 -5.65
CA ASP A 160 -2.73 -14.57 -6.22
C ASP A 160 -4.14 -15.02 -5.84
N ALA A 161 -4.26 -16.17 -5.20
CA ALA A 161 -5.53 -16.59 -4.63
C ALA A 161 -6.06 -15.53 -3.66
N GLU A 162 -5.15 -14.70 -3.14
CA GLU A 162 -5.52 -13.57 -2.30
C GLU A 162 -6.29 -12.52 -3.08
N LEU A 163 -5.89 -12.27 -4.33
CA LEU A 163 -6.64 -11.37 -5.18
C LEU A 163 -7.92 -12.06 -5.64
N VAL A 164 -8.99 -11.83 -4.90
CA VAL A 164 -10.26 -12.44 -5.21
C VAL A 164 -11.03 -11.57 -6.19
N ARG A 165 -11.31 -12.11 -7.37
CA ARG A 165 -12.04 -11.36 -8.38
C ARG A 165 -13.41 -10.96 -7.89
N VAL A 166 -13.65 -9.66 -7.92
CA VAL A 166 -14.94 -9.12 -7.59
C VAL A 166 -15.49 -8.31 -8.76
N LYS A 167 -14.68 -8.18 -9.81
CA LYS A 167 -15.08 -7.56 -11.07
C LYS A 167 -15.75 -6.21 -10.84
N GLY A 1 5.19 -29.47 6.15
CA GLY A 1 5.63 -28.25 6.88
C GLY A 1 4.82 -28.03 8.15
N SER A 2 5.39 -27.29 9.08
CA SER A 2 4.70 -26.98 10.33
C SER A 2 4.14 -25.56 10.28
N HIS A 3 3.83 -25.00 11.45
CA HIS A 3 3.20 -23.69 11.55
C HIS A 3 1.80 -23.73 10.97
N MET A 4 1.23 -24.93 10.96
CA MET A 4 -0.11 -25.16 10.44
C MET A 4 -1.11 -25.24 11.57
N ALA A 5 -0.65 -25.12 12.81
CA ALA A 5 -1.51 -25.18 13.96
C ALA A 5 -2.32 -23.89 14.10
N SER A 6 -1.74 -22.79 13.64
CA SER A 6 -2.41 -21.50 13.70
C SER A 6 -3.29 -21.29 12.47
N MET A 7 -2.66 -21.04 11.32
CA MET A 7 -3.37 -20.81 10.06
C MET A 7 -4.38 -19.66 10.19
N THR A 8 -5.19 -19.48 9.17
CA THR A 8 -6.20 -18.43 9.18
C THR A 8 -7.48 -18.90 9.88
N GLY A 9 -7.60 -18.54 11.15
CA GLY A 9 -8.75 -18.94 11.93
C GLY A 9 -9.38 -17.78 12.67
N GLY A 10 -9.76 -16.76 11.93
CA GLY A 10 -10.35 -15.58 12.52
C GLY A 10 -9.36 -14.79 13.35
N GLN A 11 -8.10 -14.81 12.92
CA GLN A 11 -7.05 -14.10 13.63
C GLN A 11 -7.03 -12.64 13.22
N GLN A 12 -7.01 -12.42 11.91
CA GLN A 12 -7.00 -11.08 11.36
C GLN A 12 -8.41 -10.50 11.43
N MET A 13 -8.65 -9.67 12.44
CA MET A 13 -9.98 -9.14 12.71
C MET A 13 -10.21 -7.81 12.01
N GLY A 14 -11.29 -7.74 11.24
CA GLY A 14 -11.66 -6.49 10.59
C GLY A 14 -10.80 -6.16 9.40
N ARG A 15 -11.17 -6.68 8.24
CA ARG A 15 -10.41 -6.44 7.03
C ARG A 15 -10.97 -5.28 6.22
N MET A 16 -10.07 -4.66 5.49
CA MET A 16 -10.40 -3.59 4.58
C MET A 16 -10.45 -4.14 3.16
N GLU A 17 -11.65 -4.24 2.61
CA GLU A 17 -11.80 -4.73 1.25
C GLU A 17 -11.36 -3.68 0.25
N ILE A 18 -10.23 -3.92 -0.39
CA ILE A 18 -9.65 -2.96 -1.32
C ILE A 18 -9.79 -3.45 -2.75
N PHE A 19 -9.98 -2.52 -3.67
CA PHE A 19 -10.29 -2.86 -5.06
C PHE A 19 -9.23 -2.32 -6.02
N HIS A 20 -9.30 -2.78 -7.26
CA HIS A 20 -8.57 -2.18 -8.37
C HIS A 20 -9.18 -2.58 -9.69
N THR A 21 -9.38 -1.61 -10.56
CA THR A 21 -9.95 -1.84 -11.87
C THR A 21 -8.89 -1.73 -12.96
N SER A 22 -8.98 -2.61 -13.96
CA SER A 22 -8.08 -2.59 -15.09
C SER A 22 -8.72 -3.32 -16.27
N PRO A 23 -8.16 -3.22 -17.49
CA PRO A 23 -8.60 -4.04 -18.62
C PRO A 23 -8.64 -5.51 -18.23
N VAL A 24 -9.14 -6.40 -19.06
CA VAL A 24 -9.55 -7.69 -18.55
C VAL A 24 -8.48 -8.73 -18.75
N GLU A 25 -8.21 -9.41 -17.67
CA GLU A 25 -7.14 -10.35 -17.63
C GLU A 25 -7.54 -11.71 -17.09
N ILE A 26 -6.81 -12.72 -17.53
CA ILE A 26 -6.70 -13.98 -16.81
C ILE A 26 -5.22 -14.32 -16.74
N THR A 27 -4.54 -13.82 -15.73
CA THR A 27 -3.09 -13.92 -15.70
C THR A 27 -2.53 -13.92 -14.28
N THR A 28 -1.21 -13.87 -14.20
CA THR A 28 -0.50 -13.78 -12.94
C THR A 28 -0.33 -12.31 -12.52
N ILE A 29 -0.06 -12.10 -11.24
CA ILE A 29 0.17 -10.76 -10.70
C ILE A 29 1.55 -10.24 -11.11
N ASN A 30 1.53 -9.07 -11.74
CA ASN A 30 2.72 -8.44 -12.30
C ASN A 30 3.78 -8.20 -11.24
N THR A 31 3.39 -7.58 -10.11
CA THR A 31 4.28 -7.34 -8.96
C THR A 31 5.68 -6.91 -9.38
N GLN A 32 5.75 -6.04 -10.37
CA GLN A 32 7.02 -5.67 -10.96
C GLN A 32 7.27 -4.19 -10.77
N GLY A 33 6.62 -3.61 -9.77
CA GLY A 33 6.79 -2.21 -9.46
C GLY A 33 8.16 -1.91 -8.87
N ARG A 34 8.38 -0.67 -8.50
CA ARG A 34 9.68 -0.19 -8.03
C ARG A 34 10.15 -0.87 -6.74
N PHE A 35 9.25 -1.52 -6.02
CA PHE A 35 9.61 -2.19 -4.79
C PHE A 35 9.86 -3.68 -5.04
N GLY A 36 9.36 -4.15 -6.17
CA GLY A 36 9.45 -5.55 -6.53
C GLY A 36 8.36 -6.39 -5.88
N GLU A 37 7.74 -5.85 -4.83
CA GLU A 37 6.48 -6.38 -4.33
C GLU A 37 5.43 -5.32 -4.55
N PHE A 38 4.58 -5.52 -5.54
CA PHE A 38 3.66 -4.46 -5.91
C PHE A 38 2.31 -5.00 -6.36
N LEU A 39 1.27 -4.55 -5.69
CA LEU A 39 -0.07 -4.63 -6.22
C LEU A 39 -0.74 -3.28 -6.07
N CYS A 40 -1.48 -2.92 -7.09
CA CYS A 40 -2.10 -1.61 -7.12
C CYS A 40 -3.54 -1.69 -6.69
N PHE A 41 -3.91 -0.88 -5.71
CA PHE A 41 -5.28 -0.83 -5.24
C PHE A 41 -5.77 0.59 -5.20
N ALA A 42 -7.07 0.75 -5.06
CA ALA A 42 -7.66 2.07 -4.91
C ALA A 42 -9.00 1.98 -4.22
N ALA A 43 -9.29 3.01 -3.44
CA ALA A 43 -10.55 3.10 -2.74
C ALA A 43 -11.28 4.37 -3.15
N ASP A 44 -12.39 4.18 -3.86
CA ASP A 44 -13.26 5.27 -4.32
C ASP A 44 -14.28 4.70 -5.30
N GLU A 45 -14.85 5.54 -6.16
CA GLU A 45 -15.84 5.12 -7.13
C GLU A 45 -15.15 4.55 -8.36
N TYR A 46 -13.84 4.39 -8.26
CA TYR A 46 -13.00 3.94 -9.37
C TYR A 46 -13.25 2.46 -9.67
N VAL A 47 -14.17 1.87 -8.93
CA VAL A 47 -14.47 0.44 -9.03
C VAL A 47 -15.84 0.24 -9.63
N MET A 48 -16.55 1.34 -9.83
CA MET A 48 -17.88 1.30 -10.42
C MET A 48 -17.77 0.99 -11.91
N THR A 49 -16.54 0.99 -12.41
CA THR A 49 -16.28 0.68 -13.80
C THR A 49 -16.12 -0.83 -14.00
N ALA A 50 -16.75 -1.58 -13.10
CA ALA A 50 -16.75 -3.04 -13.15
C ALA A 50 -17.66 -3.55 -14.25
N GLY A 51 -17.50 -4.83 -14.58
CA GLY A 51 -18.27 -5.42 -15.66
C GLY A 51 -17.39 -6.06 -16.70
N ASP A 52 -16.80 -5.23 -17.55
CA ASP A 52 -15.91 -5.72 -18.60
C ASP A 52 -14.48 -5.80 -18.08
N HIS A 53 -14.17 -4.94 -17.13
CA HIS A 53 -12.81 -4.82 -16.61
C HIS A 53 -12.61 -5.74 -15.40
N VAL A 54 -11.39 -6.27 -15.24
CA VAL A 54 -11.09 -7.14 -14.12
C VAL A 54 -10.77 -6.31 -12.87
N THR A 55 -11.77 -6.17 -12.02
CA THR A 55 -11.58 -5.56 -10.72
C THR A 55 -11.20 -6.65 -9.72
N TYR A 56 -10.31 -6.34 -8.78
CA TYR A 56 -9.95 -7.29 -7.74
C TYR A 56 -10.30 -6.73 -6.37
N ARG A 57 -10.89 -7.58 -5.53
CA ARG A 57 -11.18 -7.21 -4.16
C ARG A 57 -10.43 -8.12 -3.20
N ILE A 58 -9.62 -7.52 -2.35
CA ILE A 58 -8.87 -8.29 -1.38
C ILE A 58 -9.18 -7.82 0.03
N LYS A 59 -8.99 -8.71 0.98
CA LYS A 59 -9.19 -8.38 2.39
C LYS A 59 -7.86 -8.01 3.02
N VAL A 60 -7.84 -6.95 3.82
CA VAL A 60 -6.59 -6.44 4.37
C VAL A 60 -6.85 -5.73 5.72
N ASP A 61 -6.46 -6.36 6.80
CA ASP A 61 -6.77 -5.86 8.13
C ASP A 61 -5.85 -4.69 8.53
N GLU A 62 -6.29 -3.48 8.21
CA GLU A 62 -5.55 -2.28 8.57
C GLU A 62 -5.55 -2.09 10.07
N SER A 63 -6.75 -2.03 10.63
CA SER A 63 -6.93 -1.74 12.04
C SER A 63 -6.38 -2.85 12.93
N ASP A 64 -6.05 -4.00 12.36
CA ASP A 64 -5.67 -5.14 13.20
C ASP A 64 -4.15 -5.34 13.25
N ILE A 65 -3.56 -5.79 12.16
CA ILE A 65 -2.13 -6.03 12.15
C ILE A 65 -1.35 -4.72 11.97
N ILE A 66 -1.79 -3.89 11.05
CA ILE A 66 -1.04 -2.71 10.67
C ILE A 66 -1.12 -1.63 11.76
N MET A 67 -2.30 -1.05 11.92
CA MET A 67 -2.48 0.10 12.81
C MET A 67 -2.17 -0.25 14.26
N ALA A 68 -2.66 -1.39 14.72
CA ALA A 68 -2.51 -1.79 16.10
C ALA A 68 -1.10 -2.30 16.41
N GLY A 69 -0.68 -3.31 15.68
CA GLY A 69 0.59 -3.95 15.99
C GLY A 69 1.77 -3.33 15.27
N SER A 70 1.76 -3.40 13.95
CA SER A 70 2.93 -3.10 13.14
C SER A 70 3.35 -1.64 13.23
N ILE A 71 2.43 -0.70 13.05
CA ILE A 71 2.79 0.71 13.10
C ILE A 71 3.25 1.08 14.52
N PHE A 72 2.79 0.32 15.51
CA PHE A 72 3.25 0.50 16.86
C PHE A 72 4.65 -0.12 17.03
N TYR A 73 4.97 -1.04 16.13
CA TYR A 73 6.28 -1.70 16.10
C TYR A 73 7.26 -0.90 15.22
N HIS A 74 6.85 0.32 14.86
CA HIS A 74 7.67 1.28 14.10
C HIS A 74 9.05 1.61 14.74
N GLU A 75 9.67 0.63 15.39
CA GLU A 75 11.00 0.81 15.97
C GLU A 75 11.99 1.35 14.94
N ARG A 76 11.79 0.97 13.67
CA ARG A 76 12.67 1.43 12.59
C ARG A 76 12.42 2.91 12.28
N ALA A 77 11.31 3.45 12.78
CA ALA A 77 11.03 4.87 12.63
C ALA A 77 11.84 5.67 13.64
N ALA A 78 12.33 4.98 14.67
CA ALA A 78 13.30 5.58 15.58
C ALA A 78 14.69 5.51 14.95
N ASP A 79 14.85 4.56 14.04
CA ASP A 79 16.05 4.41 13.23
C ASP A 79 16.13 5.50 12.18
N LEU A 80 15.02 6.25 12.06
CA LEU A 80 14.85 7.38 11.13
C LEU A 80 16.12 8.20 10.88
N SER A 81 17.06 8.22 11.83
CA SER A 81 18.34 8.89 11.63
C SER A 81 19.02 8.41 10.34
N GLY A 82 18.97 7.11 10.10
CA GLY A 82 19.50 6.55 8.88
C GLY A 82 18.55 6.73 7.72
N LEU A 83 17.26 6.78 8.04
CA LEU A 83 16.22 6.91 7.02
C LEU A 83 16.22 8.31 6.43
N VAL A 84 16.36 9.34 7.27
CA VAL A 84 16.36 10.72 6.80
C VAL A 84 17.40 10.91 5.70
N GLU A 85 18.63 10.48 5.97
CA GLU A 85 19.71 10.61 4.99
C GLU A 85 19.42 9.80 3.72
N ARG A 86 18.57 8.80 3.88
CA ARG A 86 18.17 7.94 2.77
C ARG A 86 17.10 8.60 1.90
N VAL A 87 15.89 8.72 2.44
CA VAL A 87 14.74 9.19 1.66
C VAL A 87 14.89 10.66 1.22
N MET A 88 15.59 11.46 2.02
CA MET A 88 15.86 12.84 1.63
C MET A 88 16.59 12.91 0.28
N GLN A 89 17.44 11.93 0.03
CA GLN A 89 18.15 11.89 -1.23
C GLN A 89 17.39 11.10 -2.28
N LEU A 90 16.54 10.18 -1.81
CA LEU A 90 15.77 9.32 -2.71
C LEU A 90 14.79 10.13 -3.55
N THR A 91 13.87 10.81 -2.89
CA THR A 91 12.80 11.51 -3.58
C THR A 91 12.72 12.97 -3.13
N GLY A 92 13.82 13.48 -2.58
CA GLY A 92 13.86 14.88 -2.18
C GLY A 92 12.95 15.19 -1.01
N CYS A 93 12.54 14.16 -0.29
CA CYS A 93 11.65 14.32 0.84
C CYS A 93 12.41 14.76 2.08
N ASP A 94 12.00 15.87 2.67
CA ASP A 94 12.60 16.34 3.92
C ASP A 94 12.39 15.31 5.01
N GLU A 95 13.14 15.39 6.10
CA GLU A 95 12.99 14.44 7.19
C GLU A 95 11.54 14.40 7.67
N ASP A 96 10.92 15.58 7.68
CA ASP A 96 9.51 15.72 8.03
C ASP A 96 8.66 14.79 7.17
N THR A 97 8.75 14.96 5.86
CA THR A 97 8.03 14.13 4.91
C THR A 97 8.47 12.67 5.03
N ALA A 98 9.77 12.47 5.24
CA ALA A 98 10.35 11.14 5.41
C ALA A 98 9.74 10.39 6.60
N GLU A 99 9.27 11.13 7.61
CA GLU A 99 8.58 10.50 8.73
C GLU A 99 7.16 10.14 8.35
N GLU A 100 6.50 11.04 7.62
CA GLU A 100 5.15 10.80 7.12
C GLU A 100 5.15 9.70 6.09
N LEU A 101 6.32 9.47 5.53
CA LEU A 101 6.54 8.47 4.47
C LEU A 101 5.94 7.11 4.84
N ILE A 102 6.18 6.68 6.08
CA ILE A 102 5.79 5.34 6.53
C ILE A 102 4.32 5.03 6.25
N SER A 103 3.44 5.96 6.60
CA SER A 103 2.01 5.75 6.41
C SER A 103 1.47 6.67 5.31
N GLN A 104 2.39 7.31 4.60
CA GLN A 104 2.07 8.35 3.63
C GLN A 104 1.08 9.35 4.20
N ARG A 105 1.49 10.01 5.27
CA ARG A 105 0.67 11.02 5.93
C ARG A 105 0.62 12.32 5.13
N ILE A 106 0.95 12.21 3.85
CA ILE A 106 0.84 13.30 2.91
C ILE A 106 0.80 12.75 1.49
N ASP A 107 -0.37 12.82 0.88
CA ASP A 107 -0.54 12.38 -0.49
C ASP A 107 0.18 13.34 -1.43
N VAL A 108 0.72 12.78 -2.50
CA VAL A 108 1.44 13.54 -3.52
C VAL A 108 0.57 14.64 -4.12
N PHE A 109 -0.72 14.62 -3.78
CA PHE A 109 -1.68 15.54 -4.34
C PHE A 109 -1.75 16.81 -3.50
N ASN A 110 -1.45 16.64 -2.21
CA ASN A 110 -1.63 17.70 -1.23
C ASN A 110 -0.31 18.40 -0.94
N LEU A 111 0.71 18.11 -1.76
CA LEU A 111 2.04 18.71 -1.61
C LEU A 111 2.00 20.24 -1.63
N ASP A 112 3.15 20.85 -1.33
CA ASP A 112 3.30 22.30 -1.04
C ASP A 112 2.19 23.20 -1.59
N ASP A 113 1.91 23.12 -2.88
CA ASP A 113 0.78 23.84 -3.46
C ASP A 113 -0.17 22.84 -4.05
N ILE A 114 -0.01 22.58 -5.36
CA ILE A 114 -0.56 21.39 -6.00
C ILE A 114 0.14 21.15 -7.33
N ASP A 115 1.33 20.57 -7.28
CA ASP A 115 1.93 20.02 -8.48
C ASP A 115 2.11 18.54 -8.31
N ALA A 116 1.04 17.80 -8.46
CA ALA A 116 1.11 16.36 -8.34
C ALA A 116 1.35 15.75 -9.72
N SER A 117 1.82 16.59 -10.62
CA SER A 117 2.22 16.16 -11.94
C SER A 117 3.69 15.77 -11.96
N ASP A 118 4.56 16.68 -11.52
CA ASP A 118 5.99 16.38 -11.49
C ASP A 118 6.29 15.55 -10.27
N ALA A 119 5.49 15.75 -9.22
CA ALA A 119 5.62 14.97 -8.02
C ALA A 119 5.10 13.56 -8.25
N ALA A 120 4.23 13.39 -9.25
CA ALA A 120 3.74 12.07 -9.63
C ALA A 120 4.87 11.21 -10.15
N GLU A 121 5.83 11.86 -10.81
CA GLU A 121 7.04 11.19 -11.24
C GLU A 121 7.74 10.55 -10.04
N LEU A 122 7.92 11.36 -9.00
CA LEU A 122 8.58 10.89 -7.78
C LEU A 122 7.69 9.94 -6.99
N SER A 123 6.37 10.10 -7.14
CA SER A 123 5.40 9.27 -6.42
C SER A 123 5.65 7.79 -6.66
N TRP A 124 6.07 7.47 -7.87
CA TRP A 124 6.36 6.09 -8.24
C TRP A 124 7.53 5.54 -7.41
N GLU A 125 8.52 6.39 -7.17
CA GLU A 125 9.68 6.02 -6.37
C GLU A 125 9.31 6.08 -4.88
N ILE A 126 8.52 7.08 -4.52
CA ILE A 126 8.05 7.23 -3.15
C ILE A 126 7.27 5.99 -2.72
N GLN A 127 6.39 5.52 -3.59
CA GLN A 127 5.60 4.33 -3.31
C GLN A 127 6.47 3.12 -3.02
N ALA A 128 7.61 3.05 -3.71
CA ALA A 128 8.54 1.95 -3.52
C ALA A 128 9.17 2.02 -2.13
N ILE A 129 9.72 3.18 -1.81
CA ILE A 129 10.40 3.39 -0.54
C ILE A 129 9.38 3.41 0.61
N THR A 130 8.15 3.72 0.25
CA THR A 130 7.03 3.70 1.15
C THR A 130 6.68 2.25 1.52
N ALA A 131 6.70 1.39 0.51
CA ALA A 131 6.42 -0.03 0.71
C ALA A 131 7.57 -0.71 1.44
N LYS A 132 8.71 -0.04 1.50
CA LYS A 132 9.89 -0.56 2.19
C LYS A 132 9.61 -0.63 3.69
N ALA A 133 9.27 0.52 4.28
CA ALA A 133 8.96 0.58 5.70
C ALA A 133 7.67 -0.19 5.98
N ALA A 134 6.75 -0.12 5.03
CA ALA A 134 5.47 -0.80 5.15
C ALA A 134 5.64 -2.32 5.04
N LYS A 135 6.73 -2.76 4.43
CA LYS A 135 7.05 -4.17 4.36
C LYS A 135 7.40 -4.70 5.74
N THR A 136 8.07 -3.87 6.53
CA THR A 136 8.39 -4.20 7.91
C THR A 136 7.11 -4.42 8.70
N LEU A 137 6.05 -3.74 8.29
CA LEU A 137 4.76 -3.84 8.95
C LEU A 137 4.01 -5.11 8.53
N GLY A 138 4.59 -5.86 7.61
CA GLY A 138 4.04 -7.15 7.18
C GLY A 138 2.86 -6.99 6.22
N PHE A 139 2.07 -5.97 6.43
CA PHE A 139 1.03 -5.58 5.50
C PHE A 139 1.17 -4.09 5.25
N ARG A 140 1.28 -3.71 3.99
CA ARG A 140 1.78 -2.40 3.66
C ARG A 140 0.74 -1.31 3.92
N GLY A 141 -0.53 -1.64 3.66
CA GLY A 141 -1.67 -0.82 4.06
C GLY A 141 -1.45 0.69 3.95
N VAL A 142 -0.93 1.15 2.83
CA VAL A 142 -0.59 2.56 2.70
C VAL A 142 -1.19 3.17 1.42
N SER A 143 -1.58 4.44 1.49
CA SER A 143 -2.40 5.05 0.43
C SER A 143 -1.77 6.30 -0.21
N MET A 144 -2.00 6.44 -1.52
CA MET A 144 -1.49 7.56 -2.33
C MET A 144 -2.54 7.94 -3.38
N GLN A 145 -3.13 9.13 -3.34
CA GLN A 145 -4.07 9.43 -4.41
C GLN A 145 -4.39 10.89 -4.63
N ASP A 146 -4.83 11.12 -5.86
CA ASP A 146 -5.40 12.37 -6.36
C ASP A 146 -6.77 12.61 -5.75
N GLU A 147 -7.56 13.46 -6.42
CA GLU A 147 -8.91 13.80 -5.98
C GLU A 147 -9.76 12.58 -5.60
N GLN A 148 -9.56 11.43 -6.27
CA GLN A 148 -10.34 10.22 -5.98
C GLN A 148 -9.99 9.71 -4.57
N GLY A 149 -8.82 10.09 -4.13
CA GLY A 149 -8.47 10.10 -2.73
C GLY A 149 -7.76 8.87 -2.19
N THR A 150 -8.01 7.66 -2.70
CA THR A 150 -7.18 6.55 -2.26
C THR A 150 -6.59 5.66 -3.36
N CYS A 151 -5.28 5.40 -3.26
CA CYS A 151 -4.63 4.28 -3.95
C CYS A 151 -3.76 3.52 -2.97
N TYR A 152 -4.04 2.25 -2.77
CA TYR A 152 -3.34 1.46 -1.76
C TYR A 152 -2.22 0.62 -2.35
N MET A 153 -1.06 0.68 -1.72
CA MET A 153 0.07 -0.19 -2.04
C MET A 153 0.15 -1.33 -1.02
N ILE A 154 -0.18 -2.54 -1.45
CA ILE A 154 0.05 -3.73 -0.63
C ILE A 154 0.57 -4.84 -1.51
N ASP A 155 1.19 -5.80 -0.89
CA ASP A 155 1.79 -6.94 -1.58
C ASP A 155 0.75 -8.05 -1.73
N MET A 156 0.78 -8.72 -2.87
CA MET A 156 -0.20 -9.74 -3.18
C MET A 156 0.26 -11.11 -2.66
N LEU A 157 -0.23 -11.48 -1.48
CA LEU A 157 0.08 -12.80 -0.90
C LEU A 157 -0.86 -13.87 -1.46
N GLY A 158 -0.33 -14.75 -2.30
CA GLY A 158 -1.14 -15.82 -2.87
C GLY A 158 -2.10 -15.30 -3.92
N HIS A 159 -1.89 -15.71 -5.18
CA HIS A 159 -2.61 -15.14 -6.30
C HIS A 159 -4.12 -15.21 -6.11
N ASP A 160 -4.65 -16.39 -5.86
CA ASP A 160 -6.08 -16.53 -5.64
C ASP A 160 -6.45 -16.27 -4.19
N ALA A 161 -5.44 -16.24 -3.34
CA ALA A 161 -5.64 -16.30 -1.90
C ALA A 161 -6.34 -15.06 -1.36
N GLU A 162 -5.75 -13.90 -1.54
CA GLU A 162 -6.34 -12.66 -1.06
C GLU A 162 -7.26 -12.06 -2.11
N LEU A 163 -7.03 -12.45 -3.36
CA LEU A 163 -7.74 -11.87 -4.47
C LEU A 163 -9.07 -12.53 -4.75
N VAL A 164 -10.09 -11.71 -4.76
CA VAL A 164 -11.39 -12.13 -5.22
C VAL A 164 -11.80 -11.25 -6.38
N ARG A 165 -11.79 -11.80 -7.58
CA ARG A 165 -12.12 -11.02 -8.76
C ARG A 165 -13.53 -10.51 -8.68
N VAL A 166 -13.66 -9.22 -8.85
CA VAL A 166 -14.96 -8.58 -8.84
C VAL A 166 -15.21 -7.85 -10.15
N LYS A 167 -14.73 -8.47 -11.22
CA LYS A 167 -15.07 -8.05 -12.58
C LYS A 167 -16.58 -7.98 -12.73
N GLY A 1 4.01 -23.87 22.61
CA GLY A 1 3.18 -23.49 21.44
C GLY A 1 3.82 -22.39 20.62
N SER A 2 4.94 -22.72 19.99
CA SER A 2 5.66 -21.75 19.16
C SER A 2 5.79 -22.28 17.74
N HIS A 3 6.60 -21.59 16.92
CA HIS A 3 6.74 -21.94 15.51
C HIS A 3 5.39 -21.81 14.82
N MET A 4 4.66 -20.77 15.21
CA MET A 4 3.31 -20.56 14.72
C MET A 4 3.32 -20.08 13.28
N ALA A 5 4.42 -19.48 12.87
CA ALA A 5 4.60 -19.03 11.50
C ALA A 5 4.81 -20.20 10.56
N SER A 6 5.02 -21.37 11.15
CA SER A 6 5.13 -22.61 10.38
C SER A 6 3.75 -23.22 10.16
N MET A 7 2.76 -22.62 10.81
CA MET A 7 1.39 -23.09 10.71
C MET A 7 0.56 -22.13 9.88
N THR A 8 0.12 -22.58 8.72
CA THR A 8 -0.70 -21.75 7.85
C THR A 8 -2.17 -21.87 8.25
N GLY A 9 -3.01 -21.00 7.70
CA GLY A 9 -4.41 -21.05 8.02
C GLY A 9 -4.99 -19.68 8.29
N GLY A 10 -5.75 -19.55 9.38
CA GLY A 10 -6.34 -18.28 9.75
C GLY A 10 -5.32 -17.34 10.35
N GLN A 11 -4.29 -17.03 9.58
CA GLN A 11 -3.17 -16.21 10.04
C GLN A 11 -3.56 -14.74 10.07
N GLN A 12 -4.55 -14.39 9.27
CA GLN A 12 -4.99 -13.01 9.15
C GLN A 12 -6.24 -12.79 9.99
N MET A 13 -6.25 -11.73 10.79
CA MET A 13 -7.34 -11.46 11.72
C MET A 13 -8.40 -10.53 11.11
N GLY A 14 -9.63 -11.04 11.02
CA GLY A 14 -10.76 -10.24 10.57
C GLY A 14 -10.60 -9.67 9.19
N ARG A 15 -11.08 -10.40 8.20
CA ARG A 15 -10.89 -10.00 6.81
C ARG A 15 -12.05 -9.20 6.25
N MET A 16 -11.70 -8.37 5.30
CA MET A 16 -12.67 -7.65 4.50
C MET A 16 -12.41 -7.92 3.03
N GLU A 17 -13.40 -7.67 2.21
CA GLU A 17 -13.28 -7.85 0.77
C GLU A 17 -13.03 -6.51 0.12
N ILE A 18 -11.83 -6.32 -0.41
CA ILE A 18 -11.45 -5.03 -0.96
C ILE A 18 -11.34 -5.07 -2.47
N PHE A 19 -11.56 -3.93 -3.10
CA PHE A 19 -11.63 -3.87 -4.54
C PHE A 19 -10.91 -2.64 -5.09
N HIS A 20 -10.22 -2.82 -6.22
CA HIS A 20 -9.54 -1.72 -6.91
C HIS A 20 -9.51 -2.00 -8.41
N THR A 21 -9.63 -0.95 -9.19
CA THR A 21 -9.61 -1.06 -10.64
C THR A 21 -8.24 -0.73 -11.23
N SER A 22 -7.78 -1.60 -12.10
CA SER A 22 -6.57 -1.34 -12.87
C SER A 22 -6.85 -1.69 -14.32
N PRO A 23 -6.05 -1.20 -15.29
CA PRO A 23 -6.22 -1.55 -16.70
C PRO A 23 -6.28 -3.05 -16.89
N VAL A 24 -6.78 -3.51 -18.02
CA VAL A 24 -7.41 -4.81 -18.04
C VAL A 24 -6.51 -5.91 -18.56
N GLU A 25 -6.54 -6.98 -17.81
CA GLU A 25 -5.72 -8.14 -18.05
C GLU A 25 -6.59 -9.40 -18.14
N ILE A 26 -6.03 -10.47 -18.67
CA ILE A 26 -6.67 -11.76 -18.49
C ILE A 26 -5.86 -12.55 -17.49
N THR A 27 -6.16 -12.27 -16.22
CA THR A 27 -5.45 -12.82 -15.08
C THR A 27 -6.17 -12.34 -13.83
N THR A 28 -5.64 -12.65 -12.65
CA THR A 28 -6.05 -11.92 -11.47
C THR A 28 -4.86 -11.68 -10.53
N ILE A 29 -4.07 -10.66 -10.88
CA ILE A 29 -2.96 -10.13 -10.07
C ILE A 29 -2.40 -8.89 -10.80
N ASN A 30 -2.49 -7.71 -10.18
CA ASN A 30 -2.06 -6.48 -10.85
C ASN A 30 -0.53 -6.41 -10.92
N THR A 31 0.12 -6.20 -9.77
CA THR A 31 1.59 -6.30 -9.65
C THR A 31 2.35 -5.59 -10.80
N GLN A 32 1.81 -4.48 -11.28
CA GLN A 32 2.32 -3.87 -12.50
C GLN A 32 2.91 -2.49 -12.25
N GLY A 33 3.28 -2.20 -11.01
CA GLY A 33 3.80 -0.89 -10.69
C GLY A 33 5.29 -0.89 -10.42
N ARG A 34 5.84 0.30 -10.15
CA ARG A 34 7.25 0.48 -9.84
C ARG A 34 7.64 -0.39 -8.64
N PHE A 35 6.69 -0.55 -7.75
CA PHE A 35 6.87 -1.30 -6.52
C PHE A 35 7.05 -2.79 -6.80
N GLY A 36 6.53 -3.22 -7.94
CA GLY A 36 6.58 -4.62 -8.34
C GLY A 36 5.72 -5.55 -7.50
N GLU A 37 5.28 -5.09 -6.32
CA GLU A 37 4.23 -5.77 -5.59
C GLU A 37 3.02 -4.86 -5.49
N PHE A 38 1.94 -5.17 -6.18
CA PHE A 38 0.80 -4.27 -6.16
C PHE A 38 -0.53 -4.99 -6.18
N LEU A 39 -1.23 -4.82 -5.08
CA LEU A 39 -2.65 -5.09 -4.98
C LEU A 39 -3.25 -3.90 -4.27
N CYS A 40 -4.53 -3.60 -4.46
CA CYS A 40 -5.03 -2.33 -3.96
C CYS A 40 -6.52 -2.38 -3.62
N PHE A 41 -6.90 -1.50 -2.70
CA PHE A 41 -8.29 -1.21 -2.40
C PHE A 41 -8.55 0.26 -2.67
N ALA A 42 -9.63 0.56 -3.35
CA ALA A 42 -9.98 1.95 -3.61
C ALA A 42 -11.33 2.29 -3.01
N ALA A 43 -11.43 3.52 -2.54
CA ALA A 43 -12.67 4.04 -2.00
C ALA A 43 -13.13 5.21 -2.83
N ASP A 44 -14.04 4.92 -3.76
CA ASP A 44 -14.51 5.90 -4.75
C ASP A 44 -15.31 5.16 -5.81
N GLU A 45 -15.97 5.90 -6.68
CA GLU A 45 -16.70 5.32 -7.81
C GLU A 45 -15.73 4.70 -8.82
N TYR A 46 -14.44 4.90 -8.56
CA TYR A 46 -13.34 4.42 -9.39
C TYR A 46 -13.48 2.95 -9.76
N VAL A 47 -14.11 2.19 -8.89
CA VAL A 47 -14.19 0.76 -9.04
C VAL A 47 -15.64 0.29 -8.94
N MET A 48 -16.47 1.10 -8.32
CA MET A 48 -17.80 0.64 -7.95
C MET A 48 -18.72 0.49 -9.16
N THR A 49 -18.38 1.15 -10.27
CA THR A 49 -19.10 0.99 -11.52
C THR A 49 -18.15 0.47 -12.61
N ALA A 50 -17.17 -0.30 -12.18
CA ALA A 50 -16.16 -0.86 -13.09
C ALA A 50 -16.74 -1.86 -14.07
N GLY A 51 -15.97 -2.15 -15.12
CA GLY A 51 -16.37 -3.12 -16.10
C GLY A 51 -15.29 -3.39 -17.13
N ASP A 52 -14.72 -2.33 -17.69
CA ASP A 52 -13.72 -2.46 -18.75
C ASP A 52 -12.33 -2.75 -18.18
N HIS A 53 -12.20 -2.65 -16.87
CA HIS A 53 -10.91 -2.85 -16.21
C HIS A 53 -10.88 -4.19 -15.49
N VAL A 54 -9.78 -4.47 -14.79
CA VAL A 54 -9.70 -5.66 -13.96
C VAL A 54 -9.74 -5.28 -12.48
N THR A 55 -10.92 -5.37 -11.91
CA THR A 55 -11.11 -5.15 -10.49
C THR A 55 -10.86 -6.44 -9.73
N TYR A 56 -10.10 -6.38 -8.65
CA TYR A 56 -9.84 -7.55 -7.82
C TYR A 56 -10.46 -7.37 -6.46
N ARG A 57 -11.21 -8.37 -6.02
CA ARG A 57 -11.80 -8.36 -4.71
C ARG A 57 -11.10 -9.40 -3.83
N ILE A 58 -10.37 -8.94 -2.82
CA ILE A 58 -9.57 -9.85 -2.00
C ILE A 58 -9.95 -9.73 -0.54
N LYS A 59 -9.48 -10.70 0.25
CA LYS A 59 -9.72 -10.68 1.68
C LYS A 59 -8.46 -10.20 2.40
N VAL A 60 -8.61 -9.20 3.24
CA VAL A 60 -7.47 -8.57 3.91
C VAL A 60 -7.89 -8.13 5.32
N ASP A 61 -6.94 -8.09 6.25
CA ASP A 61 -7.24 -7.79 7.65
C ASP A 61 -7.79 -6.37 7.82
N GLU A 62 -8.87 -6.25 8.59
CA GLU A 62 -9.38 -4.94 9.00
C GLU A 62 -8.79 -4.55 10.35
N SER A 63 -8.55 -5.57 11.15
CA SER A 63 -8.22 -5.39 12.56
C SER A 63 -6.72 -5.27 12.78
N ASP A 64 -6.01 -5.00 11.69
CA ASP A 64 -4.56 -4.87 11.73
C ASP A 64 -4.16 -3.40 11.84
N ILE A 65 -5.17 -2.53 11.96
CA ILE A 65 -4.93 -1.09 12.07
C ILE A 65 -4.10 -0.74 13.30
N ILE A 66 -4.05 -1.66 14.25
CA ILE A 66 -3.20 -1.49 15.43
C ILE A 66 -1.74 -1.42 15.00
N MET A 67 -1.39 -2.25 14.03
CA MET A 67 -0.02 -2.32 13.53
C MET A 67 0.36 -1.05 12.79
N ALA A 68 -0.64 -0.40 12.20
CA ALA A 68 -0.43 0.86 11.50
C ALA A 68 0.10 1.92 12.46
N GLY A 69 -0.49 1.99 13.63
CA GLY A 69 -0.05 2.96 14.63
C GLY A 69 1.27 2.57 15.25
N SER A 70 1.65 1.31 15.07
CA SER A 70 2.85 0.79 15.70
C SER A 70 4.11 1.12 14.90
N ILE A 71 3.98 1.37 13.60
CA ILE A 71 5.15 1.68 12.79
C ILE A 71 5.76 3.01 13.20
N PHE A 72 4.95 4.06 13.24
CA PHE A 72 5.42 5.39 13.60
C PHE A 72 5.69 5.46 15.10
N TYR A 73 5.09 4.54 15.83
CA TYR A 73 5.23 4.46 17.28
C TYR A 73 6.70 4.27 17.67
N HIS A 74 7.37 3.30 17.05
CA HIS A 74 8.76 3.01 17.36
C HIS A 74 9.70 3.61 16.30
N GLU A 75 9.11 4.26 15.30
CA GLU A 75 9.86 4.74 14.14
C GLU A 75 10.89 5.81 14.54
N ARG A 76 10.44 6.84 15.25
CA ARG A 76 11.32 7.95 15.57
C ARG A 76 12.33 7.57 16.65
N ALA A 77 11.87 6.86 17.67
CA ALA A 77 12.74 6.48 18.77
C ALA A 77 13.92 5.63 18.29
N ALA A 78 13.62 4.56 17.57
CA ALA A 78 14.64 3.64 17.12
C ALA A 78 15.18 4.00 15.73
N ASP A 79 14.29 3.99 14.75
CA ASP A 79 14.69 3.99 13.33
C ASP A 79 15.05 5.37 12.78
N LEU A 80 14.70 6.45 13.50
CA LEU A 80 14.87 7.83 12.98
C LEU A 80 16.23 8.04 12.29
N SER A 81 17.31 7.65 12.98
CA SER A 81 18.66 7.85 12.45
C SER A 81 18.82 7.12 11.10
N GLY A 82 18.27 5.92 11.01
CA GLY A 82 18.30 5.18 9.77
C GLY A 82 17.32 5.74 8.76
N LEU A 83 16.18 6.19 9.24
CA LEU A 83 15.11 6.73 8.40
C LEU A 83 15.63 7.87 7.54
N VAL A 84 16.25 8.87 8.18
CA VAL A 84 16.73 10.03 7.46
C VAL A 84 17.67 9.63 6.32
N GLU A 85 18.63 8.76 6.61
CA GLU A 85 19.61 8.35 5.62
C GLU A 85 19.02 7.37 4.61
N ARG A 86 17.94 6.70 4.99
CA ARG A 86 17.34 5.69 4.13
C ARG A 86 16.60 6.32 2.96
N VAL A 87 15.45 6.91 3.22
CA VAL A 87 14.56 7.37 2.14
C VAL A 87 15.19 8.55 1.39
N MET A 88 16.13 9.23 2.04
CA MET A 88 16.93 10.26 1.39
C MET A 88 17.63 9.71 0.16
N GLN A 89 18.00 8.43 0.20
CA GLN A 89 18.67 7.81 -0.93
C GLN A 89 17.64 7.17 -1.87
N LEU A 90 16.51 6.76 -1.31
CA LEU A 90 15.42 6.19 -2.08
C LEU A 90 14.86 7.18 -3.10
N THR A 91 14.33 8.30 -2.61
CA THR A 91 13.67 9.26 -3.49
C THR A 91 14.23 10.66 -3.30
N GLY A 92 15.39 10.77 -2.67
CA GLY A 92 16.01 12.07 -2.45
C GLY A 92 15.19 12.94 -1.53
N CYS A 93 14.64 12.33 -0.49
CA CYS A 93 13.79 13.06 0.45
C CYS A 93 14.47 13.17 1.81
N ASP A 94 14.68 14.41 2.25
CA ASP A 94 15.26 14.65 3.57
C ASP A 94 14.29 14.21 4.66
N GLU A 95 14.80 14.09 5.87
CA GLU A 95 14.06 13.49 6.99
C GLU A 95 12.65 14.04 7.13
N ASP A 96 12.50 15.36 7.02
CA ASP A 96 11.20 16.01 7.20
C ASP A 96 10.18 15.44 6.22
N THR A 97 10.54 15.43 4.95
CA THR A 97 9.67 14.91 3.91
C THR A 97 9.53 13.40 4.05
N ALA A 98 10.66 12.74 4.30
CA ALA A 98 10.70 11.31 4.51
C ALA A 98 9.73 10.87 5.61
N GLU A 99 9.66 11.64 6.67
CA GLU A 99 8.82 11.33 7.83
C GLU A 99 7.36 11.11 7.43
N GLU A 100 6.77 12.08 6.76
CA GLU A 100 5.37 11.99 6.36
C GLU A 100 5.16 10.94 5.28
N LEU A 101 6.10 10.90 4.37
CA LEU A 101 6.09 9.95 3.24
C LEU A 101 5.99 8.48 3.69
N ILE A 102 6.49 8.18 4.90
CA ILE A 102 6.47 6.80 5.41
C ILE A 102 5.06 6.22 5.40
N SER A 103 4.09 6.96 5.93
CA SER A 103 2.71 6.49 6.00
C SER A 103 1.86 7.19 4.94
N GLN A 104 2.52 7.90 4.03
CA GLN A 104 1.84 8.68 3.00
C GLN A 104 0.96 9.76 3.62
N ARG A 105 1.55 10.53 4.52
CA ARG A 105 0.86 11.67 5.12
C ARG A 105 0.95 12.89 4.21
N ILE A 106 1.32 12.64 2.96
CA ILE A 106 1.39 13.67 1.94
C ILE A 106 0.06 13.74 1.19
N ASP A 107 -0.46 14.95 1.05
CA ASP A 107 -1.75 15.17 0.42
C ASP A 107 -1.59 15.78 -0.96
N VAL A 108 -2.55 16.61 -1.37
CA VAL A 108 -2.53 17.28 -2.67
C VAL A 108 -1.33 18.23 -2.80
N PHE A 109 -0.61 18.42 -1.70
CA PHE A 109 0.56 19.30 -1.63
C PHE A 109 1.55 19.02 -2.76
N ASN A 110 1.88 17.75 -2.96
CA ASN A 110 2.88 17.32 -3.95
C ASN A 110 2.26 17.36 -5.35
N LEU A 111 0.97 17.07 -5.35
CA LEU A 111 0.15 17.11 -6.57
C LEU A 111 0.08 18.51 -7.18
N ASP A 112 -0.65 18.57 -8.30
CA ASP A 112 -0.76 19.72 -9.25
C ASP A 112 -0.34 21.11 -8.73
N ASP A 113 -0.63 21.44 -7.47
CA ASP A 113 -0.19 22.72 -6.90
C ASP A 113 1.30 22.95 -7.17
N ILE A 114 2.09 21.91 -6.92
CA ILE A 114 3.50 21.90 -7.27
C ILE A 114 3.66 21.13 -8.59
N ASP A 115 4.88 21.08 -9.15
CA ASP A 115 5.12 20.35 -10.39
C ASP A 115 4.84 18.87 -10.21
N ALA A 116 3.59 18.47 -10.37
CA ALA A 116 3.20 17.08 -10.19
C ALA A 116 3.52 16.25 -11.42
N SER A 117 4.46 16.75 -12.23
CA SER A 117 5.01 15.98 -13.32
C SER A 117 6.20 15.16 -12.80
N ASP A 118 7.20 15.86 -12.27
CA ASP A 118 8.37 15.22 -11.69
C ASP A 118 8.04 14.67 -10.32
N ALA A 119 7.24 15.42 -9.57
CA ALA A 119 6.83 15.01 -8.25
C ALA A 119 6.04 13.69 -8.29
N ALA A 120 5.31 13.49 -9.38
CA ALA A 120 4.49 12.29 -9.54
C ALA A 120 5.35 11.06 -9.84
N GLU A 121 6.38 11.24 -10.67
CA GLU A 121 7.23 10.12 -11.02
C GLU A 121 8.05 9.68 -9.81
N LEU A 122 8.48 10.63 -8.99
CA LEU A 122 9.12 10.32 -7.73
C LEU A 122 8.10 9.74 -6.74
N SER A 123 6.89 10.29 -6.77
CA SER A 123 5.82 9.81 -5.91
C SER A 123 5.51 8.35 -6.21
N TRP A 124 5.72 7.94 -7.45
CA TRP A 124 5.50 6.56 -7.86
C TRP A 124 6.49 5.65 -7.12
N GLU A 125 7.68 6.16 -6.86
CA GLU A 125 8.68 5.42 -6.10
C GLU A 125 8.37 5.53 -4.60
N ILE A 126 7.94 6.71 -4.18
CA ILE A 126 7.55 6.94 -2.79
C ILE A 126 6.39 6.02 -2.39
N GLN A 127 5.44 5.88 -3.29
CA GLN A 127 4.29 5.05 -3.07
C GLN A 127 4.69 3.57 -3.06
N ALA A 128 5.83 3.29 -3.67
CA ALA A 128 6.37 1.94 -3.66
C ALA A 128 7.03 1.62 -2.32
N ILE A 129 7.86 2.55 -1.85
CA ILE A 129 8.62 2.33 -0.62
C ILE A 129 7.70 2.35 0.61
N THR A 130 6.66 3.17 0.55
CA THR A 130 5.71 3.27 1.66
C THR A 130 4.99 1.94 1.87
N ALA A 131 4.64 1.27 0.77
CA ALA A 131 3.93 0.00 0.82
C ALA A 131 4.82 -1.08 1.41
N LYS A 132 6.06 -1.17 0.90
CA LYS A 132 7.00 -2.19 1.35
C LYS A 132 7.22 -2.14 2.86
N ALA A 133 7.31 -0.93 3.40
CA ALA A 133 7.56 -0.75 4.82
C ALA A 133 6.37 -1.20 5.66
N ALA A 134 5.26 -0.49 5.52
CA ALA A 134 4.11 -0.69 6.40
C ALA A 134 3.47 -2.07 6.22
N LYS A 135 3.57 -2.62 5.02
CA LYS A 135 2.98 -3.93 4.74
C LYS A 135 3.72 -5.05 5.49
N THR A 136 5.03 -4.94 5.52
CA THR A 136 5.87 -5.97 6.14
C THR A 136 5.58 -6.13 7.63
N LEU A 137 5.16 -5.03 8.27
CA LEU A 137 4.84 -5.06 9.69
C LEU A 137 3.58 -5.90 9.98
N GLY A 138 2.71 -6.03 8.98
CA GLY A 138 1.49 -6.80 9.17
C GLY A 138 0.26 -5.93 9.11
N PHE A 139 0.25 -5.01 8.16
CA PHE A 139 -0.86 -4.08 7.97
C PHE A 139 -1.25 -4.09 6.49
N ARG A 140 -2.29 -3.33 6.11
CA ARG A 140 -2.64 -3.17 4.69
C ARG A 140 -1.41 -2.62 3.98
N GLY A 141 -0.63 -1.92 4.78
CA GLY A 141 0.69 -1.48 4.45
C GLY A 141 0.79 -0.28 3.53
N VAL A 142 -0.30 0.29 3.06
CA VAL A 142 -0.28 1.70 2.73
C VAL A 142 -1.69 2.29 2.57
N SER A 143 -1.79 3.61 2.62
CA SER A 143 -3.03 4.31 2.34
C SER A 143 -2.76 5.58 1.53
N MET A 144 -3.52 5.73 0.46
CA MET A 144 -3.49 6.94 -0.36
C MET A 144 -4.59 7.85 0.13
N GLN A 145 -4.89 8.90 -0.61
CA GLN A 145 -5.57 10.08 -0.08
C GLN A 145 -6.96 9.73 0.42
N ASP A 146 -7.53 10.59 1.27
CA ASP A 146 -8.76 10.32 2.03
C ASP A 146 -9.95 9.92 1.14
N GLU A 147 -11.15 9.89 1.73
CA GLU A 147 -12.34 9.38 1.04
C GLU A 147 -12.53 9.97 -0.37
N GLN A 148 -11.87 11.09 -0.61
CA GLN A 148 -11.79 11.69 -1.94
C GLN A 148 -10.98 10.83 -2.93
N GLY A 149 -11.06 9.50 -2.81
CA GLY A 149 -10.31 8.65 -3.71
C GLY A 149 -9.25 7.80 -3.03
N THR A 150 -9.54 7.31 -1.82
CA THR A 150 -8.57 6.54 -1.06
C THR A 150 -8.12 5.30 -1.80
N CYS A 151 -6.85 4.95 -1.62
CA CYS A 151 -6.33 3.74 -2.21
C CYS A 151 -5.34 3.08 -1.27
N TYR A 152 -5.64 1.86 -0.87
CA TYR A 152 -4.79 1.13 0.04
C TYR A 152 -4.06 0.04 -0.74
N MET A 153 -2.76 0.15 -0.83
CA MET A 153 -1.98 -0.83 -1.56
C MET A 153 -1.56 -1.95 -0.64
N ILE A 154 -1.90 -3.16 -1.02
CA ILE A 154 -1.51 -4.34 -0.29
C ILE A 154 -0.58 -5.18 -1.16
N ASP A 155 0.15 -6.05 -0.52
CA ASP A 155 1.00 -6.99 -1.21
C ASP A 155 0.18 -8.25 -1.49
N MET A 156 0.22 -8.75 -2.73
CA MET A 156 -0.55 -9.94 -3.06
C MET A 156 0.13 -11.17 -2.46
N LEU A 157 -0.25 -11.47 -1.23
CA LEU A 157 0.31 -12.58 -0.46
C LEU A 157 0.17 -13.91 -1.20
N GLY A 158 0.98 -14.89 -0.77
CA GLY A 158 0.91 -16.24 -1.34
C GLY A 158 -0.40 -16.94 -1.05
N HIS A 159 -1.29 -16.19 -0.40
CA HIS A 159 -2.67 -16.59 -0.18
C HIS A 159 -3.52 -16.22 -1.39
N ASP A 160 -2.86 -16.14 -2.55
CA ASP A 160 -3.44 -15.74 -3.86
C ASP A 160 -4.91 -16.13 -4.05
N ALA A 161 -5.36 -17.19 -3.40
CA ALA A 161 -6.76 -17.61 -3.45
C ALA A 161 -7.73 -16.45 -3.14
N GLU A 162 -7.26 -15.48 -2.37
CA GLU A 162 -8.06 -14.30 -2.03
C GLU A 162 -8.48 -13.56 -3.29
N LEU A 163 -7.54 -13.41 -4.21
CA LEU A 163 -7.79 -12.75 -5.47
C LEU A 163 -8.92 -13.41 -6.26
N VAL A 164 -9.88 -12.59 -6.62
CA VAL A 164 -10.92 -12.97 -7.56
C VAL A 164 -11.37 -11.74 -8.32
N ARG A 165 -11.25 -11.77 -9.64
CA ARG A 165 -11.61 -10.62 -10.45
C ARG A 165 -13.10 -10.37 -10.39
N VAL A 166 -13.45 -9.11 -10.24
CA VAL A 166 -14.84 -8.71 -10.20
C VAL A 166 -15.16 -7.74 -11.34
N LYS A 167 -14.29 -7.74 -12.36
CA LYS A 167 -14.54 -6.99 -13.59
C LYS A 167 -14.38 -5.49 -13.33
#